data_4DWS
#
_entry.id   4DWS
#
_cell.length_a   60.505
_cell.length_b   210.556
_cell.length_c   92.584
_cell.angle_alpha   90.000
_cell.angle_beta   95.270
_cell.angle_gamma   90.000
#
_symmetry.space_group_name_H-M   'P 1 21 1'
#
loop_
_entity.id
_entity.type
_entity.pdbx_description
1 polymer Chi2
2 polymer Chi2
3 polymer Chi2
4 polymer Chi2
5 non-polymer GLYCEROL
6 water water
#
loop_
_entity_poly.entity_id
_entity_poly.type
_entity_poly.pdbx_seq_one_letter_code
_entity_poly.pdbx_strand_id
1 'polypeptide(L)'
;GSGAV(MLY)PTENIPSPILVEDKYTEETYSRPDVNFKEDGSQGNLSYTATRVCAPMYNHYVGDKTKPKLSAYITDWCQY
DARLDGGGSKEEERGRGFDLATLMQNPATYDRLIFSFLGICGDIGN(MLY)SKKVQEVWDGWNAQAPSLGLPQIGKGHIV
PLDPYGDLGTARNVGLPPESADTSIESGTFLPYYQQNRAAGLLGGLRELQ(MLY)KAHAMGHKLDLAFSIGGWSLSSYFS
ALAENPDERRVFVASVVDFFVRFPMFSCVDIDWEYPGGGGDEGNISSD(M3L)DGENYVLLIKELRSALDSRFGYSNR
(M3L)EISIACSGV(MLY)A(MLY)LK(MLZ)SNIDQLVANGLDNIYLMSYDFFGTIWADYIGHHTNLYSPKDPGEQELF
DLSAEAAIDYLHNELGIPMEKIHLGYANYGRSAVGGDLTTRQYT(M3L)NGPALGTMENGAPEFFDIV(MLZ)NYMDAEH
SLSMGKNGFVLMTDTNADADFLFSEA(MLY)GHFISLDTPRTV(MLY)QKGEYAAKNKLGGVFSWSGDQDCGLLANAARE
GLGYVADSNQETIDMGPLYNPG(M3L)EIYL(MLZ)SISEIKSK
;
A
2 'polypeptide(L)'
;GSGAVKPTENIPSPILVEDKYTEETYSRPDVNFKEDGSQGNLSYTATRVCAPMYNHYVGDKT(M3L)PKLSAYITDWCQY
DARLDGGGSKEEERGRGFDLATLMQNPATYDRLIFSFLGICGDIGN(MLY)SKKVQEVWDGWNAQAPSLGLPQIG(MLY)
GHIVPLDPYGDLGTARNVGLPPESADTSIESGTFLPYYQQNRAAGLLGGLRELQKKAHAMGHKLDLAFSIGGWSLSSYFS
ALAENPDERRVFVASVVDFFVRFPMFSCVDIDWEYPGGGGDEGNISSD(MLY)DGENYVLLI(MLY)ELRSALDSRFGYS
NR(MLY)EISIACSGV(M3L)A(MLY)LK(MLZ)SNIDQLVANGLDNIYLMSYDFFGTIWADYIGHHTNLYSPKDPGEQE
LFDLSAEAAIDYLHNELGIPME(M3L)IHLGYANYGRSAVGGDLTTRQYT(MLY)NGPALGTMENGAPEFFDIVKNYMDA
EHSLSMGKNGFVLMTDTNADADFLFSEAKGHFISLDTPRTVKQKGEYAAKNKLGGVFSWSGDQDCGLLANAAREGLGYVA
DSNQETIDMGPLYNPGKEIYLKSISEIKSK
;
B
3 'polypeptide(L)'
;GSGAVKPTENIPSPILVEDKYTEETYSRPDVNF(MLY)EDGSQGNLSYTATRVCAPMYNHYVGDKT(MLZ)PKLSAYITD
WCQYDARLDGGGSKEEERGRGFDLATLMQNPATYDRLIFSFLGICGDIGN(MLY)SK(MLY)VQEVWDGWNAQAPSLGLP
QIGKGHIVPLDPYGDLGTARNVGLPPESADTSIESGTFLPYYQQNRAAGLLGGLRELQKKAHAMGHKLDLAFSIGGWSLS
SYFSALAENPDERRVFVASVVDFFVRFPMFSCVDIDWEYPGGGGDEGNISSD(MLY)DGENYVLLIKELRSALDSRFGYS
NR(MLY)EISIACSGV(M3L)A(MLY)LKKSNIDQLVANGLDNIYLMSYDFFGTIWADYIGHHTNLYSPKDPGEQELFDL
SAEAAIDYLHNELGIPME(M3L)IHLGYANYGRSAVGGDLTTRQYT(M3L)NGPALGTMENGAPEFFDIV(MLY)NYMDA
EHSLSMGKNGFVLMTDTNADADFLFSEA(MLY)GHFISLDTPRTVKQKGEYAAKNKLGGVFSWSGDQDCGLLANAAREGL
GYVADSNQETIDMGPLYNPG(MLZ)EIYLKSISEIKSK
;
C
4 'polypeptide(L)'
;GSGAVKPTENIPSPILVEDKYTEETYSRPDVNFKEDGSQGNLSYTATRVCAPMYNHYVGDKTKPKLSAYITDWCQYDARL
DGGGSKEEERGRGFDLATLMQNPATYDRLIFSFLGICGDIGN(MLY)SKKVQEVWDGWNAQAPSLGLPQIG(MLZ)GHIV
PLDPYGDLGTARNVGLPPESADTSIESGTFLPYYQQNRAAGLLGGLRELQKKAHAMGHKLDLAFSIGGWSLSSYFSALAE
NPDERRVFVASVVDFFVRFPMFSCVDIDWEYPGGGGDEGNISSDKDGENYVLLIKELRSALDSRFGYSNR(MLY)EISIA
CSGV(M3L)A(MLY)LKKSNIDQLVANGLDNIYLMSYDFFGTIWADYIGHHTNLYSPKDPGEQELFDLSAEAAIDYLHNE
LGIPME(M3L)IHLGYANYGRSAVGGDLTTRQYT(M3L)NGPALGTMENGAPEFFDIVKNYMDAEHSLSMGKNGFVLMTD
TNADADFLFSEAKGHFISLDTPRTVKQKGEYAAKNKLGGVFSWSGDQDCGLLANAAREGLGYVADSNQETIDMGPLYNPG
KEIYLKSISEIKSK
;
D
#
loop_
_chem_comp.id
_chem_comp.type
_chem_comp.name
_chem_comp.formula
GOL non-polymer GLYCEROL 'C3 H8 O3'
#
# COMPACT_ATOMS: atom_id res chain seq x y z
N GLY A 3 -46.07 -15.92 -50.69
CA GLY A 3 -46.12 -14.38 -50.76
C GLY A 3 -45.15 -13.88 -49.65
N ALA A 4 -44.38 -12.83 -49.90
CA ALA A 4 -43.41 -12.23 -48.89
C ALA A 4 -44.31 -11.49 -47.90
N VAL A 5 -44.10 -11.65 -46.62
CA VAL A 5 -45.07 -11.11 -45.63
C VAL A 5 -44.61 -9.79 -45.06
N MLY A 6 -45.53 -8.90 -44.83
CA MLY A 6 -45.30 -7.55 -44.32
CB MLY A 6 -46.00 -6.59 -45.27
CG MLY A 6 -45.80 -5.11 -45.07
CD MLY A 6 -46.68 -4.21 -45.94
CE MLY A 6 -46.85 -2.93 -45.14
NZ MLY A 6 -47.48 -1.85 -45.87
CH1 MLY A 6 -48.49 -2.09 -46.91
CH2 MLY A 6 -47.11 -0.50 -45.47
C MLY A 6 -46.07 -7.51 -43.02
O MLY A 6 -47.18 -8.08 -42.93
N PRO A 7 -45.54 -6.84 -42.02
CA PRO A 7 -46.41 -6.72 -40.80
C PRO A 7 -47.66 -5.86 -41.03
N THR A 8 -48.73 -6.11 -40.26
CA THR A 8 -49.92 -5.27 -40.40
C THR A 8 -49.70 -3.88 -39.79
N GLU A 9 -50.40 -2.85 -40.30
CA GLU A 9 -50.35 -1.54 -39.71
C GLU A 9 -51.00 -1.52 -38.34
N ASN A 10 -52.10 -2.29 -38.21
CA ASN A 10 -52.86 -2.41 -36.98
C ASN A 10 -52.31 -3.50 -36.07
N ILE A 11 -52.67 -3.42 -34.79
CA ILE A 11 -52.30 -4.43 -33.77
C ILE A 11 -53.57 -5.26 -33.50
N PRO A 12 -53.71 -6.47 -34.08
CA PRO A 12 -55.01 -7.12 -33.87
C PRO A 12 -55.17 -7.59 -32.40
N SER A 13 -54.05 -7.94 -31.75
CA SER A 13 -54.10 -8.56 -30.39
C SER A 13 -53.03 -7.88 -29.53
N PRO A 14 -53.37 -6.85 -28.77
CA PRO A 14 -52.37 -6.04 -28.04
C PRO A 14 -51.66 -6.89 -27.01
N ILE A 15 -50.34 -6.79 -26.98
CA ILE A 15 -49.54 -7.48 -25.99
C ILE A 15 -49.04 -6.47 -24.95
N LEU A 16 -48.54 -5.33 -25.41
CA LEU A 16 -47.88 -4.45 -24.47
C LEU A 16 -48.83 -3.53 -23.77
N VAL A 17 -48.50 -3.29 -22.51
CA VAL A 17 -49.37 -2.53 -21.58
C VAL A 17 -48.47 -1.50 -20.91
N GLU A 18 -48.95 -0.27 -20.76
CA GLU A 18 -48.12 0.76 -20.16
C GLU A 18 -47.86 0.45 -18.69
N ASP A 19 -46.62 0.62 -18.22
CA ASP A 19 -46.27 0.35 -16.80
C ASP A 19 -45.45 1.49 -16.33
N LYS A 20 -46.07 2.43 -15.60
CA LYS A 20 -45.39 3.64 -15.13
C LYS A 20 -44.11 3.30 -14.40
N TYR A 21 -44.14 2.29 -13.52
CA TYR A 21 -42.93 2.01 -12.76
C TYR A 21 -41.75 1.56 -13.62
N THR A 22 -42.03 0.73 -14.59
CA THR A 22 -40.96 0.30 -15.52
C THR A 22 -40.35 1.53 -16.22
N GLU A 23 -41.21 2.34 -16.77
CA GLU A 23 -40.76 3.51 -17.53
C GLU A 23 -39.99 4.50 -16.71
N GLU A 24 -40.46 4.73 -15.48
CA GLU A 24 -39.71 5.58 -14.56
C GLU A 24 -38.36 5.05 -14.24
N THR A 25 -38.25 3.71 -14.11
CA THR A 25 -36.96 3.15 -13.84
C THR A 25 -35.95 3.35 -14.95
N TYR A 26 -36.37 3.19 -16.20
CA TYR A 26 -35.46 3.39 -17.33
C TYR A 26 -34.75 4.72 -17.22
N SER A 27 -35.43 5.75 -16.72
CA SER A 27 -34.90 7.13 -16.75
C SER A 27 -34.00 7.47 -15.59
N ARG A 28 -33.96 6.61 -14.57
CA ARG A 28 -33.13 6.85 -13.44
C ARG A 28 -31.64 7.01 -13.81
N PRO A 29 -30.92 7.84 -13.02
CA PRO A 29 -29.55 8.14 -13.43
C PRO A 29 -28.61 6.97 -13.31
N ASP A 30 -28.98 5.96 -12.53
CA ASP A 30 -28.13 4.80 -12.37
C ASP A 30 -28.56 3.67 -13.32
N VAL A 31 -29.49 3.98 -14.21
CA VAL A 31 -30.06 2.96 -15.14
C VAL A 31 -29.83 3.42 -16.61
N ASN A 32 -30.35 4.61 -16.94
CA ASN A 32 -30.31 5.17 -18.31
C ASN A 32 -30.59 4.13 -19.42
N PHE A 33 -31.71 3.39 -19.28
CA PHE A 33 -32.01 2.36 -20.26
C PHE A 33 -32.74 2.95 -21.46
N LYS A 34 -32.12 2.81 -22.63
CA LYS A 34 -32.77 3.21 -23.87
C LYS A 34 -33.11 1.91 -24.62
N GLU A 35 -34.31 1.90 -25.22
CA GLU A 35 -34.92 0.66 -25.67
C GLU A 35 -34.18 0.03 -26.82
N ASP A 36 -33.29 0.79 -27.48
CA ASP A 36 -32.47 0.20 -28.57
C ASP A 36 -31.13 -0.41 -28.02
N GLY A 37 -30.96 -0.42 -26.68
CA GLY A 37 -29.79 -1.00 -26.04
C GLY A 37 -28.55 -0.15 -26.17
N SER A 38 -28.71 1.11 -26.60
CA SER A 38 -27.51 1.87 -26.90
C SER A 38 -26.85 2.46 -25.65
N GLN A 39 -27.59 2.54 -24.55
CA GLN A 39 -27.06 3.19 -23.31
C GLN A 39 -26.83 2.15 -22.16
N GLY A 40 -27.54 2.31 -21.03
CA GLY A 40 -27.37 1.33 -19.92
C GLY A 40 -27.82 -0.03 -20.40
N ASN A 41 -27.14 -1.07 -19.89
CA ASN A 41 -27.40 -2.43 -20.44
C ASN A 41 -28.50 -3.19 -19.68
N LEU A 42 -28.92 -2.69 -18.52
CA LEU A 42 -30.03 -3.39 -17.76
C LEU A 42 -31.30 -2.57 -17.74
N SER A 43 -32.45 -3.20 -18.05
CA SER A 43 -33.70 -2.48 -18.19
C SER A 43 -34.48 -2.44 -16.82
N TYR A 44 -34.33 -3.51 -16.05
CA TYR A 44 -35.14 -3.83 -14.85
C TYR A 44 -36.62 -3.91 -15.14
N THR A 45 -37.01 -4.20 -16.39
CA THR A 45 -38.41 -4.21 -16.76
C THR A 45 -39.20 -5.16 -15.86
N ALA A 46 -40.38 -4.73 -15.43
CA ALA A 46 -41.37 -5.64 -14.76
C ALA A 46 -42.21 -6.44 -15.72
N THR A 47 -42.74 -7.59 -15.27
CA THR A 47 -43.58 -8.40 -16.15
C THR A 47 -44.91 -7.71 -16.50
N ARG A 48 -45.26 -6.66 -15.77
CA ARG A 48 -46.53 -5.96 -16.00
C ARG A 48 -46.66 -5.34 -17.39
N VAL A 49 -45.51 -5.15 -18.05
CA VAL A 49 -45.51 -4.65 -19.44
C VAL A 49 -46.23 -5.53 -20.44
N CYS A 50 -46.41 -6.82 -20.12
CA CYS A 50 -47.19 -7.67 -21.03
C CYS A 50 -48.50 -8.09 -20.47
N ALA A 51 -49.53 -8.05 -21.31
CA ALA A 51 -50.84 -8.59 -21.01
C ALA A 51 -50.77 -10.13 -21.08
N PRO A 52 -51.72 -10.85 -20.41
CA PRO A 52 -51.72 -12.31 -20.53
C PRO A 52 -52.23 -12.70 -21.93
N MET A 53 -51.38 -13.41 -22.65
CA MET A 53 -51.67 -13.74 -24.03
C MET A 53 -52.14 -15.20 -24.23
N TYR A 54 -52.41 -15.94 -23.12
CA TYR A 54 -52.72 -17.37 -23.25
C TYR A 54 -53.97 -17.63 -24.09
N ASN A 55 -53.84 -18.54 -25.04
CA ASN A 55 -55.02 -19.08 -25.75
C ASN A 55 -55.49 -20.25 -24.93
N HIS A 56 -56.71 -20.70 -25.20
CA HIS A 56 -57.25 -21.90 -24.50
C HIS A 56 -57.31 -23.08 -25.46
N TYR A 57 -56.61 -24.17 -25.09
CA TYR A 57 -56.51 -25.38 -25.91
C TYR A 57 -57.33 -26.51 -25.32
N VAL A 58 -57.92 -27.27 -26.26
CA VAL A 58 -58.68 -28.49 -25.95
C VAL A 58 -57.75 -29.54 -25.34
N GLY A 59 -58.20 -30.16 -24.24
CA GLY A 59 -57.42 -31.20 -23.62
C GLY A 59 -57.32 -32.37 -24.61
N ASP A 60 -56.26 -33.19 -24.46
CA ASP A 60 -55.98 -34.35 -25.33
C ASP A 60 -54.98 -35.19 -24.55
N LYS A 61 -55.49 -36.30 -23.99
CA LYS A 61 -54.71 -37.18 -23.14
C LYS A 61 -53.58 -37.88 -23.88
N THR A 62 -53.60 -37.88 -25.22
CA THR A 62 -52.62 -38.64 -26.00
C THR A 62 -51.38 -37.81 -26.34
N LYS A 63 -51.43 -36.50 -26.03
CA LYS A 63 -50.32 -35.59 -26.40
C LYS A 63 -49.36 -35.40 -25.21
N PRO A 64 -48.06 -35.07 -25.51
CA PRO A 64 -47.13 -34.77 -24.41
C PRO A 64 -47.61 -33.59 -23.57
N LYS A 65 -47.11 -33.49 -22.35
CA LYS A 65 -47.57 -32.51 -21.36
C LYS A 65 -46.81 -31.18 -21.53
N LEU A 66 -47.41 -30.09 -21.08
CA LEU A 66 -46.76 -28.79 -20.95
C LEU A 66 -46.64 -28.46 -19.43
N SER A 67 -45.40 -28.33 -18.97
CA SER A 67 -45.05 -28.03 -17.60
C SER A 67 -44.40 -26.66 -17.57
N ALA A 68 -44.44 -26.05 -16.39
CA ALA A 68 -43.72 -24.76 -16.21
C ALA A 68 -43.19 -24.65 -14.81
N TYR A 69 -41.98 -24.10 -14.68
CA TYR A 69 -41.48 -23.66 -13.32
C TYR A 69 -42.14 -22.35 -12.95
N ILE A 70 -42.38 -22.14 -11.64
CA ILE A 70 -42.73 -20.78 -11.14
C ILE A 70 -41.88 -20.56 -9.89
N THR A 71 -41.15 -19.45 -9.79
CA THR A 71 -40.23 -19.25 -8.68
C THR A 71 -40.99 -18.48 -7.58
N ASP A 72 -40.50 -18.66 -6.37
CA ASP A 72 -41.09 -17.97 -5.27
C ASP A 72 -40.69 -16.50 -5.13
N TRP A 73 -39.69 -16.05 -5.87
CA TRP A 73 -39.29 -14.62 -5.74
C TRP A 73 -39.80 -13.77 -6.91
N CYS A 74 -40.29 -14.39 -7.97
CA CYS A 74 -40.89 -13.52 -9.06
C CYS A 74 -42.08 -12.58 -8.63
N GLN A 75 -42.82 -12.91 -7.55
CA GLN A 75 -43.94 -12.07 -7.12
C GLN A 75 -43.47 -10.68 -6.75
N TYR A 76 -42.22 -10.52 -6.34
CA TYR A 76 -41.86 -9.23 -5.69
C TYR A 76 -41.55 -8.12 -6.71
N ASP A 77 -41.87 -6.89 -6.30
CA ASP A 77 -41.37 -5.69 -7.03
C ASP A 77 -41.66 -4.53 -6.06
N ALA A 78 -40.65 -4.13 -5.31
CA ALA A 78 -40.78 -3.05 -4.33
C ALA A 78 -41.14 -1.71 -4.95
N ARG A 79 -41.06 -1.60 -6.28
CA ARG A 79 -41.55 -0.40 -6.96
C ARG A 79 -43.04 -0.19 -6.70
N LEU A 80 -43.79 -1.27 -6.54
CA LEU A 80 -45.24 -1.16 -6.21
C LEU A 80 -45.50 -0.46 -4.88
N ASP A 81 -44.49 -0.46 -4.01
CA ASP A 81 -44.56 0.25 -2.68
C ASP A 81 -43.81 1.57 -2.62
N GLY A 82 -43.42 2.06 -3.80
CA GLY A 82 -42.70 3.31 -3.91
C GLY A 82 -41.20 3.18 -3.90
N GLY A 83 -40.67 1.96 -4.00
CA GLY A 83 -39.24 1.75 -4.03
C GLY A 83 -38.64 1.90 -5.44
N GLY A 84 -37.35 1.62 -5.57
CA GLY A 84 -36.73 1.55 -6.89
C GLY A 84 -35.47 2.33 -6.99
N SER A 85 -35.16 3.09 -5.95
CA SER A 85 -33.85 3.74 -5.96
C SER A 85 -32.73 2.73 -5.75
N LYS A 86 -32.99 1.61 -5.08
CA LYS A 86 -32.00 0.54 -4.95
C LYS A 86 -32.26 -0.56 -5.99
N GLU A 87 -31.20 -1.18 -6.51
CA GLU A 87 -31.31 -2.29 -7.46
C GLU A 87 -32.28 -3.35 -6.98
N GLU A 88 -32.15 -3.75 -5.73
CA GLU A 88 -32.94 -4.89 -5.23
C GLU A 88 -34.43 -4.60 -5.12
N GLU A 89 -34.79 -3.31 -5.15
CA GLU A 89 -36.19 -2.88 -5.12
C GLU A 89 -36.91 -2.94 -6.48
N ARG A 90 -36.20 -3.33 -7.54
CA ARG A 90 -36.85 -3.42 -8.84
C ARG A 90 -37.08 -4.94 -9.14
N GLY A 91 -38.30 -5.36 -9.02
CA GLY A 91 -38.50 -6.82 -9.15
C GLY A 91 -39.35 -7.13 -10.37
N ARG A 92 -39.53 -8.43 -10.62
CA ARG A 92 -40.34 -8.78 -11.80
C ARG A 92 -41.81 -8.54 -11.59
N GLY A 93 -42.31 -8.72 -10.36
CA GLY A 93 -43.75 -8.52 -10.17
C GLY A 93 -44.69 -9.43 -10.93
N PHE A 94 -44.31 -10.70 -11.08
CA PHE A 94 -45.19 -11.59 -11.78
C PHE A 94 -46.45 -11.89 -10.95
N ASP A 95 -47.60 -11.67 -11.59
CA ASP A 95 -48.87 -11.78 -10.91
C ASP A 95 -49.53 -13.10 -11.26
N LEU A 96 -49.59 -14.00 -10.27
CA LEU A 96 -50.23 -15.33 -10.44
C LEU A 96 -51.70 -15.23 -10.85
N ALA A 97 -52.36 -14.11 -10.53
CA ALA A 97 -53.73 -13.84 -10.98
C ALA A 97 -53.82 -14.00 -12.51
N THR A 98 -52.76 -13.71 -13.22
CA THR A 98 -52.79 -13.95 -14.67
C THR A 98 -53.05 -15.44 -15.02
N LEU A 99 -52.58 -16.36 -14.20
CA LEU A 99 -52.89 -17.78 -14.39
C LEU A 99 -54.21 -18.17 -13.71
N MET A 100 -54.60 -17.52 -12.60
CA MET A 100 -55.95 -17.79 -12.06
C MET A 100 -57.03 -17.54 -13.13
N GLN A 101 -56.82 -16.53 -13.96
CA GLN A 101 -57.73 -16.19 -15.04
C GLN A 101 -57.62 -17.13 -16.26
N ASN A 102 -56.55 -17.93 -16.31
CA ASN A 102 -56.27 -18.89 -17.39
C ASN A 102 -55.78 -20.20 -16.79
N PRO A 103 -56.59 -20.77 -15.88
CA PRO A 103 -56.09 -21.80 -15.01
C PRO A 103 -55.77 -23.16 -15.68
N ALA A 104 -56.20 -23.36 -16.93
CA ALA A 104 -55.80 -24.58 -17.66
C ALA A 104 -54.53 -24.42 -18.51
N THR A 105 -53.86 -23.26 -18.42
CA THR A 105 -52.69 -23.06 -19.29
C THR A 105 -51.62 -24.15 -19.22
N TYR A 106 -51.28 -24.61 -18.02
CA TYR A 106 -50.21 -25.60 -17.86
C TYR A 106 -50.83 -26.90 -17.29
N ASP A 107 -50.23 -28.00 -17.69
CA ASP A 107 -50.61 -29.32 -17.17
C ASP A 107 -49.94 -29.55 -15.82
N ARG A 108 -48.81 -28.91 -15.57
CA ARG A 108 -48.06 -29.06 -14.29
C ARG A 108 -47.31 -27.75 -13.98
N LEU A 109 -47.35 -27.29 -12.73
CA LEU A 109 -46.57 -26.13 -12.33
C LEU A 109 -45.60 -26.63 -11.25
N ILE A 110 -44.34 -26.18 -11.32
CA ILE A 110 -43.30 -26.67 -10.43
C ILE A 110 -42.89 -25.48 -9.52
N PHE A 111 -43.41 -25.49 -8.30
CA PHE A 111 -42.97 -24.58 -7.26
C PHE A 111 -41.45 -24.66 -7.07
N SER A 112 -40.77 -23.51 -7.06
CA SER A 112 -39.32 -23.59 -6.96
C SER A 112 -38.75 -22.37 -6.22
N PHE A 113 -37.65 -22.51 -5.46
CA PHE A 113 -36.97 -23.74 -5.10
C PHE A 113 -36.85 -23.83 -3.59
N LEU A 114 -36.94 -25.08 -3.10
CA LEU A 114 -36.56 -25.36 -1.71
C LEU A 114 -35.03 -25.52 -1.64
N GLY A 115 -34.49 -25.33 -0.43
CA GLY A 115 -33.07 -25.43 -0.15
C GLY A 115 -32.85 -26.60 0.79
N ILE A 116 -31.61 -26.78 1.18
CA ILE A 116 -31.25 -27.94 2.01
C ILE A 116 -30.36 -27.43 3.13
N CYS A 117 -30.72 -27.74 4.37
CA CYS A 117 -29.79 -27.55 5.50
C CYS A 117 -28.41 -28.13 5.18
N GLY A 118 -27.39 -27.31 5.28
CA GLY A 118 -26.09 -27.78 4.84
C GLY A 118 -25.58 -26.90 3.72
N ASP A 119 -26.50 -26.23 3.02
CA ASP A 119 -26.13 -25.32 1.92
C ASP A 119 -24.96 -24.40 2.30
N ILE A 120 -23.97 -24.32 1.43
CA ILE A 120 -22.84 -23.37 1.59
C ILE A 120 -22.67 -22.40 0.41
N GLY A 121 -23.72 -22.17 -0.36
CA GLY A 121 -23.60 -21.25 -1.52
C GLY A 121 -24.01 -19.83 -1.19
N ASN A 122 -24.40 -19.07 -2.20
CA ASN A 122 -24.73 -17.65 -1.97
CA ASN A 122 -24.74 -17.64 -2.02
C ASN A 122 -25.97 -17.35 -1.19
N MLY A 123 -26.88 -18.34 -1.08
CA MLY A 123 -28.10 -18.19 -0.28
CB MLY A 123 -29.32 -18.79 -1.03
CG MLY A 123 -29.57 -17.97 -2.32
CD MLY A 123 -30.90 -18.41 -3.00
CE MLY A 123 -31.10 -17.44 -4.16
NZ MLY A 123 -32.20 -17.85 -5.00
CH1 MLY A 123 -33.02 -16.85 -5.65
CH2 MLY A 123 -32.32 -19.22 -5.50
C MLY A 123 -27.96 -18.95 1.05
N SER A 124 -26.77 -19.32 1.56
CA SER A 124 -26.46 -20.08 2.79
C SER A 124 -26.99 -19.31 4.01
N LYS A 125 -26.80 -17.98 4.06
CA LYS A 125 -27.30 -17.25 5.22
C LYS A 125 -28.79 -17.41 5.36
N LYS A 126 -29.53 -17.30 4.25
CA LYS A 126 -30.96 -17.49 4.31
C LYS A 126 -31.39 -18.93 4.73
N VAL A 127 -30.78 -19.91 4.09
CA VAL A 127 -31.03 -21.30 4.50
C VAL A 127 -30.76 -21.45 6.01
N GLN A 128 -29.63 -20.91 6.47
CA GLN A 128 -29.34 -20.97 7.91
C GLN A 128 -30.40 -20.29 8.75
N GLU A 129 -30.87 -19.15 8.32
CA GLU A 129 -31.88 -18.41 9.06
C GLU A 129 -33.14 -19.25 9.23
N VAL A 130 -33.52 -19.95 8.16
CA VAL A 130 -34.77 -20.71 8.21
C VAL A 130 -34.55 -21.97 9.08
N TRP A 131 -33.42 -22.62 8.92
CA TRP A 131 -33.06 -23.79 9.72
C TRP A 131 -33.11 -23.40 11.21
N ASP A 132 -32.47 -22.26 11.53
CA ASP A 132 -32.43 -21.84 12.94
C ASP A 132 -33.84 -21.56 13.45
N GLY A 133 -34.61 -20.82 12.63
CA GLY A 133 -36.00 -20.53 12.81
C GLY A 133 -36.83 -21.76 13.10
N TRP A 134 -36.76 -22.74 12.21
CA TRP A 134 -37.43 -24.00 12.44
C TRP A 134 -37.05 -24.59 13.83
N ASN A 135 -35.75 -24.70 14.11
CA ASN A 135 -35.31 -25.35 15.37
C ASN A 135 -35.69 -24.55 16.60
N ALA A 136 -35.69 -23.22 16.47
CA ALA A 136 -36.31 -22.39 17.55
C ALA A 136 -37.77 -22.69 17.87
N GLN A 137 -38.58 -23.00 16.86
CA GLN A 137 -40.02 -23.17 17.00
C GLN A 137 -40.41 -24.61 17.35
N ALA A 138 -39.58 -25.56 16.93
CA ALA A 138 -40.00 -26.96 17.00
C ALA A 138 -40.38 -27.46 18.44
N PRO A 139 -39.60 -27.12 19.47
CA PRO A 139 -40.00 -27.66 20.83
C PRO A 139 -41.44 -27.37 21.18
N SER A 140 -41.85 -26.10 20.94
CA SER A 140 -43.17 -25.66 21.39
C SER A 140 -44.27 -26.34 20.57
N LEU A 141 -43.93 -26.91 19.42
CA LEU A 141 -44.93 -27.52 18.56
C LEU A 141 -44.92 -29.04 18.71
N GLY A 142 -44.02 -29.55 19.53
CA GLY A 142 -43.91 -31.02 19.73
C GLY A 142 -43.22 -31.63 18.54
N LEU A 143 -42.34 -30.87 17.89
CA LEU A 143 -41.63 -31.37 16.70
C LEU A 143 -40.14 -31.51 17.03
N PRO A 144 -39.44 -32.39 16.32
CA PRO A 144 -38.02 -32.61 16.69
C PRO A 144 -37.14 -31.59 15.99
N GLN A 145 -35.89 -31.48 16.44
CA GLN A 145 -34.84 -30.69 15.73
C GLN A 145 -34.53 -31.29 14.34
N ILE A 146 -34.16 -30.41 13.39
CA ILE A 146 -33.77 -30.84 12.09
C ILE A 146 -32.33 -30.52 11.90
N GLY A 147 -31.69 -31.26 11.01
CA GLY A 147 -30.26 -31.03 10.75
C GLY A 147 -29.87 -31.16 9.27
N LYS A 148 -28.59 -31.27 8.99
CA LYS A 148 -28.11 -31.33 7.63
C LYS A 148 -28.85 -32.39 6.80
N GLY A 149 -29.20 -31.98 5.59
CA GLY A 149 -29.94 -32.83 4.69
C GLY A 149 -31.41 -32.48 4.63
N HIS A 150 -31.93 -31.76 5.63
CA HIS A 150 -33.40 -31.55 5.66
C HIS A 150 -33.74 -30.42 4.70
N ILE A 151 -34.78 -30.62 3.89
CA ILE A 151 -35.25 -29.50 2.99
C ILE A 151 -35.96 -28.40 3.75
N VAL A 152 -35.79 -27.14 3.29
CA VAL A 152 -36.42 -26.01 3.97
C VAL A 152 -36.86 -25.01 2.90
N PRO A 153 -37.87 -24.19 3.20
CA PRO A 153 -38.28 -23.12 2.27
C PRO A 153 -37.28 -22.01 2.41
N LEU A 154 -37.14 -21.21 1.35
CA LEU A 154 -36.14 -20.18 1.37
C LEU A 154 -36.76 -18.88 1.83
N ASP A 155 -38.06 -18.76 1.78
CA ASP A 155 -38.71 -17.46 1.95
C ASP A 155 -40.09 -17.66 2.56
N PRO A 156 -40.09 -17.88 3.88
CA PRO A 156 -41.33 -18.19 4.56
C PRO A 156 -42.43 -17.15 4.28
N TYR A 157 -42.09 -15.89 4.28
CA TYR A 157 -43.15 -14.91 3.93
C TYR A 157 -43.70 -15.03 2.50
N GLY A 158 -42.80 -15.10 1.50
CA GLY A 158 -43.18 -15.25 0.09
C GLY A 158 -43.89 -16.57 -0.17
N ASP A 159 -43.55 -17.59 0.63
CA ASP A 159 -44.12 -18.91 0.40
C ASP A 159 -45.46 -19.16 1.11
N LEU A 160 -45.67 -18.46 2.24
CA LEU A 160 -46.81 -18.74 3.07
C LEU A 160 -47.59 -17.50 3.57
N GLY A 161 -47.06 -16.28 3.38
CA GLY A 161 -47.63 -15.07 4.03
C GLY A 161 -48.18 -13.99 3.10
N THR A 162 -47.75 -13.97 1.84
CA THR A 162 -48.10 -12.83 0.99
C THR A 162 -49.46 -13.05 0.37
N ALA A 163 -50.02 -11.98 -0.21
CA ALA A 163 -51.22 -12.07 -1.00
C ALA A 163 -51.06 -11.40 -2.40
N ARG A 164 -50.40 -10.26 -2.42
CA ARG A 164 -50.21 -9.54 -3.70
C ARG A 164 -49.41 -10.44 -4.66
N ASN A 165 -49.90 -10.56 -5.87
CA ASN A 165 -49.24 -11.28 -6.97
C ASN A 165 -49.25 -12.79 -6.75
N VAL A 166 -49.90 -13.27 -5.68
CA VAL A 166 -50.07 -14.71 -5.56
C VAL A 166 -51.53 -15.20 -5.69
N GLY A 167 -52.38 -14.31 -6.19
CA GLY A 167 -53.71 -14.73 -6.57
C GLY A 167 -54.66 -14.85 -5.37
N LEU A 168 -54.27 -14.32 -4.22
CA LEU A 168 -55.13 -14.44 -3.03
C LEU A 168 -55.70 -13.06 -2.64
N PRO A 169 -56.84 -13.07 -1.93
CA PRO A 169 -57.36 -11.79 -1.39
C PRO A 169 -56.42 -11.11 -0.41
N PRO A 170 -56.46 -9.76 -0.34
CA PRO A 170 -55.52 -8.96 0.47
C PRO A 170 -55.61 -9.30 1.94
N GLU A 171 -56.80 -9.64 2.43
CA GLU A 171 -56.90 -9.99 3.87
C GLU A 171 -56.16 -11.29 4.17
N SER A 172 -55.86 -12.14 3.17
CA SER A 172 -55.04 -13.34 3.45
C SER A 172 -53.56 -13.04 3.75
N ALA A 173 -53.09 -11.81 3.45
CA ALA A 173 -51.67 -11.50 3.72
C ALA A 173 -51.37 -11.53 5.20
N ASP A 174 -50.22 -12.05 5.58
CA ASP A 174 -49.88 -12.11 7.00
C ASP A 174 -48.42 -11.74 7.19
N THR A 175 -48.17 -10.47 7.57
CA THR A 175 -46.79 -10.03 7.64
C THR A 175 -46.06 -10.47 8.90
N SER A 176 -46.73 -11.24 9.77
CA SER A 176 -46.10 -11.80 11.00
C SER A 176 -45.31 -13.08 10.67
N ILE A 177 -45.43 -13.53 9.41
CA ILE A 177 -44.81 -14.81 9.01
C ILE A 177 -43.38 -14.52 8.61
N GLU A 178 -42.41 -15.12 9.31
CA GLU A 178 -40.98 -14.90 9.05
C GLU A 178 -40.25 -16.17 9.50
N SER A 179 -38.92 -16.19 9.42
CA SER A 179 -38.18 -17.39 9.80
C SER A 179 -38.47 -17.90 11.22
N GLY A 180 -38.77 -16.98 12.13
CA GLY A 180 -38.98 -17.38 13.52
C GLY A 180 -40.41 -17.74 13.85
N THR A 181 -41.34 -17.63 12.90
CA THR A 181 -42.76 -17.84 13.20
C THR A 181 -43.56 -18.69 12.22
N PHE A 182 -42.92 -19.12 11.13
CA PHE A 182 -43.70 -19.73 10.05
C PHE A 182 -44.19 -21.16 10.26
N LEU A 183 -43.58 -21.91 11.20
CA LEU A 183 -43.86 -23.35 11.27
C LEU A 183 -45.33 -23.78 11.38
N PRO A 184 -46.14 -23.14 12.23
CA PRO A 184 -47.58 -23.51 12.25
C PRO A 184 -48.32 -23.30 10.97
N TYR A 185 -47.80 -22.38 10.11
CA TYR A 185 -48.49 -22.05 8.85
C TYR A 185 -47.98 -22.90 7.69
N TYR A 186 -46.99 -23.73 7.98
CA TYR A 186 -46.33 -24.55 6.93
C TYR A 186 -47.10 -25.82 6.60
N GLN A 187 -48.32 -25.66 6.10
CA GLN A 187 -49.15 -26.80 5.73
C GLN A 187 -50.27 -26.25 4.86
N GLN A 188 -50.88 -27.12 4.11
CA GLN A 188 -51.72 -26.72 3.00
C GLN A 188 -52.94 -25.91 3.40
N ASN A 189 -53.61 -26.27 4.49
CA ASN A 189 -54.84 -25.53 4.75
C ASN A 189 -54.60 -24.17 5.43
N ARG A 190 -53.35 -23.92 5.81
CA ARG A 190 -53.03 -22.68 6.44
C ARG A 190 -52.27 -21.68 5.59
N ALA A 191 -51.71 -22.16 4.50
CA ALA A 191 -50.76 -21.32 3.75
C ALA A 191 -51.48 -20.17 3.03
N ALA A 192 -50.86 -19.00 3.04
CA ALA A 192 -51.14 -18.01 2.00
C ALA A 192 -49.87 -18.03 1.14
N GLY A 193 -49.40 -16.89 0.66
CA GLY A 193 -48.13 -16.83 -0.16
C GLY A 193 -48.28 -17.64 -1.45
N LEU A 194 -47.17 -17.92 -2.10
CA LEU A 194 -47.26 -18.65 -3.38
C LEU A 194 -47.83 -20.07 -3.16
N LEU A 195 -47.54 -20.70 -1.99
CA LEU A 195 -48.08 -22.09 -1.78
C LEU A 195 -49.58 -22.03 -1.70
N GLY A 196 -50.09 -21.04 -0.93
CA GLY A 196 -51.56 -20.79 -0.97
C GLY A 196 -52.12 -20.46 -2.35
N GLY A 197 -51.41 -19.63 -3.13
CA GLY A 197 -51.91 -19.34 -4.47
C GLY A 197 -51.94 -20.55 -5.39
N LEU A 198 -50.90 -21.37 -5.34
CA LEU A 198 -50.90 -22.63 -6.13
C LEU A 198 -52.05 -23.60 -5.72
N ARG A 199 -52.36 -23.60 -4.44
CA ARG A 199 -53.45 -24.46 -3.96
C ARG A 199 -54.71 -23.96 -4.62
N GLU A 200 -54.89 -22.65 -4.56
CA GLU A 200 -56.09 -22.03 -5.13
C GLU A 200 -56.16 -22.16 -6.65
N LEU A 201 -55.01 -22.00 -7.35
CA LEU A 201 -54.98 -22.16 -8.80
C LEU A 201 -55.40 -23.57 -9.20
N GLN A 202 -54.84 -24.59 -8.52
CA GLN A 202 -55.17 -26.00 -8.76
C GLN A 202 -56.67 -26.23 -8.52
N MLY A 203 -57.21 -25.61 -7.47
CA MLY A 203 -58.68 -25.71 -7.30
CB MLY A 203 -59.03 -25.09 -5.95
CG MLY A 203 -60.52 -25.09 -5.68
CD MLY A 203 -60.80 -24.51 -4.29
CE MLY A 203 -62.34 -24.40 -4.06
NZ MLY A 203 -62.61 -24.13 -2.62
CH1 MLY A 203 -63.69 -23.16 -2.29
CH2 MLY A 203 -61.91 -24.89 -1.55
C MLY A 203 -59.53 -25.06 -8.40
O MLY A 203 -60.53 -25.64 -8.91
N LYS A 204 -59.16 -23.84 -8.77
CA LYS A 204 -59.80 -23.18 -9.93
C LYS A 204 -59.70 -24.00 -11.19
N ALA A 205 -58.54 -24.65 -11.41
CA ALA A 205 -58.41 -25.50 -12.62
C ALA A 205 -59.37 -26.70 -12.54
N HIS A 206 -59.46 -27.31 -11.37
CA HIS A 206 -60.28 -28.49 -11.22
C HIS A 206 -61.75 -28.07 -11.44
N ALA A 207 -62.13 -26.89 -10.98
CA ALA A 207 -63.52 -26.44 -11.04
C ALA A 207 -63.98 -26.26 -12.52
N MET A 208 -63.02 -25.99 -13.43
CA MET A 208 -63.37 -25.88 -14.82
C MET A 208 -62.93 -27.06 -15.67
N GLY A 209 -62.58 -28.18 -15.03
CA GLY A 209 -62.36 -29.44 -15.71
C GLY A 209 -60.92 -29.86 -15.98
N HIS A 210 -59.99 -29.05 -15.48
CA HIS A 210 -58.58 -29.25 -15.80
C HIS A 210 -57.80 -29.75 -14.60
N LYS A 211 -57.09 -30.84 -14.81
CA LYS A 211 -56.21 -31.39 -13.81
C LYS A 211 -54.86 -30.66 -13.87
N LEU A 212 -54.59 -29.83 -12.88
CA LEU A 212 -53.27 -29.15 -12.80
C LEU A 212 -52.43 -29.93 -11.78
N ASP A 213 -51.42 -30.64 -12.25
CA ASP A 213 -50.47 -31.32 -11.34
C ASP A 213 -49.56 -30.26 -10.72
N LEU A 214 -49.26 -30.41 -9.46
CA LEU A 214 -48.27 -29.50 -8.79
C LEU A 214 -47.04 -30.33 -8.42
N ALA A 215 -45.85 -29.77 -8.66
CA ALA A 215 -44.60 -30.39 -8.28
C ALA A 215 -43.83 -29.36 -7.46
N PHE A 216 -42.91 -29.80 -6.62
CA PHE A 216 -42.05 -28.85 -5.94
C PHE A 216 -40.61 -29.22 -6.25
N SER A 217 -39.76 -28.21 -6.44
CA SER A 217 -38.40 -28.49 -6.82
C SER A 217 -37.44 -28.13 -5.69
N ILE A 218 -36.41 -28.93 -5.50
CA ILE A 218 -35.43 -28.67 -4.46
C ILE A 218 -34.12 -28.46 -5.19
N GLY A 219 -33.47 -27.36 -4.88
CA GLY A 219 -32.13 -27.16 -5.48
C GLY A 219 -32.16 -26.08 -6.57
N GLY A 220 -31.85 -26.46 -7.79
CA GLY A 220 -31.61 -25.44 -8.86
C GLY A 220 -30.22 -24.91 -8.78
N TRP A 221 -29.86 -23.99 -9.70
CA TRP A 221 -28.50 -23.59 -9.77
C TRP A 221 -27.83 -23.03 -8.52
N SER A 222 -28.58 -22.27 -7.73
CA SER A 222 -28.00 -21.59 -6.59
C SER A 222 -28.08 -22.40 -5.30
N LEU A 223 -28.85 -23.51 -5.34
CA LEU A 223 -29.12 -24.22 -4.06
C LEU A 223 -28.67 -25.68 -4.17
N SER A 224 -27.64 -25.93 -4.98
CA SER A 224 -27.21 -27.29 -5.19
C SER A 224 -25.93 -27.68 -4.42
N SER A 225 -25.38 -26.79 -3.58
CA SER A 225 -23.96 -26.98 -3.12
C SER A 225 -23.83 -28.20 -2.22
N TYR A 226 -24.93 -28.64 -1.60
CA TYR A 226 -24.75 -29.65 -0.55
C TYR A 226 -25.23 -31.03 -0.97
N PHE A 227 -25.86 -31.14 -2.15
CA PHE A 227 -26.39 -32.48 -2.59
C PHE A 227 -25.30 -33.54 -2.54
N SER A 228 -24.11 -33.20 -3.01
CA SER A 228 -23.00 -34.18 -3.08
C SER A 228 -22.72 -34.73 -1.67
N ALA A 229 -22.74 -33.87 -0.67
CA ALA A 229 -22.46 -34.33 0.69
C ALA A 229 -23.58 -35.10 1.32
N LEU A 230 -24.83 -34.68 1.12
CA LEU A 230 -25.92 -35.45 1.67
C LEU A 230 -26.01 -36.82 1.01
N ALA A 231 -25.75 -36.89 -0.29
CA ALA A 231 -25.89 -38.15 -1.04
C ALA A 231 -24.79 -39.14 -0.63
N GLU A 232 -23.63 -38.61 -0.21
CA GLU A 232 -22.51 -39.49 0.22
C GLU A 232 -22.82 -40.11 1.59
N ASN A 233 -23.51 -39.34 2.44
CA ASN A 233 -23.71 -39.70 3.85
C ASN A 233 -25.07 -40.39 4.04
N PRO A 234 -25.09 -41.72 4.21
CA PRO A 234 -26.39 -42.39 4.27
C PRO A 234 -27.30 -41.84 5.36
N ASP A 235 -26.76 -41.34 6.46
CA ASP A 235 -27.58 -40.73 7.51
C ASP A 235 -28.30 -39.47 7.01
N GLU A 236 -27.55 -38.67 6.26
CA GLU A 236 -28.12 -37.44 5.68
C GLU A 236 -29.06 -37.75 4.54
N ARG A 237 -28.82 -38.81 3.77
CA ARG A 237 -29.79 -39.26 2.74
C ARG A 237 -31.11 -39.58 3.39
N ARG A 238 -31.04 -40.22 4.56
CA ARG A 238 -32.25 -40.64 5.22
C ARG A 238 -33.01 -39.36 5.71
N VAL A 239 -32.33 -38.33 6.23
CA VAL A 239 -32.96 -37.04 6.69
C VAL A 239 -33.63 -36.37 5.44
N PHE A 240 -32.87 -36.32 4.34
CA PHE A 240 -33.40 -35.70 3.10
C PHE A 240 -34.69 -36.40 2.66
N VAL A 241 -34.62 -37.72 2.50
CA VAL A 241 -35.79 -38.44 2.08
C VAL A 241 -36.98 -38.25 2.98
N ALA A 242 -36.78 -38.37 4.29
CA ALA A 242 -37.91 -38.15 5.17
C ALA A 242 -38.43 -36.73 5.09
N SER A 243 -37.57 -35.76 4.79
CA SER A 243 -38.11 -34.38 4.75
C SER A 243 -38.92 -34.19 3.43
N VAL A 244 -38.56 -34.93 2.37
CA VAL A 244 -39.36 -34.94 1.16
C VAL A 244 -40.75 -35.52 1.46
N VAL A 245 -40.75 -36.66 2.11
CA VAL A 245 -42.07 -37.26 2.45
C VAL A 245 -42.88 -36.29 3.30
N ASP A 246 -42.22 -35.68 4.28
CA ASP A 246 -42.90 -34.77 5.19
C ASP A 246 -43.52 -33.62 4.41
N PHE A 247 -42.80 -33.11 3.40
CA PHE A 247 -43.39 -31.98 2.61
C PHE A 247 -44.71 -32.40 1.92
N PHE A 248 -44.72 -33.58 1.34
CA PHE A 248 -45.92 -34.11 0.70
C PHE A 248 -47.04 -34.28 1.72
N VAL A 249 -46.70 -34.73 2.93
CA VAL A 249 -47.72 -34.79 3.96
C VAL A 249 -48.29 -33.39 4.34
N ARG A 250 -47.41 -32.39 4.40
CA ARG A 250 -47.80 -31.01 4.75
C ARG A 250 -48.66 -30.45 3.59
N PHE A 251 -48.24 -30.82 2.37
CA PHE A 251 -48.86 -30.24 1.15
C PHE A 251 -49.25 -31.33 0.16
N PRO A 252 -50.34 -32.00 0.45
CA PRO A 252 -50.77 -33.12 -0.36
C PRO A 252 -51.27 -32.72 -1.76
N MET A 253 -51.46 -31.42 -2.00
CA MET A 253 -51.70 -30.98 -3.39
C MET A 253 -50.54 -31.28 -4.34
N PHE A 254 -49.32 -31.49 -3.85
CA PHE A 254 -48.22 -31.95 -4.73
C PHE A 254 -48.24 -33.41 -5.05
N SER A 255 -47.94 -33.73 -6.30
CA SER A 255 -47.88 -35.15 -6.65
C SER A 255 -46.52 -35.50 -7.25
N CYS A 256 -45.56 -34.57 -7.29
CA CYS A 256 -44.24 -34.89 -7.81
C CYS A 256 -43.20 -34.05 -7.09
N VAL A 257 -42.03 -34.64 -6.87
CA VAL A 257 -40.88 -33.92 -6.35
C VAL A 257 -39.81 -33.86 -7.44
N ASP A 258 -39.29 -32.63 -7.69
CA ASP A 258 -38.21 -32.51 -8.67
C ASP A 258 -36.93 -32.27 -7.92
N ILE A 259 -35.94 -33.15 -8.12
CA ILE A 259 -34.65 -32.94 -7.51
C ILE A 259 -33.77 -32.29 -8.54
N ASP A 260 -33.59 -30.98 -8.35
CA ASP A 260 -32.84 -30.24 -9.31
C ASP A 260 -31.41 -30.04 -8.85
N TRP A 261 -30.66 -31.18 -8.79
CA TRP A 261 -29.25 -31.17 -8.46
C TRP A 261 -28.43 -30.81 -9.68
N GLU A 262 -27.87 -29.60 -9.69
CA GLU A 262 -27.16 -29.11 -10.85
C GLU A 262 -25.72 -28.91 -10.45
N TYR A 263 -24.82 -29.88 -10.70
CA TYR A 263 -25.11 -31.15 -11.36
C TYR A 263 -24.24 -32.26 -10.68
N PRO A 264 -24.71 -33.53 -10.72
CA PRO A 264 -23.84 -34.59 -10.16
C PRO A 264 -22.47 -34.59 -10.90
N GLY A 265 -21.37 -34.62 -10.13
CA GLY A 265 -20.01 -34.77 -10.68
C GLY A 265 -19.41 -33.41 -11.01
N GLY A 266 -20.14 -32.31 -10.78
CA GLY A 266 -19.66 -30.94 -11.03
C GLY A 266 -20.29 -30.29 -12.23
N GLY A 267 -19.70 -29.22 -12.71
CA GLY A 267 -20.29 -28.51 -13.87
C GLY A 267 -21.58 -27.73 -13.52
N GLY A 268 -21.85 -27.60 -12.22
CA GLY A 268 -22.78 -26.58 -11.73
C GLY A 268 -22.00 -25.35 -11.26
N ASP A 269 -22.56 -24.62 -10.29
CA ASP A 269 -21.84 -23.52 -9.66
C ASP A 269 -20.54 -24.05 -9.06
N GLU A 270 -19.47 -23.24 -9.17
CA GLU A 270 -18.13 -23.72 -8.86
C GLU A 270 -17.93 -23.87 -7.33
N GLY A 271 -18.84 -23.33 -6.53
CA GLY A 271 -18.73 -23.49 -5.10
C GLY A 271 -19.41 -24.75 -4.58
N ASN A 272 -20.01 -25.53 -5.48
CA ASN A 272 -20.79 -26.74 -5.07
C ASN A 272 -19.79 -27.79 -4.61
N ILE A 273 -20.17 -28.59 -3.59
CA ILE A 273 -19.41 -29.78 -3.29
C ILE A 273 -19.68 -30.71 -4.48
N SER A 274 -18.66 -31.44 -4.92
CA SER A 274 -18.86 -32.44 -5.93
C SER A 274 -17.85 -33.56 -5.73
N SER A 275 -18.09 -34.68 -6.39
CA SER A 275 -17.35 -35.92 -6.17
C SER A 275 -17.59 -36.88 -7.35
N ASP A 276 -16.58 -37.72 -7.66
CA ASP A 276 -16.81 -38.67 -8.74
C ASP A 276 -17.75 -39.80 -8.31
N M3L A 277 -18.07 -39.87 -7.01
CA M3L A 277 -19.13 -40.77 -6.52
CB M3L A 277 -18.92 -41.03 -5.01
CG M3L A 277 -17.60 -41.78 -4.67
CD M3L A 277 -17.53 -42.10 -3.16
CE M3L A 277 -18.61 -43.11 -2.67
NZ M3L A 277 -18.15 -43.98 -1.57
C M3L A 277 -20.56 -40.24 -6.60
O M3L A 277 -21.50 -40.93 -6.18
CM1 M3L A 277 -17.76 -45.32 -2.07
CM2 M3L A 277 -19.29 -44.09 -0.64
CM3 M3L A 277 -16.97 -43.45 -0.86
N ASP A 278 -20.73 -39.00 -7.08
CA ASP A 278 -22.08 -38.39 -7.12
C ASP A 278 -23.11 -39.22 -7.88
N GLY A 279 -22.77 -39.74 -9.06
CA GLY A 279 -23.68 -40.50 -9.85
C GLY A 279 -24.12 -41.75 -9.08
N GLU A 280 -23.18 -42.46 -8.49
CA GLU A 280 -23.56 -43.70 -7.79
C GLU A 280 -24.38 -43.41 -6.50
N ASN A 281 -24.03 -42.35 -5.84
CA ASN A 281 -24.73 -41.94 -4.64
C ASN A 281 -26.16 -41.42 -4.98
N TYR A 282 -26.32 -40.77 -6.14
CA TYR A 282 -27.67 -40.37 -6.58
C TYR A 282 -28.57 -41.57 -6.78
N VAL A 283 -28.04 -42.69 -7.34
CA VAL A 283 -28.83 -43.88 -7.53
C VAL A 283 -29.36 -44.35 -6.16
N LEU A 284 -28.51 -44.34 -5.13
CA LEU A 284 -28.92 -44.73 -3.78
C LEU A 284 -30.01 -43.79 -3.24
N LEU A 285 -29.83 -42.50 -3.50
CA LEU A 285 -30.80 -41.51 -3.02
C LEU A 285 -32.13 -41.74 -3.72
N ILE A 286 -32.13 -41.99 -5.04
CA ILE A 286 -33.42 -42.19 -5.73
C ILE A 286 -34.10 -43.47 -5.29
N LYS A 287 -33.32 -44.54 -5.19
CA LYS A 287 -33.83 -45.85 -4.72
C LYS A 287 -34.52 -45.69 -3.37
N GLU A 288 -33.88 -44.97 -2.48
CA GLU A 288 -34.43 -44.82 -1.12
C GLU A 288 -35.66 -43.96 -1.09
N LEU A 289 -35.64 -42.90 -1.89
CA LEU A 289 -36.82 -42.07 -2.07
C LEU A 289 -38.00 -42.79 -2.65
N ARG A 290 -37.76 -43.61 -3.68
CA ARG A 290 -38.79 -44.30 -4.38
C ARG A 290 -39.41 -45.27 -3.37
N SER A 291 -38.57 -45.88 -2.56
CA SER A 291 -39.05 -46.78 -1.51
C SER A 291 -39.92 -46.11 -0.44
N ALA A 292 -39.44 -44.97 0.09
CA ALA A 292 -40.15 -44.26 1.10
C ALA A 292 -41.47 -43.73 0.59
N LEU A 293 -41.49 -43.19 -0.65
CA LEU A 293 -42.73 -42.64 -1.14
C LEU A 293 -43.74 -43.73 -1.34
N ASP A 294 -43.28 -44.83 -1.94
CA ASP A 294 -44.24 -45.86 -2.24
C ASP A 294 -44.73 -46.60 -0.99
N SER A 295 -43.92 -46.70 0.06
CA SER A 295 -44.42 -47.32 1.35
C SER A 295 -45.42 -46.40 2.03
N ARG A 296 -45.17 -45.09 1.98
CA ARG A 296 -46.03 -44.10 2.63
CA ARG A 296 -46.06 -44.12 2.65
C ARG A 296 -47.34 -43.84 1.88
N PHE A 297 -47.27 -43.66 0.53
CA PHE A 297 -48.47 -43.25 -0.22
C PHE A 297 -49.05 -44.32 -1.10
N GLY A 298 -48.24 -45.31 -1.42
CA GLY A 298 -48.64 -46.43 -2.24
C GLY A 298 -48.58 -46.11 -3.74
N TYR A 299 -49.26 -46.96 -4.53
CA TYR A 299 -49.12 -46.87 -6.01
C TYR A 299 -50.29 -46.25 -6.68
N SER A 300 -51.38 -46.05 -5.97
CA SER A 300 -52.58 -45.43 -6.59
C SER A 300 -52.53 -43.91 -6.46
N ASN A 301 -52.48 -43.45 -5.22
CA ASN A 301 -52.21 -42.05 -4.92
C ASN A 301 -50.66 -41.76 -4.91
N ARG A 302 -50.01 -42.01 -6.03
CA ARG A 302 -48.57 -42.15 -6.06
C ARG A 302 -47.91 -40.79 -6.26
N M3L A 303 -46.69 -40.67 -5.76
CA M3L A 303 -45.88 -39.44 -5.97
CB M3L A 303 -45.22 -39.04 -4.65
CG M3L A 303 -46.15 -38.77 -3.49
CD M3L A 303 -47.43 -38.03 -3.80
CE M3L A 303 -48.33 -38.08 -2.57
NZ M3L A 303 -49.43 -37.08 -2.75
C M3L A 303 -44.85 -39.73 -7.01
O M3L A 303 -44.22 -40.78 -6.96
CM1 M3L A 303 -49.84 -36.22 -1.62
CM2 M3L A 303 -50.32 -37.09 -3.99
CM3 M3L A 303 -50.24 -38.20 -2.16
N GLU A 304 -44.61 -38.82 -7.96
CA GLU A 304 -43.56 -39.06 -8.91
C GLU A 304 -42.24 -38.41 -8.48
N ILE A 305 -41.17 -38.91 -9.06
CA ILE A 305 -39.86 -38.33 -8.87
C ILE A 305 -39.29 -37.81 -10.21
N SER A 306 -38.87 -36.55 -10.25
CA SER A 306 -38.24 -35.96 -11.44
C SER A 306 -36.83 -35.52 -11.04
N ILE A 307 -35.89 -35.54 -11.97
CA ILE A 307 -34.56 -34.95 -11.73
C ILE A 307 -34.19 -34.01 -12.86
N ALA A 308 -33.41 -33.01 -12.52
CA ALA A 308 -32.73 -32.18 -13.57
C ALA A 308 -31.61 -32.96 -14.29
N CYS A 309 -31.50 -32.78 -15.58
CA CYS A 309 -30.43 -33.43 -16.36
C CYS A 309 -29.77 -32.31 -17.19
N SER A 310 -28.43 -32.23 -17.15
CA SER A 310 -27.73 -31.21 -17.98
C SER A 310 -27.97 -31.50 -19.47
N GLY A 311 -28.03 -30.45 -20.28
CA GLY A 311 -28.05 -30.70 -21.72
C GLY A 311 -26.66 -30.88 -22.33
N VAL A 312 -25.63 -30.94 -21.49
CA VAL A 312 -24.29 -31.33 -21.97
C VAL A 312 -24.01 -32.82 -21.76
N MLY A 313 -23.63 -33.54 -22.82
CA MLY A 313 -23.47 -35.00 -22.72
CB MLY A 313 -22.94 -35.56 -24.06
CG MLY A 313 -24.09 -35.63 -25.09
CD MLY A 313 -23.59 -36.24 -26.43
CE MLY A 313 -22.62 -35.27 -27.13
NZ MLY A 313 -21.96 -35.89 -28.30
CH1 MLY A 313 -22.64 -36.82 -29.14
CH2 MLY A 313 -20.65 -35.37 -28.66
C MLY A 313 -22.44 -35.34 -21.67
O MLY A 313 -22.67 -36.27 -20.89
N ALA A 314 -21.32 -34.62 -21.65
CA ALA A 314 -20.24 -34.92 -20.71
C ALA A 314 -20.72 -34.78 -19.24
N MLY A 315 -21.70 -33.93 -18.98
CA MLY A 315 -22.21 -33.76 -17.63
CB MLY A 315 -22.83 -32.38 -17.51
CG MLY A 315 -21.76 -31.27 -17.45
CD MLY A 315 -22.46 -29.89 -17.21
CE MLY A 315 -21.44 -28.79 -17.38
NZ MLY A 315 -22.04 -27.44 -17.35
CH1 MLY A 315 -23.49 -27.16 -17.43
CH2 MLY A 315 -21.13 -26.32 -17.44
C MLY A 315 -23.24 -34.81 -17.28
O MLY A 315 -23.18 -35.42 -16.19
N LEU A 316 -24.21 -35.01 -18.16
CA LEU A 316 -25.29 -35.89 -17.84
C LEU A 316 -24.76 -37.30 -17.69
N LYS A 317 -23.71 -37.68 -18.43
CA LYS A 317 -23.03 -39.00 -18.16
C LYS A 317 -22.65 -39.26 -16.69
N MLZ A 318 -22.35 -38.19 -15.94
CA MLZ A 318 -21.93 -38.31 -14.55
CB MLZ A 318 -21.05 -37.15 -14.08
CG MLZ A 318 -19.73 -37.21 -14.84
CD MLZ A 318 -18.93 -35.94 -14.59
CE MLZ A 318 -17.85 -35.78 -15.68
NZ MLZ A 318 -17.00 -34.62 -15.47
CM MLZ A 318 -16.09 -34.55 -14.32
C MLZ A 318 -23.12 -38.53 -13.60
O MLZ A 318 -22.93 -38.75 -12.43
N SER A 319 -24.34 -38.54 -14.14
CA SER A 319 -25.50 -38.67 -13.31
C SER A 319 -26.10 -40.11 -13.33
N ASN A 320 -25.42 -41.05 -13.99
CA ASN A 320 -25.91 -42.45 -14.03
C ASN A 320 -27.42 -42.58 -14.29
N ILE A 321 -27.92 -41.90 -15.32
CA ILE A 321 -29.39 -41.75 -15.45
C ILE A 321 -30.11 -43.06 -15.80
N ASP A 322 -29.44 -43.94 -16.52
CA ASP A 322 -30.01 -45.30 -16.74
C ASP A 322 -30.29 -46.06 -15.43
N GLN A 323 -29.37 -45.93 -14.50
CA GLN A 323 -29.50 -46.57 -13.20
C GLN A 323 -30.54 -45.85 -12.39
N LEU A 324 -30.65 -44.51 -12.56
CA LEU A 324 -31.77 -43.85 -11.91
C LEU A 324 -33.13 -44.34 -12.35
N VAL A 325 -33.35 -44.49 -13.67
CA VAL A 325 -34.57 -45.01 -14.20
C VAL A 325 -34.83 -46.44 -13.71
N ALA A 326 -33.77 -47.25 -13.68
CA ALA A 326 -33.86 -48.66 -13.22
C ALA A 326 -34.27 -48.69 -11.75
N ASN A 327 -33.98 -47.62 -11.03
CA ASN A 327 -34.25 -47.58 -9.59
C ASN A 327 -35.40 -46.72 -9.19
N GLY A 328 -36.24 -46.33 -10.14
CA GLY A 328 -37.50 -45.74 -9.76
C GLY A 328 -37.74 -44.31 -10.24
N LEU A 329 -36.79 -43.74 -10.96
CA LEU A 329 -37.02 -42.32 -11.47
C LEU A 329 -38.19 -42.22 -12.47
N ASP A 330 -39.05 -41.20 -12.36
CA ASP A 330 -40.15 -41.08 -13.32
C ASP A 330 -39.83 -40.18 -14.54
N ASN A 331 -39.32 -38.97 -14.28
CA ASN A 331 -39.21 -37.96 -15.32
C ASN A 331 -37.77 -37.39 -15.32
N ILE A 332 -37.26 -37.08 -16.50
CA ILE A 332 -35.96 -36.43 -16.65
C ILE A 332 -36.27 -35.05 -17.30
N TYR A 333 -36.02 -33.96 -16.57
CA TYR A 333 -36.19 -32.64 -17.10
C TYR A 333 -34.87 -32.21 -17.70
N LEU A 334 -34.81 -32.20 -19.02
CA LEU A 334 -33.59 -31.91 -19.74
C LEU A 334 -33.40 -30.38 -19.82
N MET A 335 -32.37 -29.85 -19.16
CA MET A 335 -32.18 -28.40 -19.02
C MET A 335 -31.35 -27.95 -20.21
N SER A 336 -31.98 -28.05 -21.37
CA SER A 336 -31.31 -27.81 -22.65
C SER A 336 -31.46 -26.29 -22.94
N TYR A 337 -30.75 -25.51 -22.12
CA TYR A 337 -30.66 -24.05 -22.22
C TYR A 337 -29.38 -23.64 -21.51
N ASP A 338 -29.03 -22.37 -21.64
CA ASP A 338 -27.74 -21.82 -21.15
C ASP A 338 -26.56 -22.47 -21.81
N PHE A 339 -26.74 -22.92 -23.03
CA PHE A 339 -25.59 -23.47 -23.80
C PHE A 339 -24.60 -22.37 -24.25
N PHE A 340 -25.03 -21.13 -24.15
CA PHE A 340 -24.15 -19.98 -24.45
C PHE A 340 -24.39 -19.00 -23.29
N GLY A 341 -23.38 -18.26 -22.86
CA GLY A 341 -23.61 -17.12 -21.96
C GLY A 341 -22.40 -16.19 -22.01
N THR A 342 -22.64 -14.89 -21.75
CA THR A 342 -21.57 -13.92 -21.80
C THR A 342 -20.62 -14.23 -20.62
N ILE A 343 -19.41 -13.66 -20.69
CA ILE A 343 -18.31 -13.94 -19.72
C ILE A 343 -17.68 -15.30 -19.94
N TRP A 344 -18.43 -16.37 -19.85
CA TRP A 344 -17.78 -17.65 -19.86
C TRP A 344 -17.58 -18.29 -21.24
N ALA A 345 -18.48 -18.07 -22.22
CA ALA A 345 -18.38 -18.75 -23.50
C ALA A 345 -17.34 -18.05 -24.36
N ASP A 346 -16.63 -18.84 -25.16
CA ASP A 346 -15.57 -18.24 -26.03
C ASP A 346 -16.14 -17.64 -27.30
N TYR A 347 -17.35 -18.05 -27.66
CA TYR A 347 -17.95 -17.62 -28.91
C TYR A 347 -19.45 -17.39 -28.68
N ILE A 348 -20.06 -16.48 -29.44
CA ILE A 348 -21.52 -16.34 -29.37
C ILE A 348 -22.10 -17.64 -29.98
N GLY A 349 -23.28 -18.02 -29.48
CA GLY A 349 -23.92 -19.20 -30.03
C GLY A 349 -25.36 -19.25 -29.56
N HIS A 350 -26.05 -20.29 -29.97
CA HIS A 350 -27.43 -20.50 -29.47
C HIS A 350 -27.46 -21.05 -28.04
N HIS A 351 -28.28 -20.49 -27.15
CA HIS A 351 -28.25 -21.00 -25.84
C HIS A 351 -29.24 -22.16 -25.61
N THR A 352 -30.22 -22.36 -26.49
CA THR A 352 -31.29 -23.34 -26.19
C THR A 352 -31.80 -24.02 -27.46
N ASN A 353 -30.89 -24.25 -28.41
CA ASN A 353 -31.27 -24.79 -29.73
C ASN A 353 -31.55 -26.28 -29.63
N LEU A 354 -32.56 -26.75 -30.36
CA LEU A 354 -32.91 -28.18 -30.36
C LEU A 354 -31.87 -28.96 -31.25
N TYR A 355 -31.49 -28.39 -32.41
CA TYR A 355 -30.73 -29.16 -33.40
C TYR A 355 -29.29 -28.75 -33.44
N SER A 356 -28.45 -29.76 -33.69
CA SER A 356 -26.99 -29.53 -33.85
C SER A 356 -26.66 -28.85 -35.17
N PRO A 357 -25.66 -27.98 -35.18
CA PRO A 357 -25.24 -27.50 -36.50
C PRO A 357 -24.39 -28.60 -37.18
N LYS A 358 -24.05 -28.39 -38.44
CA LYS A 358 -23.07 -29.21 -39.16
C LYS A 358 -21.69 -29.28 -38.45
N ASP A 359 -21.12 -30.49 -38.28
CA ASP A 359 -19.80 -30.67 -37.64
C ASP A 359 -19.64 -29.97 -36.29
N PRO A 360 -20.48 -30.41 -35.32
CA PRO A 360 -20.61 -29.67 -34.08
C PRO A 360 -19.49 -30.01 -33.13
N GLY A 361 -18.62 -31.01 -33.44
CA GLY A 361 -17.45 -31.21 -32.56
C GLY A 361 -17.80 -32.02 -31.30
N GLU A 362 -17.08 -31.76 -30.23
CA GLU A 362 -17.26 -32.46 -28.95
C GLU A 362 -18.53 -32.08 -28.16
N GLN A 363 -19.06 -30.92 -28.48
CA GLN A 363 -20.28 -30.42 -27.83
C GLN A 363 -20.16 -30.42 -26.31
N GLU A 364 -19.07 -29.82 -25.83
CA GLU A 364 -18.83 -29.63 -24.40
C GLU A 364 -18.90 -28.14 -24.08
N LEU A 365 -18.38 -27.28 -24.94
CA LEU A 365 -18.28 -25.85 -24.62
C LEU A 365 -18.95 -24.93 -25.64
N PHE A 366 -19.25 -25.50 -26.80
CA PHE A 366 -19.94 -24.77 -27.87
C PHE A 366 -20.54 -25.76 -28.89
N ASP A 367 -21.44 -25.22 -29.69
CA ASP A 367 -22.22 -25.93 -30.69
C ASP A 367 -23.01 -27.08 -30.03
N LEU A 368 -23.42 -26.88 -28.79
CA LEU A 368 -24.36 -27.84 -28.09
C LEU A 368 -25.74 -27.88 -28.72
N SER A 369 -26.53 -28.93 -28.44
CA SER A 369 -27.94 -29.00 -28.88
C SER A 369 -28.75 -29.88 -27.98
N ALA A 370 -30.06 -29.64 -27.89
CA ALA A 370 -30.92 -30.52 -27.11
C ALA A 370 -30.95 -31.93 -27.71
N GLU A 371 -31.02 -32.01 -29.03
CA GLU A 371 -31.13 -33.34 -29.66
CA GLU A 371 -31.09 -33.32 -29.72
C GLU A 371 -29.88 -34.20 -29.43
N ALA A 372 -28.70 -33.59 -29.31
CA ALA A 372 -27.52 -34.41 -28.99
C ALA A 372 -27.69 -35.11 -27.64
N ALA A 373 -28.17 -34.34 -26.65
CA ALA A 373 -28.41 -34.92 -25.34
C ALA A 373 -29.50 -35.97 -25.36
N ILE A 374 -30.63 -35.69 -26.03
CA ILE A 374 -31.71 -36.63 -26.09
C ILE A 374 -31.21 -37.95 -26.78
N ASP A 375 -30.46 -37.80 -27.87
CA ASP A 375 -30.03 -38.98 -28.62
C ASP A 375 -29.11 -39.86 -27.74
N TYR A 376 -28.28 -39.24 -26.91
CA TYR A 376 -27.40 -39.96 -26.04
C TYR A 376 -28.22 -40.66 -24.96
N LEU A 377 -29.20 -39.92 -24.39
CA LEU A 377 -30.07 -40.53 -23.37
C LEU A 377 -30.79 -41.74 -23.93
N HIS A 378 -31.34 -41.59 -25.14
CA HIS A 378 -32.21 -42.61 -25.70
C HIS A 378 -31.37 -43.80 -26.27
N ASN A 379 -30.30 -43.48 -27.00
CA ASN A 379 -29.59 -44.45 -27.84
C ASN A 379 -28.47 -45.12 -27.09
N GLU A 380 -27.74 -44.35 -26.30
CA GLU A 380 -26.59 -44.87 -25.62
C GLU A 380 -26.99 -45.33 -24.20
N LEU A 381 -27.98 -44.70 -23.59
CA LEU A 381 -28.35 -45.11 -22.22
C LEU A 381 -29.67 -45.85 -22.16
N GLY A 382 -30.29 -46.05 -23.33
CA GLY A 382 -31.55 -46.76 -23.43
C GLY A 382 -32.76 -46.19 -22.71
N ILE A 383 -32.78 -44.88 -22.46
CA ILE A 383 -33.95 -44.25 -21.75
C ILE A 383 -35.12 -44.08 -22.67
N PRO A 384 -36.31 -44.57 -22.26
CA PRO A 384 -37.48 -44.40 -23.10
C PRO A 384 -37.77 -42.88 -23.29
N MET A 385 -38.17 -42.49 -24.51
CA MET A 385 -38.42 -41.08 -24.81
C MET A 385 -39.50 -40.52 -23.91
N GLU A 386 -40.47 -41.37 -23.55
CA GLU A 386 -41.55 -40.94 -22.68
C GLU A 386 -41.13 -40.39 -21.31
N LYS A 387 -39.90 -40.66 -20.84
CA LYS A 387 -39.47 -40.15 -19.56
C LYS A 387 -38.83 -38.74 -19.64
N ILE A 388 -38.65 -38.25 -20.86
CA ILE A 388 -37.76 -37.09 -21.04
C ILE A 388 -38.67 -35.89 -21.34
N HIS A 389 -38.41 -34.75 -20.68
CA HIS A 389 -39.16 -33.52 -20.86
C HIS A 389 -38.14 -32.50 -21.38
N LEU A 390 -38.47 -31.84 -22.50
CA LEU A 390 -37.54 -30.99 -23.24
C LEU A 390 -37.80 -29.54 -22.81
N GLY A 391 -36.76 -28.85 -22.32
CA GLY A 391 -36.97 -27.47 -21.88
C GLY A 391 -36.95 -26.40 -22.98
N TYR A 392 -37.74 -25.35 -22.79
CA TYR A 392 -37.63 -24.12 -23.58
C TYR A 392 -37.45 -22.99 -22.62
N ALA A 393 -36.72 -21.96 -23.09
CA ALA A 393 -36.28 -20.89 -22.17
C ALA A 393 -37.16 -19.68 -22.41
N ASN A 394 -37.69 -19.08 -21.34
CA ASN A 394 -38.38 -17.82 -21.56
C ASN A 394 -37.45 -16.65 -21.29
N TYR A 395 -36.23 -16.72 -21.83
CA TYR A 395 -35.28 -15.62 -21.65
C TYR A 395 -34.19 -15.81 -22.69
N GLY A 396 -33.51 -14.72 -23.04
CA GLY A 396 -32.37 -14.87 -23.96
C GLY A 396 -31.05 -14.87 -23.20
N ARG A 397 -30.01 -15.21 -23.93
CA ARG A 397 -28.61 -15.02 -23.47
C ARG A 397 -28.01 -14.09 -24.50
N SER A 398 -27.51 -12.91 -24.06
CA SER A 398 -27.03 -11.88 -24.97
C SER A 398 -25.50 -11.69 -24.89
N ALA A 399 -24.98 -10.95 -25.89
CA ALA A 399 -23.52 -10.65 -26.02
C ALA A 399 -23.48 -9.25 -26.62
N VAL A 400 -22.44 -8.48 -26.31
CA VAL A 400 -22.22 -7.22 -26.99
C VAL A 400 -20.91 -7.36 -27.78
N GLY A 401 -20.73 -6.58 -28.85
CA GLY A 401 -19.53 -6.74 -29.69
C GLY A 401 -19.50 -7.97 -30.55
N GLY A 402 -20.68 -8.58 -30.78
CA GLY A 402 -20.74 -9.88 -31.51
C GLY A 402 -20.43 -9.72 -33.00
N ASP A 403 -19.79 -10.74 -33.59
CA ASP A 403 -19.49 -10.68 -35.03
C ASP A 403 -20.00 -12.00 -35.56
N LEU A 404 -20.89 -11.96 -36.54
CA LEU A 404 -21.59 -13.18 -36.89
C LEU A 404 -20.69 -14.04 -37.80
N THR A 405 -19.60 -13.46 -38.29
CA THR A 405 -18.68 -14.20 -39.16
C THR A 405 -17.69 -15.01 -38.35
N THR A 406 -17.04 -14.39 -37.38
CA THR A 406 -16.03 -15.03 -36.57
C THR A 406 -16.63 -15.69 -35.30
N ARG A 407 -17.85 -15.28 -34.96
CA ARG A 407 -18.56 -15.60 -33.71
C ARG A 407 -17.86 -15.13 -32.45
N GLN A 408 -16.90 -14.21 -32.61
CA GLN A 408 -16.23 -13.65 -31.47
C GLN A 408 -17.05 -12.49 -30.93
N TYR A 409 -16.79 -12.15 -29.68
CA TYR A 409 -17.56 -11.07 -29.04
C TYR A 409 -16.77 -10.49 -27.87
N THR A 410 -17.30 -9.46 -27.25
CA THR A 410 -16.69 -8.84 -26.09
C THR A 410 -17.08 -9.58 -24.81
N M3L A 411 -16.22 -10.54 -24.41
CA M3L A 411 -16.62 -11.48 -23.33
CB M3L A 411 -15.47 -12.44 -23.05
CG M3L A 411 -15.35 -13.40 -24.27
CD M3L A 411 -14.17 -14.40 -24.07
CE M3L A 411 -14.30 -15.09 -22.71
NZ M3L A 411 -13.31 -16.16 -22.56
C M3L A 411 -16.96 -10.75 -22.07
O M3L A 411 -17.87 -11.19 -21.35
CM1 M3L A 411 -13.20 -16.85 -23.85
CM2 M3L A 411 -13.72 -17.08 -21.50
CM3 M3L A 411 -11.94 -15.64 -22.24
N ASN A 412 -16.23 -9.67 -21.76
CA ASN A 412 -16.42 -8.90 -20.51
C ASN A 412 -17.19 -7.60 -20.66
N GLY A 413 -17.91 -7.49 -21.79
CA GLY A 413 -18.68 -6.27 -22.01
C GLY A 413 -20.04 -6.25 -21.34
N PRO A 414 -20.68 -5.06 -21.28
CA PRO A 414 -22.00 -4.93 -20.69
C PRO A 414 -23.07 -5.47 -21.68
N ALA A 415 -23.44 -6.75 -21.53
CA ALA A 415 -24.50 -7.36 -22.38
C ALA A 415 -25.92 -7.08 -21.90
N LEU A 416 -26.86 -6.86 -22.85
CA LEU A 416 -28.19 -6.50 -22.43
C LEU A 416 -28.82 -7.51 -21.51
N GLY A 417 -29.56 -7.03 -20.51
CA GLY A 417 -30.32 -7.94 -19.69
C GLY A 417 -31.44 -7.20 -18.98
N THR A 418 -32.29 -7.97 -18.29
CA THR A 418 -33.39 -7.38 -17.54
C THR A 418 -32.87 -7.09 -16.15
N MET A 419 -32.54 -8.13 -15.42
CA MET A 419 -32.05 -7.92 -14.01
C MET A 419 -30.58 -8.18 -13.87
N GLU A 420 -29.95 -8.92 -14.79
CA GLU A 420 -28.55 -9.32 -14.69
C GLU A 420 -27.95 -9.24 -16.08
N ASN A 421 -26.65 -8.98 -16.14
CA ASN A 421 -25.85 -8.88 -17.35
C ASN A 421 -26.11 -10.10 -18.23
N GLY A 422 -26.47 -9.82 -19.49
CA GLY A 422 -26.52 -10.87 -20.52
C GLY A 422 -27.86 -11.67 -20.54
N ALA A 423 -28.81 -11.33 -19.64
CA ALA A 423 -30.04 -12.15 -19.53
C ALA A 423 -31.31 -11.32 -19.74
N PRO A 424 -31.65 -11.00 -21.02
CA PRO A 424 -32.91 -10.34 -21.29
C PRO A 424 -34.05 -11.36 -21.24
N GLU A 425 -35.00 -11.13 -20.36
CA GLU A 425 -36.07 -12.10 -20.09
C GLU A 425 -37.17 -11.88 -21.13
N PHE A 426 -37.96 -12.89 -21.39
CA PHE A 426 -38.78 -12.85 -22.66
C PHE A 426 -39.78 -11.69 -22.61
N PHE A 427 -40.42 -11.40 -21.46
CA PHE A 427 -41.34 -10.25 -21.43
C PHE A 427 -40.62 -8.92 -21.76
N ASP A 428 -39.34 -8.78 -21.37
CA ASP A 428 -38.56 -7.64 -21.66
C ASP A 428 -38.17 -7.60 -23.16
N ILE A 429 -37.89 -8.77 -23.72
CA ILE A 429 -37.62 -8.85 -25.15
C ILE A 429 -38.82 -8.39 -25.99
N VAL A 430 -40.00 -8.86 -25.63
CA VAL A 430 -41.24 -8.39 -26.30
C VAL A 430 -41.48 -6.87 -26.15
N MLZ A 431 -41.12 -6.31 -24.98
CA MLZ A 431 -41.23 -4.88 -24.74
CB MLZ A 431 -40.88 -4.64 -23.26
CG MLZ A 431 -40.80 -3.13 -22.91
CD MLZ A 431 -42.21 -2.53 -22.94
CE MLZ A 431 -42.24 -1.09 -22.34
NZ MLZ A 431 -42.13 -0.03 -23.31
CM MLZ A 431 -42.82 -0.14 -24.62
C MLZ A 431 -40.25 -4.13 -25.61
O MLZ A 431 -40.62 -3.08 -26.14
N ASN A 432 -38.99 -4.57 -25.73
CA ASN A 432 -37.95 -3.69 -26.28
C ASN A 432 -37.30 -4.13 -27.57
N TYR A 433 -37.24 -5.44 -27.85
CA TYR A 433 -36.36 -5.85 -28.96
C TYR A 433 -37.01 -6.67 -30.06
N MET A 434 -38.17 -7.28 -29.77
CA MET A 434 -38.83 -8.09 -30.76
C MET A 434 -40.26 -7.68 -30.77
N ASP A 435 -40.75 -7.37 -31.99
CA ASP A 435 -42.16 -6.96 -32.19
C ASP A 435 -42.98 -8.17 -32.58
N ALA A 436 -43.94 -8.57 -31.74
CA ALA A 436 -44.82 -9.65 -32.14
C ALA A 436 -46.29 -9.15 -32.25
N GLU A 437 -46.46 -7.84 -32.29
CA GLU A 437 -47.80 -7.29 -32.14
C GLU A 437 -48.47 -6.99 -33.49
N HIS A 438 -47.67 -6.99 -34.57
CA HIS A 438 -48.19 -6.62 -35.90
C HIS A 438 -48.25 -7.83 -36.88
N SER A 439 -48.73 -8.99 -36.40
CA SER A 439 -49.02 -10.18 -37.20
C SER A 439 -47.77 -10.71 -37.88
N LEU A 440 -46.59 -10.62 -37.21
CA LEU A 440 -45.36 -11.14 -37.82
C LEU A 440 -44.32 -11.11 -36.67
N SER A 441 -43.39 -12.02 -36.64
CA SER A 441 -42.31 -11.92 -35.59
C SER A 441 -41.14 -11.16 -36.26
N MET A 442 -40.72 -10.04 -35.66
CA MET A 442 -39.61 -9.30 -36.25
C MET A 442 -38.92 -8.54 -35.10
N GLY A 443 -37.75 -7.96 -35.38
CA GLY A 443 -37.03 -7.13 -34.41
C GLY A 443 -37.66 -5.74 -34.34
N LYS A 444 -37.29 -4.97 -33.32
CA LYS A 444 -37.69 -3.55 -33.34
C LYS A 444 -36.55 -2.84 -32.68
N ASN A 445 -36.60 -1.52 -32.71
CA ASN A 445 -35.56 -0.68 -32.04
C ASN A 445 -34.18 -1.01 -32.49
N GLY A 446 -34.03 -1.27 -33.79
CA GLY A 446 -32.73 -1.56 -34.38
C GLY A 446 -32.34 -3.02 -34.45
N PHE A 447 -33.05 -3.86 -33.73
CA PHE A 447 -32.78 -5.29 -33.82
C PHE A 447 -33.40 -5.89 -35.06
N VAL A 448 -32.72 -6.90 -35.59
CA VAL A 448 -33.28 -7.69 -36.69
C VAL A 448 -33.39 -9.12 -36.20
N LEU A 449 -34.58 -9.67 -36.39
CA LEU A 449 -34.75 -11.10 -36.15
C LEU A 449 -34.11 -11.97 -37.24
N MET A 450 -33.16 -12.85 -36.84
CA MET A 450 -32.45 -13.73 -37.78
C MET A 450 -32.74 -15.17 -37.48
N THR A 451 -32.58 -16.00 -38.51
CA THR A 451 -32.70 -17.42 -38.31
C THR A 451 -31.38 -18.01 -38.83
N ASP A 452 -30.70 -18.79 -37.98
CA ASP A 452 -29.50 -19.46 -38.36
C ASP A 452 -29.92 -20.74 -39.03
N THR A 453 -29.63 -20.89 -40.33
CA THR A 453 -30.12 -22.07 -41.07
C THR A 453 -29.24 -23.27 -40.81
N ASN A 454 -28.09 -23.10 -40.14
CA ASN A 454 -27.23 -24.24 -39.83
C ASN A 454 -27.85 -25.06 -38.66
N ALA A 455 -28.04 -24.44 -37.49
CA ALA A 455 -28.73 -25.10 -36.36
C ALA A 455 -30.23 -25.03 -36.39
N ASP A 456 -30.81 -24.15 -37.22
CA ASP A 456 -32.21 -23.88 -37.36
C ASP A 456 -32.67 -23.31 -36.02
N ALA A 457 -32.02 -22.22 -35.59
CA ALA A 457 -32.45 -21.54 -34.35
C ALA A 457 -32.44 -20.04 -34.60
N ASP A 458 -33.13 -19.26 -33.76
CA ASP A 458 -33.33 -17.85 -34.04
C ASP A 458 -32.60 -16.95 -33.04
N PHE A 459 -32.22 -15.74 -33.46
CA PHE A 459 -31.55 -14.80 -32.55
C PHE A 459 -31.88 -13.41 -33.04
N LEU A 460 -31.69 -12.42 -32.16
CA LEU A 460 -31.89 -11.02 -32.55
C LEU A 460 -30.49 -10.45 -32.68
N PHE A 461 -30.30 -9.60 -33.68
CA PHE A 461 -29.01 -8.90 -33.77
C PHE A 461 -29.17 -7.45 -34.06
N SER A 462 -28.39 -6.61 -33.38
CA SER A 462 -28.37 -5.18 -33.71
C SER A 462 -26.91 -4.76 -34.04
N GLU A 463 -26.73 -4.33 -35.28
CA GLU A 463 -25.39 -4.16 -35.84
CA GLU A 463 -25.49 -4.06 -35.94
C GLU A 463 -24.59 -3.08 -35.16
N ALA A 464 -25.21 -1.96 -34.69
CA ALA A 464 -24.41 -0.79 -34.28
C ALA A 464 -23.39 -1.17 -33.20
N MLY A 465 -23.87 -1.79 -32.10
CA MLY A 465 -22.99 -2.24 -31.02
CB MLY A 465 -23.63 -1.74 -29.66
CG MLY A 465 -22.56 -1.36 -28.60
CD MLY A 465 -23.30 -1.04 -27.29
CE MLY A 465 -22.13 -0.69 -26.37
NZ MLY A 465 -22.65 -0.22 -25.07
CH1 MLY A 465 -21.69 -0.20 -23.95
CH2 MLY A 465 -23.83 0.61 -24.86
C MLY A 465 -22.75 -3.74 -31.08
O MLY A 465 -22.05 -4.26 -30.20
N GLY A 466 -23.32 -4.43 -32.07
CA GLY A 466 -23.08 -5.90 -32.17
C GLY A 466 -23.84 -6.64 -31.04
N HIS A 467 -25.03 -6.17 -30.67
CA HIS A 467 -25.81 -6.93 -29.62
C HIS A 467 -26.36 -8.19 -30.28
N PHE A 468 -26.06 -9.35 -29.72
CA PHE A 468 -26.59 -10.59 -30.18
C PHE A 468 -27.43 -11.17 -29.04
N ILE A 469 -28.72 -11.52 -29.28
CA ILE A 469 -29.52 -12.14 -28.28
C ILE A 469 -29.97 -13.51 -28.81
N SER A 470 -29.52 -14.57 -28.14
CA SER A 470 -29.98 -15.89 -28.53
C SER A 470 -31.26 -16.09 -27.70
N LEU A 471 -32.36 -16.53 -28.32
CA LEU A 471 -33.60 -16.73 -27.52
C LEU A 471 -34.40 -17.85 -28.13
N ASP A 472 -35.39 -18.34 -27.37
CA ASP A 472 -36.47 -19.16 -27.97
C ASP A 472 -37.57 -18.23 -28.50
N THR A 473 -38.03 -18.45 -29.71
CA THR A 473 -39.06 -17.63 -30.34
C THR A 473 -40.29 -18.54 -30.45
N PRO A 474 -41.46 -17.95 -30.78
CA PRO A 474 -42.66 -18.77 -31.02
C PRO A 474 -42.28 -19.86 -32.04
N ARG A 475 -41.51 -19.55 -33.07
CA ARG A 475 -41.17 -20.62 -34.07
C ARG A 475 -40.38 -21.73 -33.44
N THR A 476 -39.37 -21.43 -32.63
CA THR A 476 -38.53 -22.56 -32.16
C THR A 476 -39.20 -23.28 -31.01
N VAL A 477 -40.06 -22.58 -30.26
CA VAL A 477 -40.78 -23.32 -29.23
C VAL A 477 -41.83 -24.29 -29.90
N MLY A 478 -42.48 -23.82 -30.96
CA MLY A 478 -43.39 -24.65 -31.75
CB MLY A 478 -44.02 -23.82 -32.88
CG MLY A 478 -45.02 -24.70 -33.65
CD MLY A 478 -45.61 -23.97 -34.87
CE MLY A 478 -45.84 -25.04 -35.95
NZ MLY A 478 -46.96 -24.77 -36.84
CH1 MLY A 478 -48.04 -25.76 -36.92
CH2 MLY A 478 -46.99 -23.56 -37.68
C MLY A 478 -42.57 -25.79 -32.26
O MLY A 478 -42.99 -26.95 -32.21
N GLN A 479 -41.34 -25.51 -32.70
CA GLN A 479 -40.46 -26.61 -33.25
C GLN A 479 -40.13 -27.69 -32.17
N LYS A 480 -39.85 -27.25 -30.96
CA LYS A 480 -39.63 -28.13 -29.86
C LYS A 480 -40.89 -28.93 -29.56
N GLY A 481 -42.02 -28.26 -29.53
CA GLY A 481 -43.29 -28.99 -29.34
C GLY A 481 -43.47 -30.08 -30.41
N GLU A 482 -43.13 -29.75 -31.66
CA GLU A 482 -43.32 -30.74 -32.76
C GLU A 482 -42.41 -31.93 -32.58
N TYR A 483 -41.20 -31.66 -32.17
CA TYR A 483 -40.24 -32.68 -31.94
C TYR A 483 -40.67 -33.62 -30.82
N ALA A 484 -41.20 -33.04 -29.75
CA ALA A 484 -41.68 -33.79 -28.59
C ALA A 484 -42.88 -34.66 -29.00
N ALA A 485 -43.76 -34.15 -29.83
CA ALA A 485 -44.96 -34.94 -30.19
C ALA A 485 -44.52 -36.06 -31.15
N LYS A 486 -43.68 -35.71 -32.13
CA LYS A 486 -43.21 -36.70 -33.12
C LYS A 486 -42.45 -37.84 -32.45
N ASN A 487 -41.57 -37.53 -31.50
CA ASN A 487 -40.74 -38.51 -30.88
C ASN A 487 -41.30 -39.11 -29.60
N LYS A 488 -42.53 -38.70 -29.25
CA LYS A 488 -43.23 -39.17 -28.05
C LYS A 488 -42.39 -39.01 -26.74
N LEU A 489 -41.77 -37.82 -26.61
CA LEU A 489 -41.31 -37.32 -25.31
C LEU A 489 -42.44 -37.19 -24.31
N GLY A 490 -42.09 -37.20 -23.03
CA GLY A 490 -43.10 -36.97 -22.00
C GLY A 490 -43.68 -35.60 -22.07
N GLY A 491 -42.91 -34.63 -22.55
CA GLY A 491 -43.51 -33.32 -22.58
C GLY A 491 -42.46 -32.26 -22.87
N VAL A 492 -42.88 -30.98 -22.75
CA VAL A 492 -41.90 -29.85 -22.85
C VAL A 492 -42.18 -29.04 -21.62
N PHE A 493 -41.19 -28.29 -21.15
CA PHE A 493 -41.44 -27.42 -19.97
C PHE A 493 -40.80 -26.08 -20.21
N SER A 494 -41.39 -25.10 -19.52
CA SER A 494 -41.06 -23.69 -19.61
C SER A 494 -40.14 -23.35 -18.44
N TRP A 495 -38.99 -22.75 -18.75
CA TRP A 495 -38.01 -22.29 -17.75
C TRP A 495 -37.83 -20.78 -17.97
N SER A 496 -38.43 -19.91 -17.15
CA SER A 496 -39.46 -20.21 -16.12
C SER A 496 -40.79 -19.67 -16.62
N GLY A 497 -41.90 -20.32 -16.26
CA GLY A 497 -43.24 -19.84 -16.68
C GLY A 497 -43.52 -18.33 -16.42
N ASP A 498 -42.99 -17.80 -15.30
CA ASP A 498 -43.29 -16.43 -14.90
C ASP A 498 -42.61 -15.41 -15.80
N GLN A 499 -41.78 -15.87 -16.76
CA GLN A 499 -41.09 -14.91 -17.65
C GLN A 499 -41.74 -14.87 -19.04
N ASP A 500 -42.74 -15.71 -19.24
CA ASP A 500 -43.49 -15.70 -20.53
C ASP A 500 -44.72 -14.80 -20.33
N CYS A 501 -45.24 -14.20 -21.40
CA CYS A 501 -46.58 -13.60 -21.31
C CYS A 501 -47.68 -14.52 -21.89
N GLY A 502 -47.30 -15.69 -22.42
CA GLY A 502 -48.30 -16.59 -22.99
C GLY A 502 -47.95 -16.98 -24.40
N LEU A 503 -47.16 -16.13 -25.10
CA LEU A 503 -46.81 -16.48 -26.48
C LEU A 503 -46.08 -17.80 -26.54
N LEU A 504 -45.09 -18.05 -25.66
CA LEU A 504 -44.34 -19.31 -25.84
C LEU A 504 -45.15 -20.53 -25.38
N ALA A 505 -46.00 -20.36 -24.35
CA ALA A 505 -46.90 -21.46 -23.93
C ALA A 505 -47.83 -21.79 -25.12
N ASN A 506 -48.30 -20.77 -25.79
CA ASN A 506 -49.21 -21.01 -26.99
C ASN A 506 -48.46 -21.77 -28.05
N ALA A 507 -47.20 -21.36 -28.33
CA ALA A 507 -46.43 -21.99 -29.40
C ALA A 507 -46.16 -23.44 -29.01
N ALA A 508 -45.88 -23.68 -27.72
CA ALA A 508 -45.65 -25.03 -27.25
C ALA A 508 -46.88 -25.87 -27.45
N ARG A 509 -48.03 -25.41 -26.95
CA ARG A 509 -49.32 -26.14 -27.20
C ARG A 509 -49.51 -26.45 -28.67
N GLU A 510 -49.27 -25.47 -29.53
CA GLU A 510 -49.51 -25.74 -30.96
C GLU A 510 -48.52 -26.70 -31.60
N GLY A 511 -47.24 -26.65 -31.19
CA GLY A 511 -46.26 -27.59 -31.72
C GLY A 511 -46.58 -29.00 -31.23
N LEU A 512 -46.99 -29.11 -29.95
CA LEU A 512 -47.36 -30.43 -29.35
C LEU A 512 -48.64 -31.03 -29.97
N GLY A 513 -49.39 -30.23 -30.67
CA GLY A 513 -50.56 -30.69 -31.46
C GLY A 513 -51.89 -30.46 -30.78
N TYR A 514 -51.94 -29.59 -29.76
CA TYR A 514 -53.20 -29.17 -29.20
C TYR A 514 -53.89 -28.15 -30.11
N VAL A 515 -55.22 -28.17 -30.12
CA VAL A 515 -55.91 -27.18 -30.99
C VAL A 515 -56.73 -26.22 -30.11
N ALA A 516 -56.83 -24.97 -30.55
CA ALA A 516 -57.59 -23.95 -29.81
C ALA A 516 -59.05 -24.35 -29.66
N ASP A 517 -59.69 -24.00 -28.56
CA ASP A 517 -61.12 -24.27 -28.40
C ASP A 517 -62.08 -23.23 -29.10
N GLU A 521 -59.70 -16.73 -30.25
CA GLU A 521 -58.32 -16.86 -29.73
C GLU A 521 -57.93 -15.54 -29.07
N THR A 522 -57.10 -15.54 -28.00
CA THR A 522 -56.53 -14.25 -27.47
C THR A 522 -55.59 -13.62 -28.50
N ILE A 523 -54.87 -14.48 -29.22
CA ILE A 523 -53.93 -14.00 -30.22
C ILE A 523 -53.76 -15.08 -31.25
N ASP A 524 -53.77 -14.66 -32.53
CA ASP A 524 -53.50 -15.59 -33.60
C ASP A 524 -51.99 -15.84 -33.73
N MET A 525 -51.58 -17.04 -33.42
CA MET A 525 -50.12 -17.35 -33.34
C MET A 525 -49.65 -17.64 -34.72
N GLY A 526 -50.57 -18.03 -35.62
CA GLY A 526 -50.15 -18.54 -36.93
C GLY A 526 -49.12 -17.63 -37.68
N PRO A 527 -49.35 -16.31 -37.73
CA PRO A 527 -48.34 -15.51 -38.52
C PRO A 527 -47.04 -15.23 -37.75
N LEU A 528 -46.96 -15.64 -36.46
CA LEU A 528 -45.77 -15.35 -35.67
C LEU A 528 -44.70 -16.40 -35.76
N TYR A 529 -44.96 -17.44 -36.54
CA TYR A 529 -44.02 -18.54 -36.58
C TYR A 529 -43.06 -18.41 -37.77
N ASN A 530 -43.02 -17.26 -38.40
CA ASN A 530 -42.08 -17.06 -39.51
C ASN A 530 -40.61 -17.12 -39.08
N PRO A 531 -39.73 -17.60 -39.98
CA PRO A 531 -38.28 -17.43 -39.72
C PRO A 531 -37.92 -15.96 -39.91
N GLY A 532 -36.77 -15.56 -39.38
CA GLY A 532 -36.27 -14.19 -39.59
C GLY A 532 -35.37 -14.16 -40.81
N M3L A 533 -34.45 -13.19 -40.86
CA M3L A 533 -33.45 -13.17 -41.96
CB M3L A 533 -32.69 -11.85 -41.79
CG M3L A 533 -31.57 -11.76 -42.82
CD M3L A 533 -30.94 -10.36 -42.79
CE M3L A 533 -29.80 -10.40 -43.83
NZ M3L A 533 -28.93 -9.20 -43.81
C M3L A 533 -32.51 -14.33 -41.93
O M3L A 533 -31.88 -14.62 -40.88
CM1 M3L A 533 -27.85 -9.47 -44.80
CM2 M3L A 533 -28.32 -9.04 -42.45
CM3 M3L A 533 -29.74 -8.04 -44.18
N GLU A 534 -32.41 -15.06 -43.05
CA GLU A 534 -31.73 -16.33 -42.98
C GLU A 534 -30.25 -16.06 -43.11
N ILE A 535 -29.46 -16.65 -42.24
CA ILE A 535 -28.00 -16.56 -42.27
C ILE A 535 -27.44 -17.92 -41.92
N TYR A 536 -26.19 -18.20 -42.32
CA TYR A 536 -25.61 -19.50 -42.00
C TYR A 536 -24.51 -19.23 -41.01
N LEU A 537 -24.78 -19.58 -39.75
CA LEU A 537 -23.77 -19.37 -38.71
C LEU A 537 -22.92 -20.64 -38.68
N MLZ A 538 -21.64 -20.53 -39.06
CA MLZ A 538 -20.79 -21.71 -39.15
CB MLZ A 538 -19.44 -21.28 -39.79
CG MLZ A 538 -19.64 -20.93 -41.26
CD MLZ A 538 -18.25 -20.51 -41.81
CE MLZ A 538 -18.31 -19.99 -43.25
NZ MLZ A 538 -17.01 -20.03 -43.94
CM MLZ A 538 -16.27 -21.29 -44.10
C MLZ A 538 -20.48 -22.21 -37.78
O MLZ A 538 -20.33 -21.41 -36.83
N SER A 539 -20.38 -23.52 -37.67
CA SER A 539 -19.98 -24.15 -36.45
C SER A 539 -18.54 -23.78 -36.19
N ILE A 540 -18.13 -23.93 -34.93
CA ILE A 540 -16.70 -23.62 -34.60
C ILE A 540 -15.71 -24.47 -35.47
N SER A 541 -16.03 -25.75 -35.63
CA SER A 541 -15.24 -26.65 -36.48
C SER A 541 -15.12 -26.12 -37.93
N GLU A 542 -16.23 -25.67 -38.53
CA GLU A 542 -16.23 -25.04 -39.85
C GLU A 542 -15.41 -23.75 -39.88
N ILE A 543 -15.48 -22.96 -38.80
CA ILE A 543 -14.70 -21.74 -38.79
C ILE A 543 -13.25 -22.08 -38.69
N LYS A 544 -12.93 -23.07 -37.89
CA LYS A 544 -11.52 -23.33 -37.61
C LYS A 544 -10.80 -24.07 -38.71
N SER A 545 -11.52 -24.55 -39.71
CA SER A 545 -10.92 -25.36 -40.78
C SER A 545 -10.87 -24.67 -42.15
N LYS B 6 -18.83 -7.40 47.91
CA LYS B 6 -18.07 -6.40 48.74
C LYS B 6 -16.56 -6.75 49.00
N PRO B 7 -15.62 -5.79 48.74
CA PRO B 7 -14.18 -6.12 48.95
C PRO B 7 -13.68 -6.07 50.40
N THR B 8 -12.60 -6.80 50.71
CA THR B 8 -11.95 -6.82 52.03
C THR B 8 -10.85 -5.75 52.19
N GLU B 9 -10.77 -5.06 53.33
CA GLU B 9 -9.59 -4.18 53.55
C GLU B 9 -8.29 -4.96 53.48
N ASN B 10 -8.38 -6.19 53.98
CA ASN B 10 -7.23 -7.08 53.95
C ASN B 10 -6.82 -7.43 52.51
N ILE B 11 -5.52 -7.54 52.28
CA ILE B 11 -5.00 -8.09 51.05
C ILE B 11 -4.45 -9.48 51.38
N PRO B 12 -5.26 -10.50 51.18
CA PRO B 12 -4.72 -11.83 51.55
C PRO B 12 -3.54 -12.33 50.66
N SER B 13 -3.49 -11.85 49.41
CA SER B 13 -2.45 -12.30 48.51
C SER B 13 -2.00 -11.09 47.68
N PRO B 14 -0.95 -10.40 48.14
CA PRO B 14 -0.38 -9.22 47.47
C PRO B 14 0.05 -9.53 46.02
N ILE B 15 -0.33 -8.64 45.11
CA ILE B 15 0.04 -8.75 43.69
C ILE B 15 1.07 -7.66 43.37
N LEU B 16 0.76 -6.44 43.83
CA LEU B 16 1.51 -5.25 43.40
C LEU B 16 2.83 -5.08 44.13
N VAL B 17 3.89 -4.82 43.37
CA VAL B 17 5.23 -4.74 43.93
C VAL B 17 5.77 -3.35 43.50
N GLU B 18 6.51 -2.67 44.41
CA GLU B 18 7.00 -1.33 44.10
C GLU B 18 8.15 -1.44 43.11
N ASP B 19 8.19 -0.54 42.12
CA ASP B 19 9.26 -0.62 41.13
C ASP B 19 9.75 0.79 40.80
N LYS B 20 10.96 1.03 41.28
CA LYS B 20 11.65 2.34 41.20
C LYS B 20 11.68 2.83 39.75
N TYR B 21 12.11 1.97 38.81
CA TYR B 21 12.24 2.43 37.44
C TYR B 21 10.92 2.80 36.80
N THR B 22 9.91 1.99 37.09
CA THR B 22 8.59 2.28 36.58
C THR B 22 8.14 3.63 37.05
N GLU B 23 8.33 3.85 38.34
CA GLU B 23 7.84 5.09 38.97
C GLU B 23 8.56 6.32 38.41
N GLU B 24 9.90 6.22 38.31
CA GLU B 24 10.76 7.29 37.73
C GLU B 24 10.34 7.61 36.31
N THR B 25 10.02 6.59 35.51
CA THR B 25 9.54 6.87 34.14
C THR B 25 8.24 7.68 34.07
N TYR B 26 7.28 7.35 34.94
CA TYR B 26 6.01 8.01 34.87
C TYR B 26 6.22 9.52 35.04
N SER B 27 7.20 9.89 35.86
CA SER B 27 7.42 11.33 36.14
C SER B 27 8.24 12.08 35.12
N ARG B 28 8.81 11.40 34.12
CA ARG B 28 9.48 12.14 33.06
C ARG B 28 8.54 13.11 32.35
N PRO B 29 9.05 14.29 31.97
CA PRO B 29 8.27 15.25 31.21
C PRO B 29 7.73 14.67 29.87
N ASP B 30 8.54 13.84 29.20
CA ASP B 30 8.08 13.25 27.94
C ASP B 30 7.19 12.01 28.12
N VAL B 31 6.88 11.65 29.37
CA VAL B 31 5.96 10.52 29.65
C VAL B 31 4.71 11.08 30.37
N ASN B 32 4.93 11.62 31.57
CA ASN B 32 3.88 12.32 32.33
C ASN B 32 2.63 11.45 32.53
N PHE B 33 2.86 10.21 32.96
CA PHE B 33 1.73 9.27 33.02
C PHE B 33 1.15 9.41 34.41
N LYS B 34 -0.13 9.72 34.51
CA LYS B 34 -0.87 9.56 35.76
C LYS B 34 -1.70 8.27 35.69
N GLU B 35 -1.73 7.57 36.82
CA GLU B 35 -2.58 6.34 36.98
C GLU B 35 -4.06 6.44 36.61
N ASP B 36 -4.67 7.61 36.77
CA ASP B 36 -6.06 7.79 36.40
C ASP B 36 -6.25 8.08 34.92
N GLY B 37 -5.16 8.04 34.15
CA GLY B 37 -5.26 8.23 32.69
C GLY B 37 -5.48 9.64 32.21
N SER B 38 -5.26 10.63 33.10
CA SER B 38 -5.65 12.01 32.82
C SER B 38 -4.60 12.85 32.08
N GLN B 39 -3.44 12.27 31.82
CA GLN B 39 -2.32 13.03 31.27
C GLN B 39 -1.75 12.18 30.12
N GLY B 40 -0.48 11.81 30.20
CA GLY B 40 0.20 11.04 29.13
C GLY B 40 -0.51 9.69 28.95
N ASN B 41 -0.70 9.26 27.70
CA ASN B 41 -1.50 8.03 27.45
C ASN B 41 -0.66 6.77 27.57
N LEU B 42 0.68 6.89 27.62
CA LEU B 42 1.53 5.68 27.69
C LEU B 42 2.30 5.57 29.00
N SER B 43 2.23 4.40 29.65
CA SER B 43 2.82 4.25 30.98
C SER B 43 4.23 3.81 30.96
N TYR B 44 4.55 2.91 30.01
CA TYR B 44 5.82 2.19 29.98
C TYR B 44 6.08 1.28 31.17
N THR B 45 5.01 0.96 31.87
CA THR B 45 5.13 0.08 33.04
C THR B 45 5.93 -1.21 32.73
N ALA B 46 6.84 -1.61 33.61
CA ALA B 46 7.55 -2.87 33.52
C ALA B 46 6.74 -3.96 34.23
N THR B 47 6.96 -5.22 33.84
CA THR B 47 6.25 -6.37 34.42
C THR B 47 6.61 -6.58 35.91
N ARG B 48 7.73 -6.02 36.33
CA ARG B 48 8.17 -6.11 37.74
C ARG B 48 7.13 -5.64 38.76
N VAL B 49 6.11 -4.91 38.30
CA VAL B 49 5.13 -4.33 39.22
C VAL B 49 4.17 -5.35 39.80
N CYS B 50 4.20 -6.55 39.23
CA CYS B 50 3.33 -7.66 39.69
C CYS B 50 4.20 -8.82 40.12
N ALA B 51 3.85 -9.36 41.28
CA ALA B 51 4.48 -10.56 41.84
C ALA B 51 4.00 -11.77 41.02
N PRO B 52 4.74 -12.90 40.98
CA PRO B 52 4.12 -14.07 40.24
C PRO B 52 2.94 -14.64 41.02
N MET B 53 1.74 -14.76 40.42
CA MET B 53 0.56 -15.19 41.17
C MET B 53 0.10 -16.61 40.74
N TYR B 54 0.99 -17.41 40.18
CA TYR B 54 0.57 -18.72 39.61
C TYR B 54 0.17 -19.62 40.74
N ASN B 55 -1.03 -20.21 40.63
CA ASN B 55 -1.39 -21.37 41.46
C ASN B 55 -0.85 -22.66 40.81
N HIS B 56 -0.76 -23.73 41.57
CA HIS B 56 -0.30 -25.00 41.01
C HIS B 56 -1.48 -25.94 40.86
N TYR B 57 -1.68 -26.46 39.63
CA TYR B 57 -2.80 -27.33 39.32
C TYR B 57 -2.28 -28.69 38.95
N VAL B 58 -3.11 -29.68 39.26
CA VAL B 58 -2.76 -31.07 39.00
C VAL B 58 -2.76 -31.36 37.48
N GLY B 59 -1.72 -31.98 36.93
CA GLY B 59 -1.78 -32.43 35.53
C GLY B 59 -3.01 -33.32 35.26
N ASP B 60 -3.56 -33.23 34.05
CA ASP B 60 -4.65 -34.13 33.67
C ASP B 60 -4.69 -34.24 32.13
N LYS B 61 -4.27 -35.38 31.59
CA LYS B 61 -4.26 -35.65 30.13
C LYS B 61 -5.61 -35.56 29.48
N THR B 62 -6.69 -35.67 30.26
CA THR B 62 -8.00 -35.74 29.65
C THR B 62 -8.59 -34.36 29.47
N M3L B 63 -7.88 -33.32 29.98
CA M3L B 63 -8.38 -31.96 29.84
CB M3L B 63 -8.09 -31.25 31.15
CG M3L B 63 -8.77 -32.05 32.28
CD M3L B 63 -9.32 -31.16 33.40
CE M3L B 63 -9.60 -32.03 34.65
NZ M3L B 63 -10.89 -32.78 34.58
C M3L B 63 -7.75 -31.15 28.68
O M3L B 63 -6.65 -31.48 28.24
CM1 M3L B 63 -11.01 -33.84 33.49
CM2 M3L B 63 -12.02 -31.83 34.40
CM3 M3L B 63 -11.06 -33.49 35.87
N PRO B 64 -8.46 -30.14 28.14
CA PRO B 64 -7.75 -29.35 27.09
C PRO B 64 -6.48 -28.72 27.64
N LYS B 65 -5.58 -28.37 26.73
CA LYS B 65 -4.23 -27.88 27.05
C LYS B 65 -4.24 -26.37 27.34
N LEU B 66 -3.28 -25.90 28.13
CA LEU B 66 -3.11 -24.44 28.29
C LEU B 66 -1.74 -24.12 27.67
N SER B 67 -1.74 -23.34 26.58
CA SER B 67 -0.46 -22.90 26.02
C SER B 67 -0.31 -21.37 26.20
N ALA B 68 0.93 -20.91 26.00
CA ALA B 68 1.22 -19.45 26.09
C ALA B 68 2.29 -19.08 25.07
N TYR B 69 2.12 -17.94 24.42
CA TYR B 69 3.26 -17.40 23.65
C TYR B 69 4.21 -16.74 24.62
N ILE B 70 5.51 -16.72 24.28
CA ILE B 70 6.46 -15.83 24.94
C ILE B 70 7.34 -15.18 23.88
N THR B 71 7.53 -13.87 23.96
CA THR B 71 8.24 -13.17 22.88
C THR B 71 9.73 -13.04 23.24
N ASP B 72 10.61 -12.85 22.24
CA ASP B 72 12.02 -12.74 22.52
C ASP B 72 12.43 -11.32 22.94
N TRP B 73 11.47 -10.37 22.94
CA TRP B 73 11.83 -8.98 23.26
C TRP B 73 11.30 -8.64 24.63
N CYS B 74 10.47 -9.50 25.24
CA CYS B 74 9.92 -9.08 26.53
C CYS B 74 11.01 -8.98 27.66
N GLN B 75 12.11 -9.71 27.48
CA GLN B 75 13.22 -9.76 28.44
C GLN B 75 13.88 -8.39 28.65
N TYR B 76 13.87 -7.50 27.64
CA TYR B 76 14.55 -6.21 27.77
C TYR B 76 13.91 -5.21 28.69
N ASP B 77 14.76 -4.55 29.47
CA ASP B 77 14.36 -3.27 30.04
C ASP B 77 15.68 -2.52 30.32
N ALA B 78 16.10 -1.70 29.36
CA ALA B 78 17.36 -0.94 29.45
C ALA B 78 17.37 0.05 30.65
N ARG B 79 16.19 0.32 31.24
CA ARG B 79 16.19 1.07 32.54
C ARG B 79 17.00 0.35 33.63
N LEU B 80 17.09 -0.97 33.54
CA LEU B 80 17.88 -1.70 34.52
C LEU B 80 19.37 -1.33 34.44
N ASP B 81 19.78 -0.74 33.33
CA ASP B 81 21.18 -0.32 33.12
C ASP B 81 21.36 1.19 33.06
N GLY B 82 20.41 1.95 33.60
CA GLY B 82 20.49 3.38 33.64
C GLY B 82 19.81 4.07 32.47
N GLY B 83 19.17 3.31 31.58
CA GLY B 83 18.40 3.92 30.46
C GLY B 83 17.04 4.52 30.84
N GLY B 84 16.23 4.86 29.83
CA GLY B 84 14.98 5.54 30.06
C GLY B 84 14.81 6.79 29.25
N SER B 85 15.91 7.43 28.85
CA SER B 85 15.76 8.69 28.07
C SER B 85 15.18 8.50 26.66
N LYS B 86 15.43 7.35 26.02
CA LYS B 86 14.82 7.04 24.71
C LYS B 86 13.60 6.12 24.93
N GLU B 87 12.50 6.29 24.17
CA GLU B 87 11.33 5.38 24.34
C GLU B 87 11.73 3.87 24.37
N GLU B 88 12.62 3.45 23.46
CA GLU B 88 12.96 2.02 23.31
C GLU B 88 13.69 1.41 24.52
N GLU B 89 14.24 2.27 25.38
CA GLU B 89 14.94 1.84 26.59
C GLU B 89 13.97 1.48 27.77
N ARG B 90 12.66 1.75 27.62
CA ARG B 90 11.71 1.52 28.72
C ARG B 90 11.00 0.19 28.43
N GLY B 91 11.62 -0.93 28.79
CA GLY B 91 11.13 -2.24 28.37
C GLY B 91 10.25 -2.97 29.42
N ARG B 92 9.70 -4.11 29.02
CA ARG B 92 8.82 -4.90 29.91
C ARG B 92 9.60 -5.59 31.00
N GLY B 93 10.84 -5.97 30.71
CA GLY B 93 11.66 -6.68 31.65
C GLY B 93 11.00 -7.97 32.18
N PHE B 94 10.30 -8.72 31.32
CA PHE B 94 9.69 -9.97 31.81
C PHE B 94 10.75 -10.99 32.21
N ASP B 95 10.69 -11.44 33.47
CA ASP B 95 11.77 -12.31 33.91
C ASP B 95 11.34 -13.78 33.89
N LEU B 96 11.97 -14.57 33.00
CA LEU B 96 11.67 -15.98 32.83
C LEU B 96 11.86 -16.79 34.13
N ALA B 97 12.70 -16.29 35.06
CA ALA B 97 12.77 -16.98 36.38
C ALA B 97 11.42 -17.11 37.12
N THR B 98 10.44 -16.21 36.88
CA THR B 98 9.11 -16.36 37.47
C THR B 98 8.46 -17.69 37.05
N LEU B 99 8.73 -18.12 35.80
CA LEU B 99 8.31 -19.45 35.34
C LEU B 99 9.26 -20.60 35.72
N MET B 100 10.57 -20.32 35.78
CA MET B 100 11.51 -21.24 36.37
C MET B 100 11.05 -21.68 37.77
N GLN B 101 10.45 -20.76 38.52
CA GLN B 101 10.03 -21.01 39.88
C GLN B 101 8.68 -21.72 39.90
N ASN B 102 8.00 -21.73 38.74
CA ASN B 102 6.64 -22.26 38.59
C ASN B 102 6.55 -23.01 37.25
N PRO B 103 7.45 -23.99 37.05
CA PRO B 103 7.73 -24.61 35.73
C PRO B 103 6.57 -25.43 35.14
N ALA B 104 5.53 -25.74 35.93
CA ALA B 104 4.35 -26.48 35.42
C ALA B 104 3.21 -25.56 34.98
N THR B 105 3.46 -24.26 34.96
CA THR B 105 2.36 -23.39 34.76
C THR B 105 1.67 -23.58 33.42
N TYR B 106 2.45 -23.82 32.36
CA TYR B 106 1.88 -23.96 31.00
C TYR B 106 2.24 -25.32 30.45
N ASP B 107 1.33 -25.88 29.65
CA ASP B 107 1.56 -27.20 29.00
C ASP B 107 2.46 -27.03 27.77
N ARG B 108 2.38 -25.86 27.17
CA ARG B 108 3.19 -25.55 25.98
C ARG B 108 3.58 -24.07 26.01
N LEU B 109 4.85 -23.79 25.75
CA LEU B 109 5.28 -22.40 25.54
C LEU B 109 5.68 -22.21 24.09
N ILE B 110 5.28 -21.06 23.52
CA ILE B 110 5.56 -20.82 22.08
C ILE B 110 6.60 -19.67 21.95
N PHE B 111 7.82 -20.04 21.59
CA PHE B 111 8.92 -19.07 21.40
C PHE B 111 8.48 -18.24 20.17
N SER B 112 8.53 -16.92 20.27
CA SER B 112 8.08 -16.10 19.14
C SER B 112 8.90 -14.82 19.08
N PHE B 113 9.14 -14.25 17.89
CA PHE B 113 8.84 -14.79 16.57
C PHE B 113 10.10 -14.86 15.70
N LEU B 114 10.21 -15.91 14.88
CA LEU B 114 11.24 -15.91 13.83
C LEU B 114 10.66 -15.12 12.64
N GLY B 115 11.56 -14.58 11.82
CA GLY B 115 11.11 -13.90 10.63
C GLY B 115 11.58 -14.62 9.42
N ILE B 116 11.38 -13.97 8.26
CA ILE B 116 11.63 -14.69 7.01
C ILE B 116 12.44 -13.77 6.10
N CYS B 117 13.47 -14.32 5.42
CA CYS B 117 14.23 -13.51 4.44
C CYS B 117 13.25 -13.14 3.32
N GLY B 118 13.19 -11.85 3.01
CA GLY B 118 12.21 -11.39 2.02
C GLY B 118 11.23 -10.41 2.69
N ASP B 119 11.14 -10.50 4.02
CA ASP B 119 10.30 -9.53 4.78
C ASP B 119 10.46 -8.07 4.28
N ILE B 120 9.35 -7.38 4.04
CA ILE B 120 9.43 -5.94 3.70
C ILE B 120 8.81 -5.01 4.71
N GLY B 121 8.42 -5.55 5.86
CA GLY B 121 7.72 -4.75 6.88
C GLY B 121 8.55 -3.88 7.77
N ASN B 122 7.95 -3.48 8.92
CA ASN B 122 8.63 -2.56 9.85
C ASN B 122 9.93 -3.12 10.47
N MLY B 123 10.11 -4.45 10.45
CA MLY B 123 11.38 -5.03 10.97
CB MLY B 123 11.07 -6.27 11.87
CG MLY B 123 10.32 -5.73 13.08
CD MLY B 123 9.83 -6.94 13.97
CE MLY B 123 9.25 -6.30 15.25
NZ MLY B 123 8.72 -7.28 16.24
CH1 MLY B 123 7.94 -8.49 15.87
CH2 MLY B 123 8.72 -6.90 17.65
C MLY B 123 12.26 -5.51 9.85
O MLY B 123 13.22 -6.30 10.09
N SER B 124 11.99 -5.08 8.59
CA SER B 124 12.77 -5.76 7.51
C SER B 124 14.23 -5.39 7.59
N LYS B 125 14.57 -4.23 8.13
CA LYS B 125 16.04 -3.88 8.28
C LYS B 125 16.78 -4.89 9.15
N LYS B 126 16.12 -5.29 10.23
CA LYS B 126 16.68 -6.31 11.15
C LYS B 126 16.76 -7.66 10.45
N VAL B 127 15.72 -8.00 9.67
CA VAL B 127 15.72 -9.32 8.99
C VAL B 127 16.93 -9.29 8.04
N GLN B 128 17.11 -8.18 7.33
CA GLN B 128 18.22 -8.01 6.36
C GLN B 128 19.57 -8.15 7.06
N GLU B 129 19.75 -7.48 8.18
CA GLU B 129 20.95 -7.59 8.94
C GLU B 129 21.32 -9.05 9.35
N VAL B 130 20.33 -9.78 9.84
CA VAL B 130 20.62 -11.16 10.23
C VAL B 130 20.89 -12.03 8.98
N TRP B 131 20.12 -11.78 7.92
CA TRP B 131 20.26 -12.53 6.67
C TRP B 131 21.71 -12.34 6.14
N ASP B 132 22.14 -11.08 6.08
CA ASP B 132 23.53 -10.76 5.60
C ASP B 132 24.58 -11.37 6.50
N GLY B 133 24.35 -11.27 7.82
CA GLY B 133 25.27 -11.85 8.82
C GLY B 133 25.38 -13.35 8.65
N TRP B 134 24.26 -14.06 8.45
CA TRP B 134 24.30 -15.48 8.20
C TRP B 134 25.20 -15.77 6.95
N ASN B 135 24.95 -15.00 5.86
CA ASN B 135 25.66 -15.23 4.61
C ASN B 135 27.13 -14.85 4.69
N ALA B 136 27.47 -13.85 5.51
CA ALA B 136 28.85 -13.47 5.88
C ALA B 136 29.62 -14.63 6.58
N GLN B 137 28.93 -15.33 7.48
CA GLN B 137 29.57 -16.42 8.24
C GLN B 137 29.56 -17.75 7.55
N ALA B 138 28.62 -17.95 6.64
CA ALA B 138 28.34 -19.28 6.14
C ALA B 138 29.59 -20.00 5.54
N PRO B 139 30.39 -19.29 4.69
CA PRO B 139 31.52 -20.02 4.01
C PRO B 139 32.55 -20.59 5.00
N SER B 140 32.87 -19.82 6.05
CA SER B 140 33.75 -20.28 7.16
C SER B 140 33.28 -21.56 7.83
N LEU B 141 31.98 -21.72 7.94
CA LEU B 141 31.42 -22.88 8.61
C LEU B 141 31.04 -23.98 7.62
N GLY B 142 31.30 -23.78 6.35
CA GLY B 142 31.01 -24.82 5.32
C GLY B 142 29.50 -24.99 5.02
N LEU B 143 28.75 -23.91 5.28
CA LEU B 143 27.29 -23.90 5.13
C LEU B 143 26.96 -23.17 3.83
N PRO B 144 25.83 -23.52 3.15
CA PRO B 144 25.47 -22.73 1.95
C PRO B 144 24.90 -21.35 2.32
N GLN B 145 24.81 -20.51 1.30
CA GLN B 145 24.23 -19.16 1.39
C GLN B 145 22.76 -19.37 1.58
N ILE B 146 22.08 -18.40 2.18
CA ILE B 146 20.61 -18.50 2.27
C ILE B 146 19.90 -17.45 1.44
N GLY B 147 18.68 -17.76 1.04
CA GLY B 147 17.93 -16.82 0.21
C GLY B 147 16.54 -16.53 0.74
N MLY B 148 15.76 -15.83 -0.09
CA MLY B 148 14.40 -15.54 0.31
CB MLY B 148 13.68 -14.80 -0.84
CG MLY B 148 14.22 -13.36 -0.89
CD MLY B 148 13.32 -12.59 -1.90
CE MLY B 148 14.02 -12.03 -3.11
NZ MLY B 148 13.11 -11.09 -3.80
CH1 MLY B 148 11.79 -11.46 -4.25
CH2 MLY B 148 13.61 -9.74 -4.00
C MLY B 148 13.65 -16.82 0.69
O MLY B 148 13.70 -17.89 0.01
N GLY B 149 12.86 -16.70 1.72
CA GLY B 149 12.03 -17.85 2.11
C GLY B 149 12.66 -18.48 3.38
N HIS B 150 13.91 -18.23 3.65
CA HIS B 150 14.57 -18.93 4.75
C HIS B 150 14.23 -18.25 6.06
N ILE B 151 13.87 -19.01 7.09
CA ILE B 151 13.59 -18.35 8.38
C ILE B 151 14.87 -17.96 9.08
N VAL B 152 14.81 -16.89 9.87
CA VAL B 152 15.94 -16.37 10.60
C VAL B 152 15.47 -15.82 11.95
N PRO B 153 16.36 -15.79 12.96
CA PRO B 153 16.05 -15.13 14.24
C PRO B 153 16.07 -13.65 14.05
N LEU B 154 15.29 -12.92 14.80
CA LEU B 154 15.26 -11.47 14.66
C LEU B 154 16.32 -10.90 15.56
N ASP B 155 16.76 -11.67 16.55
CA ASP B 155 17.56 -11.03 17.64
C ASP B 155 18.61 -12.03 18.19
N PRO B 156 19.73 -12.21 17.48
CA PRO B 156 20.68 -13.22 17.86
C PRO B 156 21.09 -13.07 19.33
N TYR B 157 21.28 -11.83 19.78
CA TYR B 157 21.75 -11.62 21.14
C TYR B 157 20.69 -12.08 22.15
N GLY B 158 19.46 -11.61 21.92
CA GLY B 158 18.35 -11.91 22.84
C GLY B 158 17.98 -13.37 22.78
N ASP B 159 18.17 -13.96 21.61
CA ASP B 159 17.82 -15.32 21.36
C ASP B 159 18.84 -16.32 21.87
N LEU B 160 20.12 -15.95 21.88
CA LEU B 160 21.22 -16.89 22.11
C LEU B 160 22.27 -16.42 23.11
N GLY B 161 22.21 -15.15 23.51
CA GLY B 161 23.36 -14.60 24.18
C GLY B 161 23.12 -13.93 25.53
N THR B 162 21.89 -13.65 25.90
CA THR B 162 21.62 -12.90 27.14
C THR B 162 21.53 -13.89 28.30
N ALA B 163 21.48 -13.39 29.54
CA ALA B 163 21.18 -14.23 30.72
C ALA B 163 20.19 -13.53 31.65
N ARG B 164 20.24 -12.21 31.76
CA ARG B 164 19.28 -11.54 32.66
C ARG B 164 17.92 -11.79 32.08
N ASN B 165 16.99 -12.22 32.94
CA ASN B 165 15.58 -12.33 32.57
C ASN B 165 15.26 -13.52 31.69
N VAL B 166 16.27 -14.33 31.37
CA VAL B 166 16.01 -15.59 30.68
C VAL B 166 16.32 -16.78 31.58
N GLY B 167 16.47 -16.53 32.90
CA GLY B 167 16.62 -17.64 33.88
C GLY B 167 17.96 -18.37 33.79
N LEU B 168 19.02 -17.67 33.37
CA LEU B 168 20.31 -18.33 33.20
C LEU B 168 21.33 -17.67 34.11
N PRO B 169 22.43 -18.39 34.40
CA PRO B 169 23.50 -17.77 35.20
C PRO B 169 24.12 -16.55 34.53
N PRO B 170 24.46 -15.50 35.32
CA PRO B 170 25.13 -14.35 34.67
C PRO B 170 26.41 -14.73 33.89
N GLU B 171 27.10 -15.77 34.34
CA GLU B 171 28.30 -16.27 33.66
C GLU B 171 27.99 -16.62 32.19
N SER B 172 26.76 -17.09 31.95
CA SER B 172 26.29 -17.51 30.61
C SER B 172 26.07 -16.38 29.59
N ALA B 173 25.80 -15.15 30.05
CA ALA B 173 25.74 -14.00 29.12
C ALA B 173 26.91 -14.01 28.09
N ASP B 174 26.68 -13.66 26.83
CA ASP B 174 27.80 -13.60 25.87
C ASP B 174 27.56 -12.46 24.91
N THR B 175 28.23 -11.35 25.18
CA THR B 175 28.01 -10.10 24.51
C THR B 175 28.67 -10.06 23.12
N SER B 176 29.47 -11.06 22.79
CA SER B 176 30.03 -11.14 21.44
C SER B 176 29.02 -11.61 20.37
N ILE B 177 27.92 -12.23 20.78
CA ILE B 177 26.86 -12.71 19.84
C ILE B 177 26.10 -11.55 19.19
N GLU B 178 26.17 -11.47 17.87
CA GLU B 178 25.53 -10.41 17.09
C GLU B 178 25.28 -11.04 15.72
N SER B 179 24.66 -10.29 14.80
CA SER B 179 24.39 -10.79 13.44
C SER B 179 25.57 -11.38 12.71
N GLY B 180 26.75 -10.79 12.90
CA GLY B 180 27.95 -11.23 12.20
C GLY B 180 28.62 -12.46 12.83
N THR B 181 28.12 -12.91 13.99
CA THR B 181 28.86 -13.95 14.73
C THR B 181 28.05 -15.11 15.32
N PHE B 182 26.71 -15.08 15.21
CA PHE B 182 25.86 -15.98 15.97
C PHE B 182 25.83 -17.39 15.45
N LEU B 183 26.19 -17.66 14.19
CA LEU B 183 25.84 -19.00 13.69
C LEU B 183 26.39 -20.16 14.52
N PRO B 184 27.67 -20.10 14.96
CA PRO B 184 28.12 -21.21 15.80
C PRO B 184 27.32 -21.44 17.11
N TYR B 185 26.67 -20.38 17.65
CA TYR B 185 25.89 -20.47 18.88
C TYR B 185 24.42 -20.87 18.63
N TYR B 186 24.06 -20.96 17.36
CA TYR B 186 22.67 -21.21 16.92
C TYR B 186 22.28 -22.67 17.03
N GLN B 187 22.46 -23.24 18.23
CA GLN B 187 22.13 -24.65 18.45
C GLN B 187 21.94 -24.87 19.93
N GLN B 188 21.10 -25.86 20.22
CA GLN B 188 20.57 -26.08 21.53
C GLN B 188 21.67 -26.18 22.59
N ASN B 189 22.72 -26.94 22.29
CA ASN B 189 23.75 -27.12 23.35
C ASN B 189 24.58 -25.88 23.64
N ARG B 190 24.69 -24.97 22.66
CA ARG B 190 25.50 -23.74 22.78
C ARG B 190 24.72 -22.47 23.21
N ALA B 191 23.40 -22.50 23.04
CA ALA B 191 22.59 -21.29 23.26
C ALA B 191 22.46 -20.85 24.71
N ALA B 192 22.64 -19.56 24.95
CA ALA B 192 22.15 -18.89 26.16
C ALA B 192 20.88 -18.16 25.69
N GLY B 193 20.56 -16.98 26.22
CA GLY B 193 19.43 -16.22 25.69
C GLY B 193 18.12 -16.91 25.94
N LEU B 194 17.06 -16.45 25.29
CA LEU B 194 15.75 -17.04 25.53
C LEU B 194 15.72 -18.48 25.12
N LEU B 195 16.35 -18.81 24.01
CA LEU B 195 16.36 -20.23 23.59
C LEU B 195 17.01 -21.15 24.65
N GLY B 196 18.18 -20.70 25.16
CA GLY B 196 18.84 -21.41 26.29
C GLY B 196 17.96 -21.45 27.55
N GLY B 197 17.33 -20.31 27.88
CA GLY B 197 16.42 -20.28 29.02
C GLY B 197 15.22 -21.23 28.87
N LEU B 198 14.65 -21.34 27.67
CA LEU B 198 13.55 -22.27 27.50
C LEU B 198 14.03 -23.72 27.60
N ARG B 199 15.24 -23.97 27.11
CA ARG B 199 15.82 -25.29 27.25
C ARG B 199 15.90 -25.63 28.74
N GLU B 200 16.27 -24.65 29.54
CA GLU B 200 16.49 -24.97 30.98
C GLU B 200 15.17 -25.04 31.67
N LEU B 201 14.21 -24.23 31.21
CA LEU B 201 12.86 -24.29 31.81
C LEU B 201 12.21 -25.63 31.56
N GLN B 202 12.39 -26.15 30.35
CA GLN B 202 11.83 -27.46 29.98
C GLN B 202 12.43 -28.53 30.91
N LYS B 203 13.75 -28.41 31.13
CA LYS B 203 14.48 -29.33 32.04
C LYS B 203 13.93 -29.30 33.44
N LYS B 204 13.66 -28.09 33.98
CA LYS B 204 13.20 -27.94 35.37
C LYS B 204 11.81 -28.52 35.50
N ALA B 205 10.96 -28.23 34.52
CA ALA B 205 9.65 -28.88 34.41
C ALA B 205 9.77 -30.39 34.44
N HIS B 206 10.62 -30.94 33.58
CA HIS B 206 10.80 -32.41 33.52
C HIS B 206 11.20 -33.00 34.89
N ALA B 207 12.14 -32.33 35.56
CA ALA B 207 12.63 -32.75 36.86
C ALA B 207 11.53 -32.68 37.94
N MET B 208 10.49 -31.86 37.75
CA MET B 208 9.38 -31.89 38.70
CA MET B 208 9.33 -31.79 38.66
C MET B 208 8.14 -32.65 38.17
N GLY B 209 8.33 -33.44 37.11
CA GLY B 209 7.25 -34.33 36.60
C GLY B 209 6.25 -33.77 35.58
N HIS B 210 6.58 -32.64 34.96
CA HIS B 210 5.66 -31.95 34.04
C HIS B 210 6.31 -31.91 32.66
N LYS B 211 5.54 -32.25 31.63
CA LYS B 211 6.09 -32.31 30.26
C LYS B 211 5.68 -30.94 29.70
N LEU B 212 6.67 -30.11 29.54
CA LEU B 212 6.48 -28.80 28.93
C LEU B 212 6.84 -28.95 27.45
N ASP B 213 5.84 -28.89 26.56
CA ASP B 213 6.19 -28.92 25.14
CA ASP B 213 6.05 -28.89 25.10
C ASP B 213 6.61 -27.51 24.75
N LEU B 214 7.56 -27.46 23.86
CA LEU B 214 8.02 -26.18 23.33
C LEU B 214 7.63 -26.07 21.86
N ALA B 215 7.17 -24.86 21.46
CA ALA B 215 6.86 -24.63 20.08
C ALA B 215 7.62 -23.37 19.66
N PHE B 216 7.91 -23.24 18.37
CA PHE B 216 8.44 -21.96 17.85
C PHE B 216 7.49 -21.43 16.80
N SER B 217 7.33 -20.12 16.80
CA SER B 217 6.39 -19.48 15.90
C SER B 217 7.18 -18.59 14.90
N ILE B 218 6.74 -18.64 13.64
CA ILE B 218 7.30 -17.82 12.61
C ILE B 218 6.20 -16.86 12.13
N GLY B 219 6.52 -15.55 12.03
CA GLY B 219 5.59 -14.51 11.54
C GLY B 219 4.98 -13.69 12.66
N GLY B 220 3.68 -13.86 12.84
CA GLY B 220 2.88 -12.93 13.66
C GLY B 220 2.60 -11.66 12.88
N TRP B 221 1.97 -10.70 13.58
CA TRP B 221 1.38 -9.57 12.88
C TRP B 221 2.44 -8.73 12.13
N SER B 222 3.67 -8.67 12.65
CA SER B 222 4.69 -7.76 12.08
C SER B 222 5.68 -8.41 11.12
N LEU B 223 5.60 -9.71 10.97
CA LEU B 223 6.61 -10.47 10.20
C LEU B 223 5.91 -11.41 9.25
N SER B 224 4.71 -11.00 8.80
CA SER B 224 3.96 -11.83 7.80
C SER B 224 4.03 -11.36 6.33
N SER B 225 4.85 -10.35 6.01
CA SER B 225 4.62 -9.69 4.73
C SER B 225 5.11 -10.54 3.60
N TYR B 226 5.95 -11.53 3.88
CA TYR B 226 6.51 -12.35 2.79
C TYR B 226 5.87 -13.75 2.63
N PHE B 227 4.99 -14.17 3.56
CA PHE B 227 4.41 -15.47 3.43
C PHE B 227 3.77 -15.69 2.03
N SER B 228 2.94 -14.72 1.58
CA SER B 228 2.25 -14.89 0.34
C SER B 228 3.25 -15.18 -0.82
N ALA B 229 4.39 -14.51 -0.82
CA ALA B 229 5.39 -14.68 -1.87
C ALA B 229 6.04 -16.05 -1.82
N LEU B 230 6.43 -16.43 -0.60
CA LEU B 230 7.11 -17.73 -0.48
C LEU B 230 6.13 -18.87 -0.80
N ALA B 231 4.84 -18.74 -0.44
CA ALA B 231 3.90 -19.84 -0.63
C ALA B 231 3.61 -20.00 -2.13
N GLU B 232 3.65 -18.88 -2.84
CA GLU B 232 3.43 -18.87 -4.29
C GLU B 232 4.59 -19.48 -5.09
N ASN B 233 5.81 -19.18 -4.70
CA ASN B 233 6.99 -19.56 -5.47
C ASN B 233 7.51 -20.90 -4.91
N PRO B 234 7.30 -21.99 -5.67
CA PRO B 234 7.70 -23.32 -5.20
C PRO B 234 9.18 -23.39 -4.78
N ASP B 235 10.09 -22.64 -5.40
CA ASP B 235 11.51 -22.70 -4.97
C ASP B 235 11.72 -22.08 -3.57
N GLU B 236 11.00 -20.97 -3.30
CA GLU B 236 11.05 -20.34 -1.99
C GLU B 236 10.24 -21.12 -0.94
N ARG B 237 9.19 -21.80 -1.36
CA ARG B 237 8.37 -22.56 -0.41
C ARG B 237 9.23 -23.70 0.13
N ARG B 238 10.04 -24.30 -0.76
CA ARG B 238 10.88 -25.42 -0.37
C ARG B 238 12.02 -24.93 0.49
N VAL B 239 12.54 -23.72 0.24
CA VAL B 239 13.59 -23.16 1.13
C VAL B 239 12.99 -22.88 2.51
N PHE B 240 11.77 -22.39 2.53
CA PHE B 240 11.10 -22.16 3.85
C PHE B 240 10.96 -23.49 4.62
N VAL B 241 10.43 -24.50 3.96
CA VAL B 241 10.16 -25.81 4.60
C VAL B 241 11.47 -26.37 5.14
N ALA B 242 12.51 -26.32 4.31
CA ALA B 242 13.81 -26.81 4.70
C ALA B 242 14.38 -26.10 5.90
N SER B 243 14.18 -24.78 5.96
CA SER B 243 14.67 -24.03 7.08
C SER B 243 13.88 -24.35 8.35
N VAL B 244 12.64 -24.79 8.22
CA VAL B 244 11.89 -25.14 9.41
C VAL B 244 12.46 -26.49 9.95
N VAL B 245 12.67 -27.45 9.05
CA VAL B 245 13.26 -28.73 9.48
C VAL B 245 14.59 -28.48 10.14
N ASP B 246 15.41 -27.60 9.55
CA ASP B 246 16.75 -27.29 10.06
C ASP B 246 16.65 -26.67 11.44
N PHE B 247 15.65 -25.82 11.66
CA PHE B 247 15.51 -25.25 13.00
C PHE B 247 15.28 -26.37 14.10
N PHE B 248 14.42 -27.32 13.79
CA PHE B 248 14.14 -28.49 14.70
C PHE B 248 15.41 -29.36 14.87
N VAL B 249 16.20 -29.47 13.79
CA VAL B 249 17.50 -30.17 13.96
C VAL B 249 18.43 -29.40 14.93
N ARG B 250 18.46 -28.07 14.83
CA ARG B 250 19.28 -27.25 15.72
C ARG B 250 18.78 -27.22 17.13
N PHE B 251 17.46 -27.22 17.29
CA PHE B 251 16.82 -27.14 18.60
C PHE B 251 15.80 -28.26 18.72
N PRO B 252 16.30 -29.51 18.93
CA PRO B 252 15.38 -30.66 19.05
C PRO B 252 14.41 -30.60 20.26
N MET B 253 14.64 -29.64 21.16
CA MET B 253 13.67 -29.41 22.24
C MET B 253 12.27 -29.04 21.78
N PHE B 254 12.18 -28.51 20.57
CA PHE B 254 10.89 -28.11 20.05
C PHE B 254 10.15 -29.27 19.50
N SER B 255 8.83 -29.35 19.80
CA SER B 255 7.98 -30.42 19.30
C SER B 255 6.92 -29.93 18.32
N CYS B 256 6.82 -28.59 18.16
CA CYS B 256 5.74 -28.03 17.37
C CYS B 256 6.23 -26.77 16.65
N VAL B 257 5.76 -26.55 15.43
CA VAL B 257 6.03 -25.28 14.75
C VAL B 257 4.74 -24.56 14.52
N ASP B 258 4.70 -23.23 14.78
CA ASP B 258 3.45 -22.45 14.55
C ASP B 258 3.71 -21.53 13.36
N ILE B 259 2.94 -21.67 12.29
CA ILE B 259 3.06 -20.79 11.13
C ILE B 259 2.04 -19.71 11.38
N ASP B 260 2.50 -18.56 11.86
CA ASP B 260 1.54 -17.50 12.19
C ASP B 260 1.51 -16.51 11.01
N TRP B 261 0.97 -17.00 9.90
CA TRP B 261 0.76 -16.14 8.72
C TRP B 261 -0.51 -15.36 8.93
N GLU B 262 -0.38 -14.05 9.23
CA GLU B 262 -1.54 -13.25 9.53
C GLU B 262 -1.81 -12.21 8.42
N TYR B 263 -2.68 -12.46 7.43
CA TYR B 263 -3.46 -13.73 7.22
C TYR B 263 -3.53 -13.97 5.72
N PRO B 264 -3.64 -15.23 5.28
CA PRO B 264 -3.90 -15.59 3.87
C PRO B 264 -5.05 -14.76 3.32
N GLY B 265 -4.83 -14.15 2.16
CA GLY B 265 -5.84 -13.42 1.46
C GLY B 265 -5.89 -11.95 1.83
N GLY B 266 -5.10 -11.52 2.82
CA GLY B 266 -5.10 -10.11 3.25
C GLY B 266 -5.77 -9.97 4.60
N GLY B 267 -6.07 -8.76 4.99
CA GLY B 267 -6.70 -8.60 6.33
C GLY B 267 -5.72 -8.73 7.50
N GLY B 268 -4.43 -8.77 7.19
CA GLY B 268 -3.41 -8.51 8.23
C GLY B 268 -2.83 -7.08 8.02
N ASP B 269 -1.55 -6.90 8.30
CA ASP B 269 -0.92 -5.64 8.12
C ASP B 269 -1.08 -5.22 6.66
N GLU B 270 -1.39 -3.94 6.41
CA GLU B 270 -1.78 -3.61 5.00
C GLU B 270 -0.55 -3.68 4.09
N GLY B 271 0.67 -3.69 4.64
CA GLY B 271 1.78 -3.82 3.74
C GLY B 271 2.15 -5.25 3.34
N ASN B 272 1.38 -6.24 3.80
CA ASN B 272 1.75 -7.66 3.49
C ASN B 272 1.46 -7.93 2.05
N ILE B 273 2.32 -8.74 1.45
CA ILE B 273 1.97 -9.30 0.15
C ILE B 273 0.76 -10.21 0.31
N SER B 274 -0.18 -10.17 -0.62
CA SER B 274 -1.34 -11.09 -0.54
C SER B 274 -1.82 -11.42 -1.92
N SER B 275 -2.64 -12.48 -2.00
CA SER B 275 -3.09 -12.97 -3.29
C SER B 275 -4.36 -13.77 -3.08
N ASP B 276 -5.18 -13.78 -4.11
CA ASP B 276 -6.32 -14.70 -4.16
C ASP B 276 -5.92 -16.16 -4.06
N MLY B 277 -4.70 -16.47 -4.48
CA MLY B 277 -4.22 -17.88 -4.36
CB MLY B 277 -3.06 -18.09 -5.32
CG MLY B 277 -3.41 -17.88 -6.80
CD MLY B 277 -2.20 -17.98 -7.76
CE MLY B 277 -1.77 -19.46 -7.89
NZ MLY B 277 -0.64 -19.67 -8.81
CH1 MLY B 277 0.14 -20.89 -8.65
CH2 MLY B 277 -0.34 -18.77 -9.93
C MLY B 277 -3.65 -18.23 -3.00
O MLY B 277 -3.16 -19.36 -2.83
N ASP B 278 -3.63 -17.29 -2.04
CA ASP B 278 -2.95 -17.60 -0.74
C ASP B 278 -3.49 -18.89 -0.10
N GLY B 279 -4.82 -19.10 -0.09
CA GLY B 279 -5.40 -20.26 0.60
C GLY B 279 -4.94 -21.55 -0.07
N GLU B 280 -5.10 -21.58 -1.38
CA GLU B 280 -4.58 -22.73 -2.16
C GLU B 280 -3.08 -22.99 -1.99
N ASN B 281 -2.26 -21.95 -2.04
CA ASN B 281 -0.82 -22.09 -1.81
C ASN B 281 -0.50 -22.51 -0.36
N TYR B 282 -1.30 -22.04 0.62
CA TYR B 282 -1.10 -22.47 2.01
C TYR B 282 -1.24 -23.99 2.15
N VAL B 283 -2.15 -24.59 1.37
CA VAL B 283 -2.44 -26.06 1.44
C VAL B 283 -1.14 -26.75 0.94
N LEU B 284 -0.59 -26.23 -0.15
CA LEU B 284 0.69 -26.72 -0.69
C LEU B 284 1.83 -26.64 0.33
N LEU B 285 1.92 -25.52 1.03
CA LEU B 285 2.96 -25.31 2.01
C LEU B 285 2.77 -26.31 3.13
N ILE B 286 1.55 -26.52 3.61
CA ILE B 286 1.38 -27.36 4.82
C ILE B 286 1.59 -28.84 4.40
N MLY B 287 1.24 -29.20 3.17
CA MLY B 287 1.48 -30.57 2.68
CB MLY B 287 0.99 -30.74 1.25
CG MLY B 287 -0.49 -31.07 1.13
CD MLY B 287 -0.97 -30.89 -0.33
CE MLY B 287 -2.27 -31.67 -0.53
NZ MLY B 287 -2.95 -31.41 -1.82
CH1 MLY B 287 -2.75 -30.17 -2.58
CH2 MLY B 287 -3.93 -32.36 -2.36
C MLY B 287 2.92 -30.82 2.67
O MLY B 287 3.41 -31.89 3.08
N GLU B 288 3.67 -29.87 2.15
CA GLU B 288 5.12 -30.05 2.02
C GLU B 288 5.82 -30.02 3.35
N LEU B 289 5.28 -29.23 4.28
CA LEU B 289 5.90 -29.19 5.57
C LEU B 289 5.61 -30.55 6.34
N ARG B 290 4.38 -31.06 6.26
CA ARG B 290 4.00 -32.30 6.91
C ARG B 290 4.91 -33.46 6.44
N SER B 291 5.11 -33.55 5.12
CA SER B 291 5.96 -34.65 4.60
C SER B 291 7.45 -34.43 4.95
N ALA B 292 7.93 -33.20 4.97
CA ALA B 292 9.33 -33.00 5.33
C ALA B 292 9.56 -33.30 6.82
N LEU B 293 8.64 -32.86 7.69
CA LEU B 293 8.79 -33.10 9.11
C LEU B 293 8.70 -34.60 9.40
N ASP B 294 7.73 -35.27 8.79
CA ASP B 294 7.43 -36.68 9.07
C ASP B 294 8.57 -37.55 8.52
N SER B 295 9.16 -37.16 7.41
CA SER B 295 10.25 -37.95 6.82
CA SER B 295 10.27 -37.94 6.83
C SER B 295 11.53 -37.84 7.69
N ARG B 296 11.71 -36.71 8.40
CA ARG B 296 12.91 -36.49 9.23
C ARG B 296 12.74 -36.84 10.72
N PHE B 297 11.49 -36.77 11.19
CA PHE B 297 11.15 -36.89 12.62
C PHE B 297 9.92 -37.80 12.69
N GLY B 298 10.12 -39.06 13.05
CA GLY B 298 8.95 -39.93 13.04
C GLY B 298 8.57 -40.46 14.42
N TYR B 299 7.37 -41.05 14.49
CA TYR B 299 6.98 -41.91 15.65
C TYR B 299 6.99 -41.09 16.93
N SER B 300 7.81 -41.45 17.92
CA SER B 300 7.78 -40.70 19.19
C SER B 300 8.35 -39.28 19.07
N ASN B 301 9.13 -39.04 17.99
CA ASN B 301 9.71 -37.76 17.67
C ASN B 301 8.88 -36.92 16.70
N ARG B 302 7.68 -37.36 16.37
CA ARG B 302 6.81 -36.64 15.44
C ARG B 302 6.59 -35.18 15.90
N MLY B 303 6.56 -34.27 14.90
CA MLY B 303 6.39 -32.84 15.21
CB MLY B 303 7.33 -31.99 14.33
CG MLY B 303 8.83 -32.29 14.59
CD MLY B 303 9.21 -32.19 16.07
CE MLY B 303 10.70 -32.55 16.12
NZ MLY B 303 11.29 -32.69 17.45
CH1 MLY B 303 12.74 -32.47 17.52
CH2 MLY B 303 10.62 -33.33 18.61
C MLY B 303 5.02 -32.43 14.85
O MLY B 303 4.42 -32.95 13.85
N GLU B 304 4.51 -31.44 15.59
CA GLU B 304 3.18 -30.90 15.23
C GLU B 304 3.32 -29.63 14.42
N ILE B 305 2.27 -29.35 13.65
CA ILE B 305 2.15 -28.02 12.90
C ILE B 305 0.90 -27.32 13.38
N SER B 306 1.03 -26.06 13.79
CA SER B 306 -0.09 -25.24 14.14
C SER B 306 -0.08 -24.07 13.15
N ILE B 307 -1.28 -23.51 12.93
CA ILE B 307 -1.33 -22.25 12.16
C ILE B 307 -2.16 -21.26 12.91
N ALA B 308 -1.90 -19.97 12.67
CA ALA B 308 -2.82 -18.96 13.17
C ALA B 308 -4.08 -18.92 12.34
N CYS B 309 -5.22 -18.69 12.97
CA CYS B 309 -6.46 -18.52 12.21
C CYS B 309 -7.09 -17.20 12.66
N SER B 310 -7.54 -16.40 11.73
CA SER B 310 -8.26 -15.21 12.15
C SER B 310 -9.59 -15.54 12.87
N GLY B 311 -9.95 -14.64 13.81
CA GLY B 311 -11.31 -14.65 14.42
C GLY B 311 -12.43 -14.04 13.55
N VAL B 312 -12.08 -13.48 12.38
CA VAL B 312 -13.09 -13.04 11.43
C VAL B 312 -13.48 -14.08 10.37
N M3L B 313 -14.77 -14.45 10.31
CA M3L B 313 -15.16 -15.51 9.37
CB M3L B 313 -16.68 -15.83 9.21
CG M3L B 313 -17.18 -16.33 10.55
CD M3L B 313 -18.70 -16.65 10.40
CE M3L B 313 -19.54 -15.36 10.50
NZ M3L B 313 -21.01 -15.45 10.17
C M3L B 313 -14.73 -15.17 7.98
O M3L B 313 -14.23 -16.03 7.24
CM1 M3L B 313 -21.26 -16.12 8.82
CM2 M3L B 313 -21.53 -14.08 10.14
CM3 M3L B 313 -21.77 -16.20 11.21
N ALA B 314 -14.92 -13.91 7.59
CA ALA B 314 -14.60 -13.55 6.21
C ALA B 314 -13.11 -13.80 5.90
N MLY B 315 -12.20 -13.59 6.87
CA MLY B 315 -10.77 -13.85 6.66
CB MLY B 315 -9.98 -13.10 7.74
CG MLY B 315 -10.19 -11.58 7.57
CD MLY B 315 -9.29 -10.90 8.65
CE MLY B 315 -9.55 -9.39 8.76
NZ MLY B 315 -8.80 -8.65 9.81
CH1 MLY B 315 -8.89 -7.17 9.73
CH2 MLY B 315 -8.17 -9.23 11.01
C MLY B 315 -10.43 -15.32 6.73
O MLY B 315 -9.60 -15.82 5.92
N LEU B 316 -10.97 -16.01 7.72
CA LEU B 316 -10.52 -17.38 7.88
C LEU B 316 -10.96 -18.23 6.68
N LYS B 317 -12.09 -17.86 6.02
CA LYS B 317 -12.53 -18.57 4.80
C LYS B 317 -11.46 -18.60 3.74
N MLZ B 318 -10.60 -17.56 3.70
CA MLZ B 318 -9.56 -17.46 2.69
CB MLZ B 318 -9.06 -15.98 2.51
CG MLZ B 318 -10.23 -15.18 1.92
CD MLZ B 318 -9.98 -13.65 1.87
CE MLZ B 318 -11.22 -12.89 1.38
NZ MLZ B 318 -11.02 -11.43 1.25
CM MLZ B 318 -12.24 -10.62 1.26
C MLZ B 318 -8.35 -18.30 2.96
O MLZ B 318 -7.40 -18.35 2.14
N SER B 319 -8.34 -18.98 4.11
CA SER B 319 -7.18 -19.76 4.42
C SER B 319 -7.40 -21.31 4.20
N ASN B 320 -8.53 -21.69 3.60
CA ASN B 320 -8.79 -23.13 3.17
C ASN B 320 -8.48 -24.11 4.31
N ILE B 321 -9.02 -23.81 5.48
CA ILE B 321 -8.58 -24.50 6.69
C ILE B 321 -9.03 -25.98 6.72
N ASP B 322 -10.17 -26.26 6.12
CA ASP B 322 -10.61 -27.67 5.92
C ASP B 322 -9.57 -28.45 5.11
N GLN B 323 -9.06 -27.86 4.03
CA GLN B 323 -8.00 -28.51 3.26
C GLN B 323 -6.70 -28.62 4.02
N LEU B 324 -6.41 -27.67 4.91
CA LEU B 324 -5.17 -27.81 5.72
C LEU B 324 -5.31 -28.99 6.70
N VAL B 325 -6.50 -29.09 7.31
CA VAL B 325 -6.73 -30.16 8.30
C VAL B 325 -6.71 -31.53 7.57
N ALA B 326 -7.33 -31.58 6.41
CA ALA B 326 -7.32 -32.82 5.62
C ALA B 326 -5.91 -33.25 5.20
N ASN B 327 -4.96 -32.31 5.18
CA ASN B 327 -3.63 -32.57 4.71
C ASN B 327 -2.56 -32.52 5.78
N GLY B 328 -2.95 -32.71 7.04
CA GLY B 328 -1.94 -32.90 8.09
C GLY B 328 -1.66 -31.74 9.07
N LEU B 329 -2.42 -30.66 9.00
CA LEU B 329 -2.38 -29.64 10.09
C LEU B 329 -2.81 -30.31 11.38
N ASP B 330 -2.04 -30.15 12.45
CA ASP B 330 -2.50 -30.59 13.77
C ASP B 330 -3.37 -29.59 14.53
N ASN B 331 -3.00 -28.31 14.54
CA ASN B 331 -3.64 -27.36 15.51
C ASN B 331 -4.00 -26.05 14.84
N ILE B 332 -5.13 -25.51 15.20
CA ILE B 332 -5.57 -24.18 14.68
C ILE B 332 -5.60 -23.26 15.90
N TYR B 333 -4.78 -22.21 15.89
CA TYR B 333 -4.77 -21.26 17.02
C TYR B 333 -5.66 -20.16 16.61
N LEU B 334 -6.88 -20.18 17.14
CA LEU B 334 -7.87 -19.17 16.79
C LEU B 334 -7.52 -17.85 17.47
N MET B 335 -7.13 -16.86 16.65
CA MET B 335 -6.69 -15.59 17.21
C MET B 335 -7.90 -14.67 17.44
N SER B 336 -8.69 -15.02 18.45
CA SER B 336 -10.03 -14.48 18.68
C SER B 336 -9.74 -13.26 19.64
N TYR B 337 -9.01 -12.28 19.11
CA TYR B 337 -8.71 -11.02 19.86
C TYR B 337 -8.46 -9.92 18.83
N ASP B 338 -8.20 -8.70 19.29
CA ASP B 338 -8.12 -7.51 18.41
C ASP B 338 -9.38 -7.31 17.57
N PHE B 339 -10.51 -7.75 18.09
CA PHE B 339 -11.78 -7.47 17.42
C PHE B 339 -12.20 -5.99 17.49
N PHE B 340 -11.51 -5.23 18.32
CA PHE B 340 -11.73 -3.79 18.40
C PHE B 340 -10.35 -3.20 18.51
N GLY B 341 -10.10 -2.04 17.90
CA GLY B 341 -8.86 -1.28 18.26
C GLY B 341 -9.08 0.21 17.89
N THR B 342 -8.51 1.06 18.70
CA THR B 342 -8.55 2.49 18.40
C THR B 342 -7.90 2.76 17.04
N ILE B 343 -8.07 3.97 16.54
CA ILE B 343 -7.80 4.28 15.12
C ILE B 343 -8.66 3.61 14.08
N TRP B 344 -8.63 2.27 13.98
CA TRP B 344 -9.22 1.61 12.83
C TRP B 344 -10.69 1.30 12.97
N ALA B 345 -11.14 1.03 14.19
CA ALA B 345 -12.55 0.67 14.44
C ALA B 345 -13.43 1.92 14.45
N ASP B 346 -14.61 1.83 13.86
CA ASP B 346 -15.65 2.86 13.90
C ASP B 346 -16.37 2.98 15.24
N TYR B 347 -16.38 1.88 16.01
CA TYR B 347 -17.13 1.85 17.26
C TYR B 347 -16.35 1.19 18.34
N ILE B 348 -16.57 1.57 19.59
CA ILE B 348 -15.92 0.79 20.68
C ILE B 348 -16.63 -0.55 20.76
N GLY B 349 -15.94 -1.53 21.32
CA GLY B 349 -16.50 -2.89 21.33
C GLY B 349 -15.53 -3.79 22.02
N HIS B 350 -15.93 -5.05 22.16
CA HIS B 350 -15.12 -6.00 22.85
C HIS B 350 -14.09 -6.49 21.87
N HIS B 351 -12.88 -6.60 22.35
CA HIS B 351 -11.82 -7.01 21.42
C HIS B 351 -11.57 -8.53 21.43
N THR B 352 -12.08 -9.24 22.46
CA THR B 352 -11.73 -10.67 22.59
C THR B 352 -12.87 -11.50 23.22
N ASN B 353 -14.08 -11.16 22.82
CA ASN B 353 -15.29 -11.76 23.41
C ASN B 353 -15.59 -13.12 22.83
N LEU B 354 -16.02 -14.03 23.73
CA LEU B 354 -16.43 -15.38 23.31
C LEU B 354 -17.75 -15.38 22.56
N TYR B 355 -18.76 -14.64 23.05
CA TYR B 355 -20.11 -14.75 22.52
C TYR B 355 -20.57 -13.57 21.67
N SER B 356 -21.43 -13.85 20.71
CA SER B 356 -22.00 -12.80 19.87
C SER B 356 -23.07 -12.02 20.63
N PRO B 357 -23.16 -10.70 20.40
CA PRO B 357 -24.32 -10.01 20.97
C PRO B 357 -25.58 -10.35 20.15
N LYS B 358 -26.75 -9.90 20.62
CA LYS B 358 -27.95 -10.06 19.80
C LYS B 358 -27.83 -9.29 18.49
N ASP B 359 -28.37 -9.87 17.41
CA ASP B 359 -28.33 -9.31 16.05
C ASP B 359 -26.94 -8.78 15.65
N PRO B 360 -25.96 -9.69 15.62
CA PRO B 360 -24.56 -9.22 15.38
C PRO B 360 -24.23 -8.80 13.92
N GLY B 361 -25.13 -9.06 12.98
CA GLY B 361 -24.91 -8.58 11.61
C GLY B 361 -23.86 -9.42 10.88
N GLU B 362 -23.09 -8.79 9.99
CA GLU B 362 -22.20 -9.51 9.09
C GLU B 362 -20.94 -10.05 9.80
N GLN B 363 -20.63 -9.49 10.97
CA GLN B 363 -19.42 -9.77 11.77
C GLN B 363 -18.12 -9.77 10.94
N GLU B 364 -17.86 -8.63 10.30
CA GLU B 364 -16.63 -8.34 9.55
C GLU B 364 -15.89 -7.22 10.25
N LEU B 365 -16.60 -6.18 10.67
CA LEU B 365 -15.95 -4.97 11.19
C LEU B 365 -16.25 -4.66 12.65
N PHE B 366 -17.32 -5.25 13.18
CA PHE B 366 -17.68 -5.04 14.61
C PHE B 366 -18.69 -6.14 14.99
N ASP B 367 -18.93 -6.21 16.29
CA ASP B 367 -19.77 -7.23 16.90
C ASP B 367 -19.33 -8.64 16.51
N LEU B 368 -18.01 -8.82 16.39
CA LEU B 368 -17.36 -10.14 16.14
C LEU B 368 -17.41 -10.98 17.44
N SER B 369 -17.18 -12.30 17.36
CA SER B 369 -17.02 -13.09 18.56
C SER B 369 -16.30 -14.36 18.22
N ALA B 370 -15.67 -14.96 19.21
CA ALA B 370 -14.89 -16.22 19.00
C ALA B 370 -15.85 -17.32 18.60
N GLU B 371 -17.06 -17.33 19.19
CA GLU B 371 -18.04 -18.39 18.87
C GLU B 371 -18.46 -18.38 17.41
N ALA B 372 -18.69 -17.20 16.83
CA ALA B 372 -19.05 -17.17 15.44
C ALA B 372 -17.96 -17.86 14.58
N ALA B 373 -16.70 -17.64 14.88
CA ALA B 373 -15.62 -18.23 14.08
C ALA B 373 -15.51 -19.73 14.37
N ILE B 374 -15.53 -20.11 15.62
CA ILE B 374 -15.50 -21.55 15.96
C ILE B 374 -16.67 -22.31 15.31
N ASP B 375 -17.89 -21.76 15.40
CA ASP B 375 -19.04 -22.46 14.80
C ASP B 375 -18.88 -22.59 13.30
N TYR B 376 -18.31 -21.56 12.65
CA TYR B 376 -18.12 -21.65 11.18
C TYR B 376 -17.12 -22.74 10.89
N LEU B 377 -16.02 -22.76 11.64
CA LEU B 377 -14.98 -23.79 11.46
C LEU B 377 -15.56 -25.18 11.64
N HIS B 378 -16.30 -25.35 12.72
CA HIS B 378 -16.90 -26.71 12.97
C HIS B 378 -18.14 -27.07 12.10
N ASN B 379 -19.09 -26.15 11.97
CA ASN B 379 -20.37 -26.42 11.29
C ASN B 379 -20.32 -26.33 9.76
N GLU B 380 -19.62 -25.33 9.25
CA GLU B 380 -19.57 -25.10 7.81
C GLU B 380 -18.37 -25.78 7.18
N LEU B 381 -17.26 -25.87 7.89
CA LEU B 381 -16.04 -26.41 7.32
C LEU B 381 -15.75 -27.82 7.84
N GLY B 382 -16.55 -28.28 8.81
CA GLY B 382 -16.44 -29.66 9.30
C GLY B 382 -15.19 -29.96 10.11
N ILE B 383 -14.57 -28.96 10.71
CA ILE B 383 -13.32 -29.22 11.40
C ILE B 383 -13.64 -29.72 12.81
N PRO B 384 -12.94 -30.78 13.28
CA PRO B 384 -13.20 -31.26 14.64
C PRO B 384 -12.79 -30.24 15.71
N MET B 385 -13.68 -30.07 16.68
CA MET B 385 -13.37 -29.17 17.81
C MET B 385 -12.00 -29.44 18.46
N GLU B 386 -11.54 -30.71 18.51
CA GLU B 386 -10.30 -31.00 19.19
C GLU B 386 -9.04 -30.37 18.53
N M3L B 387 -9.19 -29.89 17.30
CA M3L B 387 -8.09 -29.23 16.57
CB M3L B 387 -8.37 -29.24 15.07
CG M3L B 387 -8.64 -30.63 14.42
CD M3L B 387 -7.39 -31.43 14.39
CE M3L B 387 -7.61 -32.71 13.55
NZ M3L B 387 -6.59 -33.71 13.90
C M3L B 387 -7.97 -27.74 16.93
O M3L B 387 -6.97 -27.11 16.63
CM1 M3L B 387 -6.89 -34.93 13.07
CM2 M3L B 387 -6.51 -34.02 15.36
CM3 M3L B 387 -5.28 -33.18 13.57
N ILE B 388 -8.99 -27.20 17.60
CA ILE B 388 -9.12 -25.70 17.71
C ILE B 388 -8.63 -25.27 19.10
N HIS B 389 -7.79 -24.22 19.16
CA HIS B 389 -7.30 -23.68 20.44
C HIS B 389 -7.80 -22.26 20.49
N LEU B 390 -8.47 -21.89 21.59
CA LEU B 390 -9.15 -20.61 21.75
C LEU B 390 -8.23 -19.63 22.50
N GLY B 391 -8.04 -18.44 21.92
CA GLY B 391 -7.15 -17.51 22.54
C GLY B 391 -7.80 -16.56 23.57
N TYR B 392 -7.05 -16.25 24.60
CA TYR B 392 -7.43 -15.17 25.51
C TYR B 392 -6.27 -14.16 25.46
N ALA B 393 -6.61 -12.89 25.72
CA ALA B 393 -5.62 -11.82 25.57
C ALA B 393 -5.20 -11.34 26.91
N ASN B 394 -3.89 -11.19 27.12
CA ASN B 394 -3.33 -10.65 28.35
C ASN B 394 -3.06 -9.14 28.16
N TYR B 395 -4.02 -8.47 27.54
CA TYR B 395 -3.90 -7.00 27.34
C TYR B 395 -5.23 -6.56 26.93
N GLY B 396 -5.51 -5.27 27.15
CA GLY B 396 -6.70 -4.70 26.63
C GLY B 396 -6.51 -3.93 25.32
N ARG B 397 -7.63 -3.52 24.76
CA ARG B 397 -7.70 -2.56 23.65
C ARG B 397 -8.56 -1.38 24.14
N SER B 398 -7.94 -0.19 24.17
CA SER B 398 -8.57 1.00 24.82
C SER B 398 -8.96 2.04 23.78
N ALA B 399 -9.81 2.99 24.19
CA ALA B 399 -10.30 4.05 23.33
C ALA B 399 -10.43 5.21 24.28
N VAL B 400 -10.34 6.43 23.75
CA VAL B 400 -10.65 7.62 24.62
C VAL B 400 -11.89 8.29 24.04
N GLY B 401 -12.68 9.04 24.86
CA GLY B 401 -13.87 9.71 24.34
C GLY B 401 -15.03 8.77 24.04
N GLY B 402 -15.05 7.58 24.66
CA GLY B 402 -16.08 6.62 24.31
C GLY B 402 -17.40 6.96 24.99
N ASP B 403 -18.48 6.71 24.26
CA ASP B 403 -19.87 6.94 24.71
C ASP B 403 -20.50 5.56 24.63
N LEU B 404 -20.92 5.05 25.80
CA LEU B 404 -21.52 3.70 25.97
C LEU B 404 -22.87 3.52 25.26
N THR B 405 -23.51 4.61 24.85
CA THR B 405 -24.85 4.54 24.24
C THR B 405 -24.76 4.57 22.75
N THR B 406 -23.88 5.40 22.20
CA THR B 406 -23.73 5.46 20.74
C THR B 406 -22.60 4.53 20.27
N ARG B 407 -21.74 4.17 21.23
CA ARG B 407 -20.51 3.39 21.00
C ARG B 407 -19.56 4.15 20.10
N GLN B 408 -19.72 5.48 20.07
CA GLN B 408 -18.80 6.26 19.27
C GLN B 408 -17.69 6.71 20.16
N TYR B 409 -16.56 7.07 19.56
CA TYR B 409 -15.42 7.45 20.39
C TYR B 409 -14.50 8.35 19.54
N THR B 410 -13.46 8.84 20.18
CA THR B 410 -12.48 9.68 19.47
C THR B 410 -11.44 8.80 18.76
N MLY B 411 -11.59 8.59 17.46
CA MLY B 411 -10.79 7.55 16.75
CB MLY B 411 -11.23 7.37 15.32
CG MLY B 411 -12.63 6.77 15.35
CD MLY B 411 -13.26 6.52 13.99
CE MLY B 411 -12.28 5.80 13.07
NZ MLY B 411 -12.79 5.50 11.75
CH1 MLY B 411 -12.16 4.42 11.00
CH2 MLY B 411 -13.85 6.31 11.15
C MLY B 411 -9.32 7.80 16.83
O MLY B 411 -8.49 6.85 16.94
N ASN B 412 -8.98 9.10 16.74
CA ASN B 412 -7.60 9.47 16.68
C ASN B 412 -7.05 10.01 17.98
N GLY B 413 -7.81 9.84 19.06
CA GLY B 413 -7.39 10.35 20.32
C GLY B 413 -6.35 9.45 20.91
N PRO B 414 -5.44 9.99 21.74
CA PRO B 414 -4.42 9.12 22.38
C PRO B 414 -5.01 8.17 23.45
N ALA B 415 -5.01 6.87 23.12
CA ALA B 415 -5.68 5.88 23.99
C ALA B 415 -4.68 5.27 24.93
N LEU B 416 -5.14 4.94 26.15
CA LEU B 416 -4.26 4.44 27.19
C LEU B 416 -3.54 3.16 26.74
N GLY B 417 -2.25 3.07 27.01
CA GLY B 417 -1.49 1.90 26.58
C GLY B 417 -0.23 1.77 27.38
N THR B 418 0.43 0.63 27.25
CA THR B 418 1.62 0.42 28.05
C THR B 418 2.85 0.85 27.25
N MET B 419 3.09 0.23 26.10
CA MET B 419 4.17 0.56 25.15
C MET B 419 3.67 1.19 23.86
N GLU B 420 2.39 1.02 23.56
CA GLU B 420 1.82 1.34 22.28
C GLU B 420 0.44 1.93 22.55
N ASN B 421 0.09 2.91 21.74
CA ASN B 421 -1.23 3.57 21.74
C ASN B 421 -2.35 2.56 21.84
N GLY B 422 -3.16 2.67 22.89
CA GLY B 422 -4.42 1.85 22.92
C GLY B 422 -4.24 0.41 23.40
N ALA B 423 -3.05 0.06 23.88
CA ALA B 423 -2.80 -1.31 24.32
C ALA B 423 -2.23 -1.38 25.71
N PRO B 424 -3.14 -1.27 26.71
CA PRO B 424 -2.73 -1.42 28.08
C PRO B 424 -2.57 -2.91 28.41
N GLU B 425 -1.34 -3.35 28.77
CA GLU B 425 -1.07 -4.78 28.96
C GLU B 425 -1.57 -5.21 30.36
N PHE B 426 -1.85 -6.52 30.53
CA PHE B 426 -2.64 -6.88 31.71
C PHE B 426 -1.91 -6.57 33.01
N PHE B 427 -0.61 -6.88 33.06
CA PHE B 427 0.18 -6.50 34.26
C PHE B 427 -0.01 -5.00 34.57
N ASP B 428 -0.10 -4.18 33.52
CA ASP B 428 -0.21 -2.72 33.69
C ASP B 428 -1.63 -2.37 34.12
N ILE B 429 -2.62 -3.10 33.60
CA ILE B 429 -4.01 -2.98 34.01
C ILE B 429 -4.21 -3.30 35.51
N VAL B 430 -3.55 -4.35 35.98
CA VAL B 430 -3.63 -4.74 37.39
C VAL B 430 -2.94 -3.69 38.32
N LYS B 431 -1.92 -3.02 37.78
CA LYS B 431 -1.18 -2.01 38.55
C LYS B 431 -2.04 -0.75 38.60
N ASN B 432 -2.73 -0.45 37.51
CA ASN B 432 -3.34 0.88 37.35
C ASN B 432 -4.82 1.05 37.27
N TYR B 433 -5.54 0.08 36.67
CA TYR B 433 -6.92 0.38 36.34
C TYR B 433 -7.90 -0.62 36.91
N MET B 434 -7.40 -1.80 37.23
CA MET B 434 -8.25 -2.90 37.83
C MET B 434 -7.67 -3.39 39.13
N ASP B 435 -8.49 -3.34 40.17
CA ASP B 435 -7.98 -3.79 41.47
C ASP B 435 -8.44 -5.22 41.70
N ALA B 436 -7.48 -6.09 41.94
CA ALA B 436 -7.74 -7.50 42.12
C ALA B 436 -7.20 -7.99 43.47
N GLU B 437 -6.68 -7.06 44.30
CA GLU B 437 -5.97 -7.43 45.55
C GLU B 437 -6.86 -7.57 46.86
N HIS B 438 -8.11 -7.11 46.79
CA HIS B 438 -9.01 -7.05 47.95
C HIS B 438 -10.21 -7.99 47.77
N SER B 439 -9.94 -9.17 47.17
CA SER B 439 -10.94 -10.29 47.18
C SER B 439 -12.20 -9.97 46.40
N LEU B 440 -12.05 -9.23 45.30
CA LEU B 440 -13.13 -8.90 44.39
C LEU B 440 -12.40 -8.34 43.15
N SER B 441 -13.00 -8.43 41.96
CA SER B 441 -12.41 -7.69 40.83
C SER B 441 -13.19 -6.42 40.75
N MET B 442 -12.47 -5.30 40.68
CA MET B 442 -13.17 -4.02 40.61
C MET B 442 -12.25 -2.98 39.95
N GLY B 443 -12.82 -1.88 39.49
CA GLY B 443 -12.01 -0.79 38.98
C GLY B 443 -11.26 -0.01 40.05
N LYS B 444 -10.34 0.82 39.60
CA LYS B 444 -9.60 1.70 40.52
C LYS B 444 -9.11 2.90 39.71
N ASN B 445 -8.74 3.98 40.42
CA ASN B 445 -8.27 5.18 39.76
C ASN B 445 -9.29 5.75 38.80
N GLY B 446 -10.55 5.63 39.16
CA GLY B 446 -11.59 6.21 38.38
C GLY B 446 -12.22 5.32 37.37
N PHE B 447 -11.64 4.14 37.18
CA PHE B 447 -12.22 3.16 36.27
C PHE B 447 -13.24 2.34 37.04
N VAL B 448 -14.33 2.05 36.35
CA VAL B 448 -15.35 1.11 36.84
C VAL B 448 -15.35 -0.16 35.95
N LEU B 449 -15.30 -1.31 36.61
CA LEU B 449 -15.39 -2.58 35.91
C LEU B 449 -16.85 -2.83 35.60
N MET B 450 -17.15 -3.07 34.33
CA MET B 450 -18.49 -3.25 33.78
C MET B 450 -18.57 -4.59 33.11
N THR B 451 -19.77 -5.19 33.12
CA THR B 451 -20.01 -6.41 32.38
C THR B 451 -21.12 -6.07 31.45
N ASP B 452 -20.87 -6.23 30.14
CA ASP B 452 -21.88 -6.04 29.10
C ASP B 452 -22.67 -7.32 29.04
N THR B 453 -23.96 -7.25 29.34
CA THR B 453 -24.76 -8.49 29.43
C THR B 453 -25.28 -8.89 28.07
N ASN B 454 -25.05 -8.07 27.05
CA ASN B 454 -25.44 -8.49 25.71
C ASN B 454 -24.47 -9.60 25.18
N ALA B 455 -23.19 -9.24 25.03
CA ALA B 455 -22.17 -10.21 24.59
C ALA B 455 -21.67 -11.04 25.76
N ASP B 456 -21.94 -10.58 26.99
CA ASP B 456 -21.39 -11.21 28.20
C ASP B 456 -19.89 -11.12 28.29
N ALA B 457 -19.38 -9.89 28.28
CA ALA B 457 -17.95 -9.67 28.32
C ALA B 457 -17.72 -8.43 29.14
N ASP B 458 -16.48 -8.24 29.59
CA ASP B 458 -16.18 -7.24 30.61
C ASP B 458 -15.31 -6.10 30.02
N PHE B 459 -15.48 -4.88 30.54
CA PHE B 459 -14.61 -3.78 30.15
C PHE B 459 -14.47 -2.82 31.34
N LEU B 460 -13.46 -1.92 31.29
CA LEU B 460 -13.31 -0.89 32.31
C LEU B 460 -13.64 0.43 31.68
N PHE B 461 -14.22 1.37 32.43
CA PHE B 461 -14.64 2.61 31.81
C PHE B 461 -14.40 3.73 32.81
N SER B 462 -13.84 4.82 32.34
CA SER B 462 -13.65 5.94 33.23
C SER B 462 -14.33 7.12 32.59
N GLU B 463 -15.37 7.60 33.25
CA GLU B 463 -16.30 8.56 32.68
C GLU B 463 -15.64 9.95 32.36
N ALA B 464 -14.64 10.36 33.16
CA ALA B 464 -14.11 11.74 33.05
C ALA B 464 -13.68 12.01 31.60
N LYS B 465 -12.85 11.10 31.04
CA LYS B 465 -12.43 11.26 29.63
C LYS B 465 -13.07 10.27 28.64
N GLY B 466 -13.93 9.37 29.15
CA GLY B 466 -14.47 8.30 28.29
C GLY B 466 -13.39 7.28 27.89
N HIS B 467 -12.45 6.99 28.80
CA HIS B 467 -11.49 5.90 28.60
C HIS B 467 -12.24 4.60 28.75
N PHE B 468 -12.22 3.81 27.68
CA PHE B 468 -12.88 2.48 27.59
C PHE B 468 -11.76 1.48 27.41
N ILE B 469 -11.69 0.45 28.25
CA ILE B 469 -10.70 -0.59 27.98
C ILE B 469 -11.43 -1.95 27.84
N SER B 470 -11.49 -2.52 26.64
CA SER B 470 -11.91 -3.95 26.53
C SER B 470 -10.81 -4.84 27.03
N LEU B 471 -11.10 -5.82 27.93
CA LEU B 471 -10.01 -6.74 28.27
C LEU B 471 -10.60 -8.12 28.55
N ASP B 472 -9.72 -9.10 28.65
CA ASP B 472 -10.11 -10.38 29.29
C ASP B 472 -9.85 -10.24 30.81
N THR B 473 -10.85 -10.64 31.60
CA THR B 473 -10.75 -10.62 33.08
C THR B 473 -10.69 -12.06 33.57
N PRO B 474 -10.28 -12.26 34.85
CA PRO B 474 -10.33 -13.68 35.33
C PRO B 474 -11.72 -14.29 35.05
N ARG B 475 -12.82 -13.53 35.23
CA ARG B 475 -14.14 -14.04 34.81
C ARG B 475 -14.28 -14.61 33.37
N THR B 476 -13.94 -13.79 32.38
CA THR B 476 -14.10 -14.24 31.01
C THR B 476 -13.08 -15.25 30.56
N VAL B 477 -11.92 -15.33 31.20
CA VAL B 477 -10.93 -16.29 30.77
C VAL B 477 -11.49 -17.65 31.32
N LYS B 478 -12.08 -17.59 32.52
CA LYS B 478 -12.68 -18.82 33.11
C LYS B 478 -13.77 -19.30 32.20
N GLN B 479 -14.59 -18.36 31.74
CA GLN B 479 -15.68 -18.55 30.80
C GLN B 479 -15.16 -19.23 29.50
N LYS B 480 -14.04 -18.73 28.97
CA LYS B 480 -13.44 -19.39 27.80
C LYS B 480 -12.97 -20.83 28.09
N GLY B 481 -12.35 -21.03 29.23
CA GLY B 481 -11.81 -22.34 29.63
C GLY B 481 -13.00 -23.29 29.77
N GLU B 482 -14.13 -22.79 30.28
CA GLU B 482 -15.37 -23.60 30.43
C GLU B 482 -15.93 -23.99 29.09
N TYR B 483 -15.96 -23.02 28.15
CA TYR B 483 -16.47 -23.28 26.82
C TYR B 483 -15.57 -24.33 26.18
N ALA B 484 -14.27 -24.19 26.36
CA ALA B 484 -13.32 -25.08 25.74
C ALA B 484 -13.50 -26.54 26.25
N ALA B 485 -13.65 -26.66 27.57
CA ALA B 485 -13.89 -28.01 28.22
C ALA B 485 -15.16 -28.64 27.69
N LYS B 486 -16.27 -27.89 27.73
CA LYS B 486 -17.61 -28.41 27.31
C LYS B 486 -17.67 -28.84 25.82
N ASN B 487 -16.99 -28.06 24.96
CA ASN B 487 -17.04 -28.30 23.55
C ASN B 487 -15.90 -29.15 23.01
N LYS B 488 -15.00 -29.59 23.88
CA LYS B 488 -13.90 -30.47 23.52
C LYS B 488 -12.90 -29.83 22.61
N LEU B 489 -12.68 -28.53 22.81
CA LEU B 489 -11.52 -27.88 22.12
C LEU B 489 -10.18 -28.51 22.48
N GLY B 490 -9.19 -28.36 21.58
CA GLY B 490 -7.87 -28.75 21.93
C GLY B 490 -7.24 -28.02 23.08
N GLY B 491 -7.60 -26.75 23.24
CA GLY B 491 -7.00 -26.03 24.38
C GLY B 491 -7.37 -24.56 24.32
N VAL B 492 -6.80 -23.84 25.28
CA VAL B 492 -6.86 -22.37 25.26
C VAL B 492 -5.42 -21.88 25.28
N PHE B 493 -5.21 -20.67 24.72
CA PHE B 493 -3.83 -20.17 24.75
C PHE B 493 -3.81 -18.67 25.10
N SER B 494 -2.69 -18.29 25.72
CA SER B 494 -2.45 -16.97 26.32
C SER B 494 -1.65 -16.13 25.33
N TRP B 495 -2.17 -14.98 24.96
CA TRP B 495 -1.46 -14.11 24.03
C TRP B 495 -1.26 -12.77 24.80
N SER B 496 -0.08 -12.45 25.30
CA SER B 496 1.11 -13.34 25.37
C SER B 496 1.35 -13.69 26.84
N GLY B 497 1.93 -14.86 27.13
CA GLY B 497 2.21 -15.28 28.49
C GLY B 497 2.98 -14.23 29.32
N ASP B 498 3.93 -13.56 28.67
CA ASP B 498 4.80 -12.66 29.41
C ASP B 498 4.05 -11.38 29.86
N GLN B 499 2.77 -11.22 29.50
CA GLN B 499 2.01 -10.05 29.91
C GLN B 499 1.08 -10.30 31.10
N ASP B 500 0.99 -11.55 31.55
CA ASP B 500 0.03 -11.93 32.63
C ASP B 500 0.88 -11.95 33.89
N CYS B 501 0.30 -11.74 35.08
CA CYS B 501 1.06 -12.02 36.31
C CYS B 501 0.71 -13.39 36.85
N GLY B 502 -0.22 -14.07 36.21
CA GLY B 502 -0.61 -15.44 36.61
C GLY B 502 -2.09 -15.54 36.90
N LEU B 503 -2.73 -14.39 37.06
CA LEU B 503 -4.17 -14.38 37.34
C LEU B 503 -4.97 -15.01 36.21
N LEU B 504 -4.65 -14.61 35.00
CA LEU B 504 -5.37 -15.16 33.84
C LEU B 504 -5.03 -16.66 33.63
N ALA B 505 -3.77 -17.05 33.81
CA ALA B 505 -3.38 -18.46 33.69
C ALA B 505 -4.22 -19.28 34.72
N ASN B 506 -4.30 -18.83 35.96
CA ASN B 506 -5.14 -19.56 36.90
C ASN B 506 -6.59 -19.67 36.47
N ALA B 507 -7.19 -18.54 36.03
CA ALA B 507 -8.56 -18.51 35.55
C ALA B 507 -8.81 -19.52 34.41
N ALA B 508 -7.86 -19.57 33.46
CA ALA B 508 -7.97 -20.54 32.34
C ALA B 508 -7.95 -21.99 32.93
N ARG B 509 -7.03 -22.23 33.82
CA ARG B 509 -6.91 -23.60 34.44
C ARG B 509 -8.17 -23.94 35.19
N GLU B 510 -8.74 -23.00 35.96
CA GLU B 510 -10.02 -23.29 36.65
C GLU B 510 -11.18 -23.47 35.72
N GLY B 511 -11.29 -22.66 34.69
CA GLY B 511 -12.33 -22.85 33.71
C GLY B 511 -12.24 -24.16 32.96
N LEU B 512 -11.04 -24.61 32.67
CA LEU B 512 -10.80 -25.85 31.87
C LEU B 512 -11.10 -27.08 32.75
N GLY B 513 -11.24 -26.81 34.04
CA GLY B 513 -11.68 -27.88 34.97
C GLY B 513 -10.52 -28.45 35.75
N TYR B 514 -9.34 -27.83 35.74
CA TYR B 514 -8.19 -28.34 36.50
C TYR B 514 -8.36 -27.98 37.98
N VAL B 515 -7.84 -28.84 38.81
CA VAL B 515 -8.07 -28.66 40.25
C VAL B 515 -6.75 -28.38 40.95
N ALA B 516 -6.83 -27.60 42.01
CA ALA B 516 -5.63 -27.21 42.79
C ALA B 516 -4.94 -28.42 43.37
N ASP B 517 -3.62 -28.33 43.52
CA ASP B 517 -2.86 -29.40 44.16
C ASP B 517 -2.82 -29.14 45.66
N SER B 518 -3.81 -28.36 46.11
CA SER B 518 -3.69 -27.45 47.26
C SER B 518 -2.87 -27.98 48.43
N GLU B 521 -1.70 -22.60 48.23
CA GLU B 521 -2.44 -21.84 47.17
C GLU B 521 -1.90 -20.38 47.10
N THR B 522 -1.44 -19.92 45.94
CA THR B 522 -0.92 -18.55 45.82
C THR B 522 -1.97 -17.43 45.96
N ILE B 523 -3.11 -17.57 45.31
CA ILE B 523 -4.17 -16.60 45.45
C ILE B 523 -5.49 -17.33 45.29
N ASP B 524 -6.49 -16.96 46.06
CA ASP B 524 -7.80 -17.55 45.88
C ASP B 524 -8.52 -16.85 44.76
N MET B 525 -8.66 -17.52 43.61
CA MET B 525 -9.32 -16.89 42.46
C MET B 525 -10.83 -16.75 42.64
N GLY B 526 -11.45 -17.59 43.47
CA GLY B 526 -12.94 -17.61 43.51
C GLY B 526 -13.65 -16.24 43.56
N PRO B 527 -13.25 -15.40 44.52
CA PRO B 527 -13.95 -14.12 44.62
C PRO B 527 -13.59 -13.12 43.51
N LEU B 528 -12.63 -13.46 42.62
CA LEU B 528 -12.21 -12.55 41.52
C LEU B 528 -13.04 -12.80 40.26
N TYR B 529 -13.91 -13.81 40.30
CA TYR B 529 -14.77 -14.15 39.19
C TYR B 529 -16.10 -13.42 39.08
N ASN B 530 -16.28 -12.35 39.89
CA ASN B 530 -17.52 -11.58 39.80
C ASN B 530 -17.67 -10.79 38.52
N PRO B 531 -18.91 -10.65 38.06
CA PRO B 531 -19.16 -9.68 37.02
C PRO B 531 -18.99 -8.21 37.57
N GLY B 532 -18.94 -7.23 36.67
CA GLY B 532 -18.86 -5.86 37.14
C GLY B 532 -20.27 -5.31 37.12
N LYS B 533 -20.38 -3.99 37.17
CA LYS B 533 -21.65 -3.29 37.04
C LYS B 533 -22.28 -3.69 35.72
N GLU B 534 -23.53 -4.13 35.75
CA GLU B 534 -24.12 -4.65 34.53
C GLU B 534 -24.61 -3.52 33.64
N ILE B 535 -24.37 -3.67 32.34
CA ILE B 535 -24.86 -2.75 31.34
C ILE B 535 -25.21 -3.57 30.08
N TYR B 536 -26.13 -3.10 29.27
CA TYR B 536 -26.41 -3.74 27.99
C TYR B 536 -25.89 -2.88 26.83
N LEU B 537 -24.78 -3.30 26.21
CA LEU B 537 -24.18 -2.57 25.10
C LEU B 537 -24.92 -3.07 23.88
N LYS B 538 -25.71 -2.20 23.24
CA LYS B 538 -26.47 -2.62 22.06
C LYS B 538 -25.49 -2.96 20.95
N SER B 539 -25.86 -3.92 20.11
CA SER B 539 -25.08 -4.17 18.95
C SER B 539 -25.34 -3.05 17.93
N ILE B 540 -24.46 -2.93 16.95
CA ILE B 540 -24.59 -1.83 15.98
C ILE B 540 -25.88 -1.92 15.24
N SER B 541 -26.28 -3.14 14.93
CA SER B 541 -27.56 -3.34 14.27
C SER B 541 -28.75 -2.81 15.14
N GLU B 542 -28.68 -3.04 16.45
CA GLU B 542 -29.70 -2.56 17.37
C GLU B 542 -29.67 -1.01 17.43
N ILE B 543 -28.46 -0.45 17.41
CA ILE B 543 -28.28 1.00 17.46
C ILE B 543 -28.89 1.65 16.22
N LYS B 544 -28.63 1.10 15.02
CA LYS B 544 -29.11 1.67 13.74
C LYS B 544 -30.58 1.36 13.50
N SER B 545 -31.14 0.60 14.43
CA SER B 545 -32.57 0.25 14.58
C SER B 545 -32.97 -0.82 13.60
N LYS C 6 28.13 8.33 -12.22
CA LYS C 6 27.97 8.63 -10.77
C LYS C 6 27.20 9.95 -10.49
N PRO C 7 26.35 9.95 -9.47
CA PRO C 7 25.66 11.21 -9.16
C PRO C 7 26.55 12.12 -8.35
N THR C 8 26.13 13.38 -8.23
CA THR C 8 26.90 14.35 -7.46
C THR C 8 26.39 14.34 -6.03
N GLU C 9 27.24 14.78 -5.12
CA GLU C 9 26.83 14.93 -3.75
C GLU C 9 26.01 16.20 -3.52
N ASN C 10 26.22 17.25 -4.33
CA ASN C 10 25.46 18.45 -4.16
C ASN C 10 24.14 18.28 -4.99
N ILE C 11 23.24 19.18 -4.73
CA ILE C 11 21.99 19.35 -5.59
C ILE C 11 22.14 20.74 -6.17
N PRO C 12 22.57 20.81 -7.41
CA PRO C 12 22.86 22.13 -7.98
C PRO C 12 21.60 22.88 -8.36
N SER C 13 20.57 22.12 -8.78
CA SER C 13 19.29 22.77 -9.19
C SER C 13 18.16 22.09 -8.42
N PRO C 14 17.77 22.64 -7.27
CA PRO C 14 16.87 21.88 -6.40
C PRO C 14 15.47 21.77 -7.02
N ILE C 15 14.89 20.58 -6.94
CA ILE C 15 13.59 20.28 -7.56
C ILE C 15 12.59 20.18 -6.40
N LEU C 16 12.91 19.37 -5.37
CA LEU C 16 11.93 19.12 -4.31
C LEU C 16 11.79 20.28 -3.35
N VAL C 17 10.58 20.53 -2.93
CA VAL C 17 10.15 21.61 -2.03
C VAL C 17 9.38 21.03 -0.88
N GLU C 18 9.70 21.40 0.37
CA GLU C 18 8.90 20.81 1.44
C GLU C 18 7.43 21.21 1.34
N ASP C 19 6.54 20.25 1.53
CA ASP C 19 5.09 20.52 1.60
C ASP C 19 4.56 19.83 2.79
N LYS C 20 4.31 20.62 3.83
CA LYS C 20 3.93 19.95 5.06
C LYS C 20 2.59 19.24 4.93
N TYR C 21 1.67 19.76 4.11
CA TYR C 21 0.39 19.08 3.95
C TYR C 21 0.59 17.70 3.31
N THR C 22 1.46 17.59 2.30
CA THR C 22 1.77 16.27 1.70
C THR C 22 2.32 15.34 2.78
N GLU C 23 3.27 15.83 3.59
CA GLU C 23 3.93 14.90 4.53
C GLU C 23 2.94 14.46 5.64
N GLU C 24 2.11 15.38 6.14
CA GLU C 24 1.06 15.06 7.12
C GLU C 24 0.13 14.03 6.59
N THR C 25 -0.18 14.13 5.29
CA THR C 25 -1.10 13.17 4.65
C THR C 25 -0.54 11.73 4.63
N TYR C 26 0.78 11.63 4.41
CA TYR C 26 1.41 10.31 4.28
C TYR C 26 1.22 9.58 5.64
N SER C 27 1.24 10.32 6.73
CA SER C 27 1.25 9.64 8.03
C SER C 27 -0.18 9.44 8.61
N ARG C 28 -1.21 9.87 7.89
CA ARG C 28 -2.58 9.59 8.35
CA ARG C 28 -2.58 9.57 8.33
C ARG C 28 -2.76 8.06 8.33
N PRO C 29 -3.48 7.52 9.35
CA PRO C 29 -3.60 6.07 9.43
C PRO C 29 -4.31 5.49 8.26
N ASP C 30 -5.24 6.22 7.67
CA ASP C 30 -5.96 5.71 6.49
C ASP C 30 -5.14 5.87 5.18
N VAL C 31 -3.98 6.49 5.25
CA VAL C 31 -3.09 6.62 4.06
C VAL C 31 -1.84 5.71 4.29
N ASN C 32 -1.07 6.00 5.36
CA ASN C 32 0.07 5.21 5.74
C ASN C 32 0.98 4.98 4.54
N PHE C 33 1.41 6.07 3.89
CA PHE C 33 2.22 5.92 2.70
C PHE C 33 3.69 5.97 3.13
N MLY C 34 4.44 4.92 2.87
CA MLY C 34 5.91 4.92 3.02
CB MLY C 34 6.26 3.58 3.68
CG MLY C 34 7.73 3.60 4.07
CD MLY C 34 8.00 2.69 5.29
CE MLY C 34 9.43 2.08 5.20
NZ MLY C 34 10.36 3.17 5.48
CH1 MLY C 34 11.74 3.02 5.02
CH2 MLY C 34 9.97 4.32 6.33
C MLY C 34 6.54 5.03 1.66
O MLY C 34 6.10 4.41 0.68
N GLU C 35 7.53 5.92 1.57
CA GLU C 35 8.15 6.28 0.30
C GLU C 35 8.75 5.06 -0.45
N ASP C 36 9.09 3.96 0.25
CA ASP C 36 9.65 2.85 -0.50
C ASP C 36 8.58 1.91 -1.10
N GLY C 37 7.29 2.25 -0.88
CA GLY C 37 6.16 1.51 -1.47
C GLY C 37 5.72 0.30 -0.65
N SER C 38 6.25 0.13 0.56
CA SER C 38 6.05 -1.11 1.35
C SER C 38 4.80 -1.06 2.26
N GLN C 39 4.09 0.08 2.30
CA GLN C 39 2.86 0.20 3.13
C GLN C 39 1.62 0.55 2.27
N GLY C 40 1.00 1.68 2.52
CA GLY C 40 -0.18 2.07 1.71
C GLY C 40 0.26 2.37 0.29
N ASN C 41 -0.58 2.04 -0.69
CA ASN C 41 -0.12 2.24 -2.07
C ASN C 41 -0.43 3.61 -2.67
N LEU C 42 -1.21 4.43 -1.98
CA LEU C 42 -1.58 5.76 -2.53
C LEU C 42 -0.95 6.83 -1.70
N SER C 43 -0.23 7.75 -2.35
CA SER C 43 0.47 8.84 -1.69
C SER C 43 -0.35 10.11 -1.44
N TYR C 44 -1.30 10.38 -2.36
CA TYR C 44 -2.00 11.66 -2.46
C TYR C 44 -1.10 12.88 -2.51
N THR C 45 0.13 12.75 -2.99
CA THR C 45 1.08 13.86 -2.99
C THR C 45 0.54 15.04 -3.79
N ALA C 46 0.77 16.26 -3.29
CA ALA C 46 0.43 17.47 -4.06
C ALA C 46 1.56 17.93 -4.94
N THR C 47 1.20 18.64 -6.01
CA THR C 47 2.20 19.14 -6.94
C THR C 47 3.17 20.12 -6.29
N ARG C 48 2.80 20.65 -5.11
CA ARG C 48 3.64 21.63 -4.45
C ARG C 48 5.01 21.07 -4.03
N VAL C 49 5.14 19.78 -4.01
CA VAL C 49 6.48 19.19 -3.73
C VAL C 49 7.55 19.44 -4.78
N CYS C 50 7.18 19.95 -5.94
CA CYS C 50 8.23 20.25 -6.95
C CYS C 50 8.26 21.74 -7.23
N ALA C 51 9.43 22.32 -7.34
CA ALA C 51 9.61 23.70 -7.84
C ALA C 51 9.37 23.75 -9.33
N PRO C 52 9.13 24.95 -9.89
CA PRO C 52 9.05 25.02 -11.36
C PRO C 52 10.45 24.89 -11.97
N MET C 53 10.64 23.84 -12.73
CA MET C 53 11.98 23.57 -13.28
C MET C 53 12.17 24.02 -14.74
N TYR C 54 11.18 24.77 -15.28
CA TYR C 54 11.22 25.11 -16.73
C TYR C 54 12.45 25.95 -17.06
N ASN C 55 13.21 25.48 -18.07
CA ASN C 55 14.17 26.33 -18.77
C ASN C 55 13.45 27.22 -19.80
N HIS C 56 14.14 28.27 -20.26
CA HIS C 56 13.58 29.20 -21.24
C HIS C 56 14.25 28.97 -22.57
N TYR C 57 13.48 28.51 -23.52
CA TYR C 57 14.04 28.16 -24.81
C TYR C 57 13.87 29.26 -25.83
N VAL C 58 14.91 29.48 -26.63
CA VAL C 58 14.84 30.43 -27.76
C VAL C 58 13.84 29.98 -28.81
N GLY C 59 12.96 30.87 -29.22
CA GLY C 59 11.94 30.55 -30.26
C GLY C 59 12.56 30.06 -31.59
N ASP C 60 11.82 29.26 -32.37
CA ASP C 60 12.33 28.76 -33.66
C ASP C 60 11.18 28.22 -34.46
N LYS C 61 10.73 29.05 -35.40
CA LYS C 61 9.43 28.78 -36.08
C LYS C 61 9.53 27.56 -37.01
N THR C 62 10.74 27.06 -37.22
CA THR C 62 10.93 25.89 -38.06
C THR C 62 10.75 24.57 -37.31
N MLZ C 63 10.55 24.63 -35.99
CA MLZ C 63 10.58 23.37 -35.22
CB MLZ C 63 11.45 23.54 -33.97
CG MLZ C 63 12.96 23.88 -34.22
CD MLZ C 63 13.64 22.77 -35.04
CE MLZ C 63 15.22 22.80 -34.99
NZ MLZ C 63 15.84 21.76 -35.85
CM MLZ C 63 16.01 20.39 -35.31
C MLZ C 63 9.15 22.95 -34.92
O MLZ C 63 8.26 23.78 -34.98
N PRO C 64 8.92 21.65 -34.56
CA PRO C 64 7.52 21.28 -34.24
C PRO C 64 7.16 21.92 -32.90
N LYS C 65 5.87 21.99 -32.60
CA LYS C 65 5.38 22.74 -31.44
C LYS C 65 5.33 21.86 -30.21
N LEU C 66 5.25 22.50 -29.04
CA LEU C 66 5.08 21.80 -27.82
C LEU C 66 3.74 22.26 -27.21
N SER C 67 2.78 21.33 -27.04
CA SER C 67 1.42 21.67 -26.49
C SER C 67 1.29 20.97 -25.17
N ALA C 68 0.39 21.44 -24.32
CA ALA C 68 0.08 20.66 -23.13
C ALA C 68 -1.36 20.79 -22.77
N TYR C 69 -1.89 19.74 -22.17
CA TYR C 69 -3.23 19.85 -21.56
C TYR C 69 -3.11 20.46 -20.19
N ILE C 70 -4.14 21.19 -19.76
CA ILE C 70 -4.23 21.57 -18.33
C ILE C 70 -5.71 21.32 -17.92
N THR C 71 -5.93 20.63 -16.81
CA THR C 71 -7.31 20.29 -16.49
C THR C 71 -7.90 21.29 -15.53
N ASP C 72 -9.25 21.40 -15.51
CA ASP C 72 -9.83 22.38 -14.59
C ASP C 72 -10.00 21.86 -13.15
N TRP C 73 -9.67 20.60 -12.88
CA TRP C 73 -9.74 20.19 -11.50
C TRP C 73 -8.37 20.15 -10.81
N CYS C 74 -7.26 20.32 -11.54
CA CYS C 74 -5.92 20.20 -10.86
C CYS C 74 -5.64 21.37 -9.89
N GLN C 75 -6.36 22.50 -10.01
CA GLN C 75 -6.22 23.62 -9.08
C GLN C 75 -6.55 23.25 -7.62
N TYR C 76 -7.40 22.24 -7.42
CA TYR C 76 -7.93 22.08 -6.09
C TYR C 76 -7.03 21.31 -5.18
N ASP C 77 -7.03 21.69 -3.91
CA ASP C 77 -6.52 20.83 -2.84
C ASP C 77 -7.05 21.35 -1.51
N ALA C 78 -8.13 20.73 -1.04
CA ALA C 78 -8.79 21.19 0.16
C ALA C 78 -7.88 21.00 1.40
N ARG C 79 -6.70 20.42 1.24
CA ARG C 79 -5.76 20.47 2.42
C ARG C 79 -5.34 21.89 2.73
N LEU C 80 -5.37 22.76 1.72
CA LEU C 80 -4.97 24.14 1.90
C LEU C 80 -5.95 24.88 2.79
N ASP C 81 -7.13 24.34 2.95
CA ASP C 81 -8.15 24.99 3.83
C ASP C 81 -8.38 24.19 5.09
N GLY C 82 -7.42 23.35 5.42
CA GLY C 82 -7.45 22.46 6.59
C GLY C 82 -8.14 21.11 6.48
N GLY C 83 -8.53 20.68 5.27
CA GLY C 83 -9.04 19.35 5.08
C GLY C 83 -7.94 18.30 4.95
N GLY C 84 -8.40 17.11 4.58
CA GLY C 84 -7.46 16.03 4.25
C GLY C 84 -7.92 14.74 4.93
N SER C 85 -8.86 14.84 5.85
CA SER C 85 -9.40 13.60 6.40
C SER C 85 -10.29 12.78 5.44
N LYS C 86 -10.89 13.39 4.43
CA LYS C 86 -11.55 12.64 3.36
C LYS C 86 -10.61 12.54 2.16
N GLU C 87 -10.60 11.40 1.44
CA GLU C 87 -9.88 11.29 0.18
C GLU C 87 -10.08 12.49 -0.78
N GLU C 88 -11.33 12.92 -0.96
CA GLU C 88 -11.66 13.88 -1.98
C GLU C 88 -11.09 15.25 -1.60
N GLU C 89 -10.71 15.41 -0.35
CA GLU C 89 -10.08 16.63 0.10
C GLU C 89 -8.55 16.69 -0.15
N ARG C 90 -7.96 15.65 -0.75
CA ARG C 90 -6.53 15.71 -0.95
C ARG C 90 -6.32 15.89 -2.46
N GLY C 91 -6.03 17.09 -2.89
CA GLY C 91 -5.97 17.37 -4.34
C GLY C 91 -4.56 17.69 -4.82
N ARG C 92 -4.43 17.87 -6.13
CA ARG C 92 -3.11 18.08 -6.71
C ARG C 92 -2.61 19.47 -6.39
N GLY C 93 -3.53 20.43 -6.27
CA GLY C 93 -3.14 21.85 -6.01
C GLY C 93 -2.20 22.46 -7.02
N PHE C 94 -2.37 22.15 -8.31
CA PHE C 94 -1.43 22.69 -9.32
C PHE C 94 -1.63 24.19 -9.40
N ASP C 95 -0.54 24.92 -9.17
CA ASP C 95 -0.57 26.38 -9.28
C ASP C 95 -0.23 26.97 -10.62
N LEU C 96 -1.24 27.55 -11.31
CA LEU C 96 -1.04 28.12 -12.65
C LEU C 96 -0.04 29.31 -12.55
N ALA C 97 0.15 29.87 -11.35
CA ALA C 97 1.21 30.87 -11.28
C ALA C 97 2.64 30.41 -11.64
N THR C 98 2.90 29.10 -11.55
CA THR C 98 4.17 28.61 -12.01
C THR C 98 4.36 28.74 -13.54
N LEU C 99 3.25 28.82 -14.30
CA LEU C 99 3.34 29.12 -15.72
C LEU C 99 3.21 30.60 -15.95
N MET C 100 2.51 31.34 -15.07
CA MET C 100 2.52 32.81 -15.20
C MET C 100 4.01 33.31 -15.14
N GLN C 101 4.79 32.66 -14.30
CA GLN C 101 6.22 33.00 -14.09
C GLN C 101 7.11 32.50 -15.27
N ASN C 102 6.58 31.62 -16.11
CA ASN C 102 7.32 31.03 -17.25
C ASN C 102 6.34 30.89 -18.43
N PRO C 103 5.86 32.04 -18.95
CA PRO C 103 4.65 32.04 -19.77
C PRO C 103 4.91 31.64 -21.20
N ALA C 104 6.18 31.46 -21.57
CA ALA C 104 6.50 30.93 -22.93
C ALA C 104 6.79 29.44 -22.92
N THR C 105 6.55 28.77 -21.79
CA THR C 105 6.87 27.34 -21.68
C THR C 105 6.22 26.51 -22.78
N TYR C 106 4.91 26.74 -23.01
CA TYR C 106 4.17 25.95 -24.01
C TYR C 106 3.70 26.82 -25.18
N ASP C 107 3.78 26.24 -26.37
CA ASP C 107 3.28 26.94 -27.53
C ASP C 107 1.75 26.92 -27.55
N ARG C 108 1.14 25.90 -26.93
CA ARG C 108 -0.34 25.81 -26.91
C ARG C 108 -0.75 25.12 -25.61
N LEU C 109 -1.77 25.64 -24.94
CA LEU C 109 -2.31 25.01 -23.75
C LEU C 109 -3.75 24.65 -24.08
N ILE C 110 -4.15 23.44 -23.68
CA ILE C 110 -5.48 22.90 -24.00
C ILE C 110 -6.28 22.82 -22.72
N PHE C 111 -7.20 23.78 -22.55
CA PHE C 111 -8.13 23.77 -21.41
C PHE C 111 -8.99 22.51 -21.49
N SER C 112 -9.16 21.80 -20.39
CA SER C 112 -9.87 20.53 -20.42
CA SER C 112 -9.85 20.49 -20.40
C SER C 112 -10.54 20.21 -19.08
N PHE C 113 -11.70 19.57 -19.08
CA PHE C 113 -12.52 19.16 -20.27
C PHE C 113 -13.93 19.70 -20.18
N LEU C 114 -14.49 20.15 -21.32
CA LEU C 114 -15.94 20.37 -21.38
C LEU C 114 -16.67 19.04 -21.54
N GLY C 115 -17.93 19.04 -21.09
CA GLY C 115 -18.73 17.80 -21.15
C GLY C 115 -19.89 18.05 -22.18
N ILE C 116 -20.80 17.07 -22.27
CA ILE C 116 -21.88 17.22 -23.30
C ILE C 116 -23.21 16.79 -22.67
N CYS C 117 -24.24 17.63 -22.81
CA CYS C 117 -25.59 17.24 -22.30
C CYS C 117 -25.97 15.90 -22.96
N GLY C 118 -26.46 14.98 -22.16
CA GLY C 118 -26.61 13.59 -22.64
C GLY C 118 -25.68 12.56 -22.07
N ASP C 119 -24.59 13.03 -21.51
CA ASP C 119 -23.54 12.20 -20.92
C ASP C 119 -24.21 11.19 -19.97
N ILE C 120 -23.77 9.92 -20.00
CA ILE C 120 -24.32 8.88 -19.10
C ILE C 120 -23.25 8.24 -18.26
N GLY C 121 -22.09 8.88 -18.22
CA GLY C 121 -20.93 8.35 -17.49
C GLY C 121 -20.84 8.70 -16.01
N ASN C 122 -19.62 8.46 -15.45
CA ASN C 122 -19.46 8.68 -14.02
CA ASN C 122 -19.26 8.71 -14.04
C ASN C 122 -19.57 10.12 -13.57
N MLY C 123 -19.44 11.08 -14.51
CA MLY C 123 -19.67 12.50 -14.17
CB MLY C 123 -18.55 13.36 -14.84
CG MLY C 123 -17.17 12.94 -14.34
CD MLY C 123 -16.16 14.00 -14.80
CE MLY C 123 -14.83 13.55 -14.16
NZ MLY C 123 -13.67 14.38 -14.63
CH1 MLY C 123 -12.63 14.63 -13.60
CH2 MLY C 123 -13.31 14.47 -16.06
C MLY C 123 -21.02 13.00 -14.67
O MLY C 123 -21.27 14.21 -14.72
N SER C 124 -21.93 12.10 -14.97
CA SER C 124 -23.23 12.52 -15.55
C SER C 124 -24.04 13.35 -14.57
N LYS C 125 -23.88 13.12 -13.26
CA LYS C 125 -24.66 13.85 -12.30
C LYS C 125 -24.25 15.33 -12.37
N MLY C 126 -22.95 15.59 -12.54
CA MLY C 126 -22.48 16.95 -12.57
CB MLY C 126 -20.91 16.95 -12.42
CG MLY C 126 -20.42 18.40 -12.63
CD MLY C 126 -20.97 19.47 -11.66
CE MLY C 126 -20.55 19.06 -10.24
NZ MLY C 126 -20.65 20.14 -9.23
CH1 MLY C 126 -20.30 21.51 -9.55
CH2 MLY C 126 -21.05 19.79 -7.87
C MLY C 126 -22.88 17.55 -13.92
O MLY C 126 -23.25 18.71 -13.98
N VAL C 127 -22.79 16.76 -15.01
CA VAL C 127 -23.24 17.32 -16.32
C VAL C 127 -24.73 17.78 -16.21
N GLN C 128 -25.51 16.96 -15.57
CA GLN C 128 -26.98 17.25 -15.45
C GLN C 128 -27.20 18.50 -14.58
N GLU C 129 -26.40 18.63 -13.51
CA GLU C 129 -26.52 19.77 -12.64
C GLU C 129 -26.22 21.08 -13.41
N VAL C 130 -25.16 21.08 -14.25
CA VAL C 130 -24.81 22.28 -15.01
C VAL C 130 -25.88 22.50 -16.10
N TRP C 131 -26.29 21.41 -16.74
CA TRP C 131 -27.37 21.53 -17.80
C TRP C 131 -28.62 22.19 -17.14
N ASP C 132 -29.03 21.68 -16.00
CA ASP C 132 -30.24 22.19 -15.35
C ASP C 132 -30.04 23.64 -14.92
N GLY C 133 -28.87 23.96 -14.35
CA GLY C 133 -28.51 25.32 -14.00
C GLY C 133 -28.53 26.29 -15.19
N TRP C 134 -28.05 25.86 -16.36
CA TRP C 134 -28.02 26.74 -17.49
C TRP C 134 -29.51 27.08 -17.85
N ASN C 135 -30.31 26.00 -17.94
CA ASN C 135 -31.73 26.08 -18.37
C ASN C 135 -32.56 26.86 -17.34
N ALA C 136 -32.14 26.83 -16.09
CA ALA C 136 -32.81 27.65 -15.06
C ALA C 136 -32.59 29.13 -15.31
N GLN C 137 -31.42 29.46 -15.86
CA GLN C 137 -30.96 30.86 -16.02
C GLN C 137 -31.35 31.47 -17.34
N ALA C 138 -31.41 30.60 -18.37
CA ALA C 138 -31.41 31.12 -19.72
C ALA C 138 -32.63 32.04 -20.02
N PRO C 139 -33.81 31.68 -19.51
CA PRO C 139 -34.96 32.54 -19.90
C PRO C 139 -34.82 33.95 -19.45
N SER C 140 -34.42 34.14 -18.22
CA SER C 140 -34.20 35.52 -17.73
C SER C 140 -33.12 36.25 -18.46
N LEU C 141 -32.19 35.53 -19.11
CA LEU C 141 -31.08 36.19 -19.81
C LEU C 141 -31.40 36.36 -21.27
N GLY C 142 -32.58 35.92 -21.67
CA GLY C 142 -32.92 36.11 -23.04
C GLY C 142 -32.31 35.03 -23.91
N LEU C 143 -31.96 33.88 -23.32
CA LEU C 143 -31.29 32.82 -24.09
C LEU C 143 -32.21 31.60 -24.26
N PRO C 144 -31.98 30.79 -25.30
CA PRO C 144 -32.74 29.54 -25.48
C PRO C 144 -32.32 28.49 -24.49
N GLN C 145 -33.15 27.46 -24.38
CA GLN C 145 -32.84 26.24 -23.59
C GLN C 145 -31.78 25.45 -24.36
N ILE C 146 -30.97 24.68 -23.62
CA ILE C 146 -30.03 23.81 -24.33
C ILE C 146 -30.48 22.40 -24.11
N GLY C 147 -30.04 21.53 -25.01
CA GLY C 147 -30.47 20.15 -24.93
C GLY C 147 -29.35 19.18 -25.30
N LYS C 148 -29.70 17.92 -25.49
CA LYS C 148 -28.65 16.93 -25.77
C LYS C 148 -27.76 17.32 -26.91
N GLY C 149 -26.46 17.03 -26.71
CA GLY C 149 -25.43 17.47 -27.68
C GLY C 149 -24.74 18.80 -27.38
N HIS C 150 -25.32 19.65 -26.53
CA HIS C 150 -24.79 20.98 -26.31
C HIS C 150 -23.60 20.81 -25.31
N ILE C 151 -22.50 21.50 -25.57
CA ILE C 151 -21.32 21.34 -24.63
C ILE C 151 -21.53 22.19 -23.39
N VAL C 152 -20.98 21.78 -22.24
CA VAL C 152 -21.16 22.54 -21.01
C VAL C 152 -19.90 22.40 -20.18
N PRO C 153 -19.66 23.40 -19.34
CA PRO C 153 -18.51 23.32 -18.43
C PRO C 153 -18.89 22.38 -17.28
N LEU C 154 -17.88 21.67 -16.72
CA LEU C 154 -18.19 20.71 -15.68
C LEU C 154 -18.06 21.37 -14.33
N ASP C 155 -17.43 22.56 -14.25
CA ASP C 155 -17.21 23.10 -12.92
C ASP C 155 -17.23 24.63 -12.98
N PRO C 156 -18.42 25.21 -12.98
CA PRO C 156 -18.50 26.66 -13.26
C PRO C 156 -17.63 27.46 -12.22
N TYR C 157 -17.61 27.03 -10.96
CA TYR C 157 -16.80 27.75 -10.00
C TYR C 157 -15.32 27.63 -10.30
N GLY C 158 -14.81 26.42 -10.54
CA GLY C 158 -13.36 26.33 -10.94
C GLY C 158 -12.99 26.93 -12.31
N ASP C 159 -13.97 27.02 -13.20
CA ASP C 159 -13.73 27.56 -14.50
C ASP C 159 -13.81 29.04 -14.56
N LEU C 160 -14.62 29.65 -13.69
CA LEU C 160 -14.94 31.07 -13.83
C LEU C 160 -14.86 31.87 -12.55
N GLY C 161 -14.74 31.20 -11.42
CA GLY C 161 -14.94 31.92 -10.13
C GLY C 161 -13.70 31.90 -9.19
N THR C 162 -12.78 30.91 -9.38
CA THR C 162 -11.65 30.84 -8.41
C THR C 162 -10.54 31.86 -8.69
N ALA C 163 -9.67 32.09 -7.69
CA ALA C 163 -8.43 32.84 -7.91
C ALA C 163 -7.17 32.04 -7.46
N ARG C 164 -7.22 31.34 -6.33
CA ARG C 164 -6.10 30.50 -5.87
C ARG C 164 -5.78 29.46 -6.91
N ASN C 165 -4.50 29.41 -7.21
CA ASN C 165 -3.93 28.43 -8.13
C ASN C 165 -4.30 28.62 -9.60
N VAL C 166 -4.97 29.75 -9.94
CA VAL C 166 -5.28 30.05 -11.35
C VAL C 166 -4.62 31.38 -11.77
N GLY C 167 -3.67 31.84 -10.96
CA GLY C 167 -2.78 32.98 -11.28
C GLY C 167 -3.48 34.32 -11.27
N LEU C 168 -4.58 34.39 -10.52
CA LEU C 168 -5.39 35.63 -10.46
C LEU C 168 -5.28 36.21 -9.06
N PRO C 169 -5.48 37.54 -8.93
CA PRO C 169 -5.46 38.23 -7.66
C PRO C 169 -6.61 37.76 -6.80
N PRO C 170 -6.45 37.72 -5.48
CA PRO C 170 -7.49 37.16 -4.60
C PRO C 170 -8.83 37.91 -4.72
N GLU C 171 -8.76 39.20 -5.06
CA GLU C 171 -9.99 40.03 -5.27
C GLU C 171 -10.82 39.50 -6.41
N SER C 172 -10.24 38.69 -7.30
CA SER C 172 -11.01 38.20 -8.45
C SER C 172 -11.89 37.03 -8.11
N ALA C 173 -11.66 36.37 -6.98
CA ALA C 173 -12.45 35.18 -6.59
C ALA C 173 -13.90 35.53 -6.38
N ASP C 174 -14.78 34.66 -6.84
CA ASP C 174 -16.22 34.95 -6.67
C ASP C 174 -16.93 33.65 -6.27
N THR C 175 -17.11 33.40 -4.96
CA THR C 175 -17.77 32.20 -4.53
C THR C 175 -19.29 32.18 -4.74
N SER C 176 -19.84 33.20 -5.36
CA SER C 176 -21.31 33.12 -5.71
C SER C 176 -21.54 32.34 -7.00
N ILE C 177 -20.46 32.08 -7.72
CA ILE C 177 -20.56 31.40 -9.01
C ILE C 177 -20.76 29.93 -8.80
N GLU C 178 -21.88 29.40 -9.32
CA GLU C 178 -22.21 28.04 -9.14
C GLU C 178 -23.11 27.65 -10.33
N SER C 179 -23.63 26.42 -10.35
CA SER C 179 -24.40 25.99 -11.58
C SER C 179 -25.64 26.81 -11.87
N GLY C 180 -26.27 27.36 -10.83
CA GLY C 180 -27.48 28.17 -11.06
C GLY C 180 -27.23 29.68 -11.24
N THR C 181 -25.98 30.13 -11.14
CA THR C 181 -25.67 31.56 -11.31
C THR C 181 -24.60 31.89 -12.31
N PHE C 182 -23.95 30.87 -12.93
CA PHE C 182 -22.70 31.15 -13.66
C PHE C 182 -22.84 31.79 -15.03
N LEU C 183 -24.05 31.76 -15.61
CA LEU C 183 -24.14 32.16 -16.99
C LEU C 183 -23.69 33.56 -17.44
N PRO C 184 -23.97 34.62 -16.63
CA PRO C 184 -23.57 35.96 -16.97
C PRO C 184 -22.07 36.05 -16.98
N TYR C 185 -21.42 35.14 -16.24
CA TYR C 185 -19.97 35.19 -16.11
C TYR C 185 -19.23 34.30 -17.15
N TYR C 186 -19.99 33.62 -18.01
CA TYR C 186 -19.41 32.60 -18.86
C TYR C 186 -18.97 33.31 -20.14
N GLN C 187 -18.06 34.27 -20.06
CA GLN C 187 -17.52 34.99 -21.22
C GLN C 187 -16.15 35.59 -20.80
N GLN C 188 -15.26 35.75 -21.76
CA GLN C 188 -13.87 36.07 -21.51
C GLN C 188 -13.71 37.32 -20.68
N ASN C 189 -14.56 38.36 -20.88
CA ASN C 189 -14.26 39.60 -20.13
C ASN C 189 -14.75 39.54 -18.71
N ARG C 190 -15.45 38.48 -18.31
CA ARG C 190 -15.95 38.44 -16.93
C ARG C 190 -15.35 37.28 -16.12
N ALA C 191 -14.65 36.37 -16.81
CA ALA C 191 -14.28 35.09 -16.18
C ALA C 191 -13.12 35.32 -15.18
N ALA C 192 -13.20 34.70 -13.99
CA ALA C 192 -11.99 34.44 -13.18
C ALA C 192 -11.81 32.92 -13.36
N GLY C 193 -11.37 32.19 -12.31
CA GLY C 193 -11.21 30.73 -12.51
C GLY C 193 -10.17 30.40 -13.52
N LEU C 194 -10.15 29.11 -13.90
CA LEU C 194 -9.11 28.68 -14.84
C LEU C 194 -9.19 29.46 -16.20
N LEU C 195 -10.42 29.77 -16.66
CA LEU C 195 -10.52 30.48 -17.97
C LEU C 195 -9.95 31.91 -17.89
N GLY C 196 -10.22 32.58 -16.78
CA GLY C 196 -9.65 33.90 -16.60
C GLY C 196 -8.12 33.79 -16.37
N GLY C 197 -7.64 32.73 -15.68
CA GLY C 197 -6.19 32.50 -15.54
C GLY C 197 -5.56 32.33 -16.92
N LEU C 198 -6.19 31.55 -17.77
CA LEU C 198 -5.59 31.30 -19.08
C LEU C 198 -5.56 32.58 -19.94
N ARG C 199 -6.60 33.36 -19.80
CA ARG C 199 -6.65 34.67 -20.53
C ARG C 199 -5.43 35.48 -20.12
N GLU C 200 -5.24 35.61 -18.80
CA GLU C 200 -4.10 36.35 -18.25
C GLU C 200 -2.75 35.77 -18.60
N LEU C 201 -2.62 34.44 -18.59
CA LEU C 201 -1.39 33.81 -19.07
C LEU C 201 -1.07 34.10 -20.55
N GLN C 202 -2.10 34.07 -21.37
CA GLN C 202 -1.82 34.32 -22.79
C GLN C 202 -1.39 35.80 -22.94
N LYS C 203 -1.99 36.69 -22.16
CA LYS C 203 -1.61 38.13 -22.13
C LYS C 203 -0.13 38.33 -21.73
N LYS C 204 0.29 37.66 -20.65
CA LYS C 204 1.68 37.68 -20.16
C LYS C 204 2.62 37.13 -21.20
N ALA C 205 2.21 36.05 -21.89
CA ALA C 205 3.03 35.50 -22.90
C ALA C 205 3.19 36.51 -24.04
N HIS C 206 2.07 37.15 -24.41
CA HIS C 206 2.12 38.09 -25.55
C HIS C 206 3.04 39.27 -25.23
N ALA C 207 3.05 39.71 -23.99
CA ALA C 207 3.91 40.88 -23.63
C ALA C 207 5.39 40.57 -23.80
N MET C 208 5.76 39.28 -23.76
CA MET C 208 7.10 38.87 -23.96
C MET C 208 7.41 38.38 -25.37
N GLY C 209 6.47 38.57 -26.26
CA GLY C 209 6.63 38.19 -27.64
C GLY C 209 6.35 36.73 -27.97
N HIS C 210 5.65 36.03 -27.10
CA HIS C 210 5.37 34.60 -27.31
C HIS C 210 3.88 34.44 -27.59
N LYS C 211 3.59 33.72 -28.67
CA LYS C 211 2.18 33.45 -29.00
C LYS C 211 1.78 32.16 -28.31
N LEU C 212 0.97 32.27 -27.29
CA LEU C 212 0.46 31.10 -26.60
C LEU C 212 -0.91 30.88 -27.25
N ASP C 213 -1.01 29.86 -28.07
CA ASP C 213 -2.30 29.42 -28.62
C ASP C 213 -3.09 28.72 -27.52
N LEU C 214 -4.41 28.98 -27.46
CA LEU C 214 -5.23 28.30 -26.46
C LEU C 214 -6.22 27.45 -27.24
N ALA C 215 -6.44 26.23 -26.74
CA ALA C 215 -7.43 25.37 -27.30
C ALA C 215 -8.29 24.88 -26.17
N PHE C 216 -9.53 24.48 -26.49
CA PHE C 216 -10.37 23.85 -25.43
C PHE C 216 -10.76 22.45 -25.91
N SER C 217 -10.76 21.49 -24.99
CA SER C 217 -11.04 20.10 -25.32
C SER C 217 -12.40 19.70 -24.75
N ILE C 218 -13.17 19.03 -25.58
CA ILE C 218 -14.48 18.44 -25.14
C ILE C 218 -14.30 16.92 -25.07
N GLY C 219 -14.66 16.31 -23.93
CA GLY C 219 -14.73 14.85 -23.79
C GLY C 219 -13.55 14.35 -22.91
N GLY C 220 -12.64 13.65 -23.54
CA GLY C 220 -11.59 12.91 -22.83
C GLY C 220 -12.19 11.62 -22.31
N TRP C 221 -11.41 10.89 -21.51
CA TRP C 221 -11.80 9.47 -21.24
C TRP C 221 -13.14 9.39 -20.51
N SER C 222 -13.38 10.34 -19.60
CA SER C 222 -14.53 10.22 -18.72
C SER C 222 -15.78 10.92 -19.22
N LEU C 223 -15.65 11.67 -20.28
CA LEU C 223 -16.77 12.52 -20.77
C LEU C 223 -17.08 12.23 -22.24
N SER C 224 -16.80 10.99 -22.67
CA SER C 224 -16.97 10.61 -24.07
C SER C 224 -18.22 9.81 -24.34
N SER C 225 -19.06 9.61 -23.35
CA SER C 225 -20.12 8.57 -23.53
C SER C 225 -21.21 8.98 -24.53
N TYR C 226 -21.40 10.26 -24.75
CA TYR C 226 -22.50 10.73 -25.62
C TYR C 226 -22.09 11.06 -27.06
N PHE C 227 -20.78 11.08 -27.35
CA PHE C 227 -20.44 11.49 -28.73
C PHE C 227 -21.12 10.58 -29.79
N SER C 228 -21.19 9.26 -29.54
CA SER C 228 -21.69 8.37 -30.64
C SER C 228 -23.16 8.75 -30.90
N ALA C 229 -23.90 9.12 -29.85
CA ALA C 229 -25.32 9.46 -30.01
C ALA C 229 -25.49 10.81 -30.70
N LEU C 230 -24.72 11.82 -30.33
CA LEU C 230 -24.93 13.12 -31.01
C LEU C 230 -24.43 13.04 -32.44
N ALA C 231 -23.36 12.25 -32.71
CA ALA C 231 -22.84 12.17 -34.04
C ALA C 231 -23.83 11.43 -34.99
N GLU C 232 -24.59 10.50 -34.41
CA GLU C 232 -25.55 9.72 -35.18
C GLU C 232 -26.81 10.59 -35.54
N ASN C 233 -27.26 11.45 -34.63
CA ASN C 233 -28.55 12.20 -34.82
C ASN C 233 -28.19 13.57 -35.40
N PRO C 234 -28.56 13.81 -36.66
CA PRO C 234 -28.12 15.06 -37.31
C PRO C 234 -28.58 16.31 -36.57
N ASP C 235 -29.69 16.24 -35.86
CA ASP C 235 -30.16 17.44 -35.12
C ASP C 235 -29.28 17.74 -33.91
N GLU C 236 -28.87 16.66 -33.29
CA GLU C 236 -27.94 16.80 -32.10
C GLU C 236 -26.56 17.20 -32.58
N ARG C 237 -26.14 16.69 -33.73
CA ARG C 237 -24.90 17.12 -34.34
C ARG C 237 -24.87 18.59 -34.58
N ARG C 238 -26.00 19.15 -35.09
CA ARG C 238 -26.16 20.57 -35.30
C ARG C 238 -26.07 21.37 -33.99
N VAL C 239 -26.70 20.86 -32.97
CA VAL C 239 -26.65 21.52 -31.65
C VAL C 239 -25.20 21.54 -31.08
N PHE C 240 -24.53 20.40 -31.22
CA PHE C 240 -23.10 20.29 -30.77
C PHE C 240 -22.23 21.30 -31.50
N VAL C 241 -22.27 21.27 -32.84
CA VAL C 241 -21.47 22.23 -33.64
C VAL C 241 -21.81 23.67 -33.25
N ALA C 242 -23.08 24.05 -33.14
CA ALA C 242 -23.41 25.42 -32.78
C ALA C 242 -22.89 25.81 -31.37
N SER C 243 -22.86 24.84 -30.46
CA SER C 243 -22.38 25.18 -29.10
C SER C 243 -20.84 25.36 -29.11
N VAL C 244 -20.14 24.72 -30.00
CA VAL C 244 -18.69 24.90 -30.14
C VAL C 244 -18.46 26.27 -30.70
N VAL C 245 -19.24 26.66 -31.74
CA VAL C 245 -19.12 28.06 -32.24
C VAL C 245 -19.40 29.08 -31.14
N ASP C 246 -20.45 28.81 -30.35
CA ASP C 246 -20.83 29.67 -29.26
C ASP C 246 -19.69 29.81 -28.23
N PHE C 247 -19.01 28.69 -27.92
CA PHE C 247 -17.93 28.80 -26.92
C PHE C 247 -16.81 29.72 -27.45
N PHE C 248 -16.46 29.60 -28.75
CA PHE C 248 -15.43 30.52 -29.39
C PHE C 248 -15.90 31.98 -29.34
N VAL C 249 -17.19 32.20 -29.48
CA VAL C 249 -17.68 33.59 -29.42
C VAL C 249 -17.55 34.13 -27.99
N ARG C 250 -17.84 33.27 -27.00
CA ARG C 250 -17.77 33.67 -25.58
C ARG C 250 -16.33 33.85 -25.16
N PHE C 251 -15.41 33.08 -25.78
CA PHE C 251 -13.96 33.07 -25.40
C PHE C 251 -13.11 33.11 -26.66
N PRO C 252 -13.00 34.30 -27.23
CA PRO C 252 -12.26 34.38 -28.48
C PRO C 252 -10.76 34.24 -28.30
N MET C 253 -10.28 34.13 -27.04
CA MET C 253 -8.84 33.81 -26.85
C MET C 253 -8.49 32.42 -27.39
N PHE C 254 -9.52 31.55 -27.58
CA PHE C 254 -9.23 30.21 -28.13
C PHE C 254 -9.17 30.21 -29.62
N SER C 255 -8.21 29.47 -30.19
CA SER C 255 -8.04 29.39 -31.65
C SER C 255 -8.25 27.97 -32.13
N CYS C 256 -8.43 27.02 -31.21
CA CYS C 256 -8.55 25.62 -31.66
C CYS C 256 -9.54 24.91 -30.72
N VAL C 257 -10.26 23.95 -31.28
CA VAL C 257 -11.13 23.06 -30.46
C VAL C 257 -10.61 21.66 -30.67
N ASP C 258 -10.49 20.93 -29.56
CA ASP C 258 -10.03 19.55 -29.58
C ASP C 258 -11.25 18.69 -29.22
N ILE C 259 -11.62 17.79 -30.15
CA ILE C 259 -12.70 16.86 -29.94
C ILE C 259 -12.01 15.62 -29.46
N ASP C 260 -12.05 15.39 -28.15
CA ASP C 260 -11.37 14.20 -27.59
C ASP C 260 -12.39 13.11 -27.35
N TRP C 261 -12.90 12.59 -28.47
CA TRP C 261 -13.83 11.45 -28.41
C TRP C 261 -12.99 10.19 -28.28
N GLU C 262 -13.07 9.53 -27.10
CA GLU C 262 -12.23 8.41 -26.81
C GLU C 262 -13.21 7.22 -26.62
N TYR C 263 -13.48 6.41 -27.68
CA TYR C 263 -12.95 6.57 -29.02
C TYR C 263 -14.08 6.11 -29.98
N PRO C 264 -14.07 6.60 -31.25
CA PRO C 264 -15.04 6.11 -32.24
C PRO C 264 -14.94 4.62 -32.36
N GLY C 265 -16.12 3.98 -32.42
CA GLY C 265 -16.27 2.60 -32.55
C GLY C 265 -16.11 1.77 -31.27
N GLY C 266 -15.88 2.41 -30.12
CA GLY C 266 -15.76 1.69 -28.82
C GLY C 266 -14.31 1.65 -28.36
N GLY C 267 -13.95 0.81 -27.40
CA GLY C 267 -12.51 0.91 -26.99
C GLY C 267 -12.15 2.15 -26.13
N GLY C 268 -13.17 2.90 -25.75
CA GLY C 268 -13.09 3.88 -24.62
C GLY C 268 -13.62 3.21 -23.36
N ASP C 269 -14.10 4.02 -22.43
CA ASP C 269 -14.72 3.48 -21.25
C ASP C 269 -15.83 2.53 -21.70
N GLU C 270 -15.98 1.40 -21.01
CA GLU C 270 -16.90 0.43 -21.60
C GLU C 270 -18.35 0.85 -21.54
N GLY C 271 -18.72 1.84 -20.71
CA GLY C 271 -20.10 2.28 -20.68
C GLY C 271 -20.44 3.33 -21.79
N ASN C 272 -19.50 3.66 -22.65
CA ASN C 272 -19.79 4.70 -23.68
C ASN C 272 -20.81 4.21 -24.68
N ILE C 273 -21.63 5.13 -25.20
CA ILE C 273 -22.43 4.74 -26.38
C ILE C 273 -21.42 4.52 -27.54
N SER C 274 -21.62 3.50 -28.40
CA SER C 274 -20.65 3.33 -29.47
C SER C 274 -21.31 2.63 -30.64
N SER C 275 -20.74 2.77 -31.83
CA SER C 275 -21.41 2.23 -32.99
C SER C 275 -20.42 2.00 -34.08
N ASP C 276 -20.70 1.03 -34.94
CA ASP C 276 -19.89 0.84 -36.10
C ASP C 276 -20.03 1.97 -37.12
N MLY C 277 -21.04 2.80 -36.96
CA MLY C 277 -21.17 4.01 -37.80
CB MLY C 277 -22.64 4.49 -37.83
CG MLY C 277 -23.58 3.45 -38.54
CD MLY C 277 -25.03 3.98 -38.46
CE MLY C 277 -25.19 5.15 -39.45
NZ MLY C 277 -26.59 5.59 -39.62
CH1 MLY C 277 -26.83 6.94 -40.12
CH2 MLY C 277 -27.74 4.71 -39.40
C MLY C 277 -20.42 5.20 -37.19
O MLY C 277 -20.42 6.29 -37.79
N ASP C 278 -19.70 5.02 -36.08
CA ASP C 278 -19.09 6.21 -35.45
C ASP C 278 -18.10 6.91 -36.39
N GLY C 279 -17.26 6.15 -37.07
CA GLY C 279 -16.25 6.75 -37.98
C GLY C 279 -16.88 7.54 -39.13
N GLU C 280 -17.90 6.94 -39.73
CA GLU C 280 -18.63 7.69 -40.79
C GLU C 280 -19.37 8.93 -40.24
N ASN C 281 -19.95 8.85 -39.05
CA ASN C 281 -20.65 9.95 -38.49
C ASN C 281 -19.65 11.01 -38.02
N TYR C 282 -18.48 10.57 -37.61
CA TYR C 282 -17.45 11.57 -37.24
C TYR C 282 -17.04 12.43 -38.42
N VAL C 283 -16.92 11.82 -39.59
CA VAL C 283 -16.70 12.58 -40.87
C VAL C 283 -17.77 13.68 -41.02
N LEU C 284 -19.06 13.34 -40.85
CA LEU C 284 -20.12 14.31 -40.94
C LEU C 284 -19.98 15.42 -39.92
N LEU C 285 -19.66 15.03 -38.67
CA LEU C 285 -19.50 16.05 -37.63
C LEU C 285 -18.35 17.02 -38.03
N ILE C 286 -17.21 16.50 -38.44
CA ILE C 286 -16.06 17.40 -38.72
C ILE C 286 -16.37 18.27 -39.92
N LYS C 287 -17.02 17.68 -40.95
CA LYS C 287 -17.37 18.47 -42.12
C LYS C 287 -18.23 19.66 -41.68
N GLU C 288 -19.26 19.39 -40.85
CA GLU C 288 -20.23 20.44 -40.38
C GLU C 288 -19.60 21.44 -39.48
N LEU C 289 -18.68 20.95 -38.65
CA LEU C 289 -17.99 21.86 -37.74
C LEU C 289 -17.02 22.76 -38.54
N ARG C 290 -16.36 22.20 -39.53
CA ARG C 290 -15.41 22.98 -40.33
C ARG C 290 -16.20 24.10 -41.02
N SER C 291 -17.34 23.75 -41.60
CA SER C 291 -18.14 24.73 -42.35
C SER C 291 -18.67 25.84 -41.42
N ALA C 292 -19.16 25.42 -40.25
CA ALA C 292 -19.68 26.37 -39.30
C ALA C 292 -18.61 27.32 -38.75
N LEU C 293 -17.44 26.79 -38.40
CA LEU C 293 -16.37 27.68 -37.90
C LEU C 293 -15.89 28.67 -38.99
N ASP C 294 -15.67 28.16 -40.17
CA ASP C 294 -15.23 29.02 -41.26
C ASP C 294 -16.31 30.06 -41.60
N SER C 295 -17.60 29.73 -41.52
CA SER C 295 -18.61 30.72 -41.87
C SER C 295 -18.58 31.86 -40.86
N ARG C 296 -18.41 31.55 -39.58
CA ARG C 296 -18.54 32.54 -38.55
C ARG C 296 -17.22 33.30 -38.35
N PHE C 297 -16.10 32.59 -38.53
CA PHE C 297 -14.79 33.15 -38.15
C PHE C 297 -13.87 33.46 -39.32
N GLY C 298 -14.24 33.00 -40.52
CA GLY C 298 -13.45 33.32 -41.71
C GLY C 298 -12.21 32.50 -41.85
N TYR C 299 -11.39 32.96 -42.81
CA TYR C 299 -10.24 32.23 -43.22
C TYR C 299 -8.94 32.97 -42.97
N SER C 300 -9.00 34.18 -42.43
CA SER C 300 -7.78 34.89 -42.19
C SER C 300 -7.27 34.63 -40.78
N ASN C 301 -8.14 34.75 -39.77
CA ASN C 301 -7.85 34.35 -38.40
C ASN C 301 -8.62 32.99 -38.16
N ARG C 302 -8.14 31.92 -38.81
CA ARG C 302 -8.99 30.74 -39.00
C ARG C 302 -8.93 29.92 -37.72
N MLY C 303 -10.04 29.29 -37.33
CA MLY C 303 -9.97 28.41 -36.16
CB MLY C 303 -11.41 28.18 -35.69
CG MLY C 303 -12.10 29.44 -35.10
CD MLY C 303 -11.14 30.31 -34.27
CE MLY C 303 -11.97 31.47 -33.75
NZ MLY C 303 -11.18 32.43 -32.93
CH1 MLY C 303 -9.73 32.79 -33.12
CH2 MLY C 303 -12.02 32.99 -31.90
C MLY C 303 -9.46 27.02 -36.61
O MLY C 303 -9.60 26.62 -37.78
N GLU C 304 -8.92 26.22 -35.66
CA GLU C 304 -8.44 24.93 -36.02
C GLU C 304 -9.30 23.87 -35.26
N ILE C 305 -9.27 22.66 -35.83
CA ILE C 305 -9.98 21.52 -35.23
C ILE C 305 -8.94 20.44 -35.03
N SER C 306 -8.89 19.92 -33.79
CA SER C 306 -8.04 18.79 -33.48
C SER C 306 -8.93 17.66 -32.99
N ILE C 307 -8.46 16.43 -33.17
CA ILE C 307 -9.18 15.27 -32.59
C ILE C 307 -8.16 14.35 -31.89
N ALA C 308 -8.68 13.67 -30.85
CA ALA C 308 -7.95 12.55 -30.18
C ALA C 308 -7.89 11.34 -31.12
N CYS C 309 -6.73 10.71 -31.14
CA CYS C 309 -6.58 9.48 -31.92
C CYS C 309 -5.99 8.44 -31.00
N SER C 310 -6.56 7.23 -30.98
CA SER C 310 -5.98 6.17 -30.12
C SER C 310 -4.58 5.79 -30.57
N GLY C 311 -3.73 5.36 -29.63
CA GLY C 311 -2.46 4.82 -30.03
C GLY C 311 -2.56 3.32 -30.45
N VAL C 312 -3.77 2.71 -30.46
CA VAL C 312 -3.93 1.31 -30.89
C VAL C 312 -4.41 1.31 -32.35
N M3L C 313 -3.72 0.63 -33.25
CA M3L C 313 -4.09 0.62 -34.70
CB M3L C 313 -3.18 -0.26 -35.58
CG M3L C 313 -1.77 0.36 -35.72
CD M3L C 313 -0.80 -0.59 -36.52
CE M3L C 313 -0.55 -1.94 -35.82
NZ M3L C 313 0.08 -3.00 -36.72
C M3L C 313 -5.57 0.17 -34.88
O M3L C 313 -6.35 0.83 -35.64
CM1 M3L C 313 -0.63 -3.17 -38.03
CM2 M3L C 313 0.11 -4.27 -35.97
CM3 M3L C 313 1.43 -2.55 -37.07
N ALA C 314 -5.98 -0.90 -34.19
CA ALA C 314 -7.35 -1.46 -34.40
C ALA C 314 -8.41 -0.44 -34.05
N MLY C 315 -8.10 0.41 -33.06
CA MLY C 315 -9.01 1.49 -32.67
CB MLY C 315 -8.78 2.06 -31.29
CG MLY C 315 -8.91 0.95 -30.25
CD MLY C 315 -8.77 1.50 -28.81
CE MLY C 315 -8.80 0.41 -27.80
NZ MLY C 315 -8.56 0.90 -26.41
CH1 MLY C 315 -8.82 -0.03 -25.28
CH2 MLY C 315 -7.87 2.15 -26.11
C MLY C 315 -8.99 2.65 -33.62
O MLY C 315 -10.07 3.09 -34.09
N LEU C 316 -7.79 3.15 -33.93
CA LEU C 316 -7.76 4.36 -34.77
C LEU C 316 -8.33 4.11 -36.19
N LYS C 317 -8.29 2.86 -36.67
CA LYS C 317 -8.86 2.52 -37.97
C LYS C 317 -10.35 2.80 -37.98
N LYS C 318 -10.98 2.76 -36.81
CA LYS C 318 -12.45 2.93 -36.75
C LYS C 318 -12.85 4.39 -36.72
N SER C 319 -11.85 5.27 -36.82
CA SER C 319 -12.13 6.72 -36.74
C SER C 319 -12.03 7.42 -38.11
N ASN C 320 -11.85 6.64 -39.20
CA ASN C 320 -11.82 7.19 -40.55
C ASN C 320 -11.00 8.49 -40.67
N ILE C 321 -9.76 8.47 -40.19
CA ILE C 321 -9.07 9.74 -39.99
C ILE C 321 -8.62 10.32 -41.32
N ASP C 322 -8.35 9.47 -42.32
CA ASP C 322 -8.11 10.04 -43.66
C ASP C 322 -9.30 10.87 -44.19
N GLN C 323 -10.51 10.36 -43.97
CA GLN C 323 -11.73 11.18 -44.29
C GLN C 323 -11.95 12.42 -43.45
N LEU C 324 -11.55 12.35 -42.17
CA LEU C 324 -11.59 13.57 -41.32
C LEU C 324 -10.64 14.61 -41.94
N VAL C 325 -9.46 14.20 -42.32
CA VAL C 325 -8.49 15.16 -42.89
C VAL C 325 -9.01 15.75 -44.24
N ALA C 326 -9.56 14.88 -45.07
CA ALA C 326 -10.15 15.31 -46.36
C ALA C 326 -11.30 16.27 -46.17
N ASN C 327 -11.90 16.27 -44.99
CA ASN C 327 -13.05 17.10 -44.65
C ASN C 327 -12.76 18.23 -43.72
N GLY C 328 -11.48 18.53 -43.56
CA GLY C 328 -11.05 19.79 -42.89
C GLY C 328 -10.43 19.67 -41.49
N LEU C 329 -10.17 18.45 -41.04
CA LEU C 329 -9.41 18.30 -39.76
C LEU C 329 -8.01 18.92 -39.89
N ASP C 330 -7.56 19.71 -38.89
CA ASP C 330 -6.19 20.27 -38.84
C ASP C 330 -5.19 19.37 -38.14
N ASN C 331 -5.54 18.86 -36.96
CA ASN C 331 -4.50 18.21 -36.10
C ASN C 331 -5.04 16.92 -35.56
N ILE C 332 -4.12 15.98 -35.48
CA ILE C 332 -4.33 14.62 -34.90
C ILE C 332 -3.51 14.49 -33.65
N TYR C 333 -4.15 14.37 -32.48
CA TYR C 333 -3.39 14.28 -31.20
C TYR C 333 -3.35 12.78 -30.90
N LEU C 334 -2.18 12.19 -31.09
CA LEU C 334 -1.99 10.75 -30.97
C LEU C 334 -1.77 10.43 -29.49
N MET C 335 -2.77 9.74 -28.92
CA MET C 335 -2.79 9.52 -27.49
CA MET C 335 -2.76 9.53 -27.48
C MET C 335 -2.06 8.21 -27.19
N SER C 336 -0.77 8.23 -27.50
CA SER C 336 0.03 7.05 -27.39
C SER C 336 0.56 6.88 -25.98
N TYR C 337 -0.36 6.56 -25.10
CA TYR C 337 -0.05 6.27 -23.69
C TYR C 337 -1.15 5.35 -23.19
N ASP C 338 -1.02 4.89 -21.93
CA ASP C 338 -1.93 3.91 -21.34
C ASP C 338 -1.93 2.56 -22.07
N PHE C 339 -0.80 2.26 -22.69
CA PHE C 339 -0.64 0.97 -23.35
C PHE C 339 -0.60 -0.22 -22.36
N PHE C 340 -0.36 0.07 -21.10
CA PHE C 340 -0.34 -0.89 -20.01
C PHE C 340 -1.08 -0.24 -18.86
N GLY C 341 -1.80 -1.03 -18.09
CA GLY C 341 -2.32 -0.50 -16.81
C GLY C 341 -2.67 -1.68 -15.97
N THR C 342 -2.63 -1.50 -14.67
CA THR C 342 -2.96 -2.58 -13.77
C THR C 342 -4.46 -2.91 -13.89
N ILE C 343 -4.84 -4.07 -13.31
CA ILE C 343 -6.20 -4.59 -13.36
C ILE C 343 -6.46 -5.17 -14.75
N TRP C 344 -6.34 -4.34 -15.82
CA TRP C 344 -6.84 -4.82 -17.10
C TRP C 344 -5.82 -5.54 -17.94
N ALA C 345 -4.53 -5.23 -17.75
CA ALA C 345 -3.52 -5.80 -18.63
C ALA C 345 -3.15 -7.17 -18.14
N ASP C 346 -2.90 -8.07 -19.08
CA ASP C 346 -2.40 -9.41 -18.70
C ASP C 346 -0.92 -9.41 -18.29
N TYR C 347 -0.12 -8.47 -18.77
CA TYR C 347 1.31 -8.47 -18.56
C TYR C 347 1.77 -7.09 -18.23
N ILE C 348 2.84 -6.98 -17.46
CA ILE C 348 3.48 -5.67 -17.34
C ILE C 348 4.07 -5.23 -18.71
N GLY C 349 4.16 -3.92 -18.94
CA GLY C 349 4.75 -3.45 -20.19
C GLY C 349 4.89 -1.96 -20.13
N HIS C 350 5.39 -1.39 -21.22
CA HIS C 350 5.54 0.04 -21.32
C HIS C 350 4.21 0.67 -21.69
N HIS C 351 3.88 1.76 -20.99
CA HIS C 351 2.60 2.37 -21.25
C HIS C 351 2.64 3.45 -22.30
N THR C 352 3.85 3.93 -22.62
CA THR C 352 3.92 5.08 -23.54
C THR C 352 5.18 5.07 -24.41
N ASN C 353 5.57 3.86 -24.81
CA ASN C 353 6.82 3.71 -25.52
C ASN C 353 6.68 4.13 -26.99
N LEU C 354 7.68 4.84 -27.48
CA LEU C 354 7.75 5.24 -28.90
C LEU C 354 7.98 4.03 -29.82
N TYR C 355 8.86 3.12 -29.42
CA TYR C 355 9.33 2.10 -30.40
C TYR C 355 8.78 0.75 -30.11
N SER C 356 8.53 -0.02 -31.16
CA SER C 356 8.02 -1.40 -31.02
C SER C 356 9.14 -2.35 -30.56
N PRO C 357 8.85 -3.26 -29.63
CA PRO C 357 9.86 -4.30 -29.36
C PRO C 357 9.94 -5.29 -30.58
N LYS C 358 10.91 -6.18 -30.53
CA LYS C 358 11.03 -7.28 -31.54
C LYS C 358 9.82 -8.19 -31.51
N ASP C 359 9.35 -8.58 -32.69
CA ASP C 359 8.17 -9.48 -32.87
C ASP C 359 6.97 -9.06 -32.01
N PRO C 360 6.42 -7.84 -32.26
CA PRO C 360 5.45 -7.24 -31.31
C PRO C 360 4.08 -7.86 -31.49
N GLY C 361 3.89 -8.70 -32.52
CA GLY C 361 2.61 -9.30 -32.80
C GLY C 361 1.53 -8.35 -33.32
N GLU C 362 0.30 -8.57 -32.85
CA GLU C 362 -0.90 -7.83 -33.33
C GLU C 362 -0.95 -6.40 -32.75
N GLN C 363 -0.32 -6.16 -31.61
CA GLN C 363 -0.35 -4.80 -31.03
C GLN C 363 -1.76 -4.27 -30.80
N GLU C 364 -2.56 -5.07 -30.11
CA GLU C 364 -3.90 -4.67 -29.68
C GLU C 364 -3.92 -4.60 -28.21
N LEU C 365 -3.28 -5.59 -27.56
CA LEU C 365 -3.39 -5.68 -26.07
C LEU C 365 -2.10 -5.52 -25.27
N PHE C 366 -0.98 -5.67 -25.98
CA PHE C 366 0.36 -5.58 -25.36
C PHE C 366 1.39 -5.35 -26.48
N ASP C 367 2.60 -4.95 -26.07
CA ASP C 367 3.69 -4.66 -27.01
C ASP C 367 3.26 -3.62 -28.07
N LEU C 368 2.43 -2.66 -27.64
CA LEU C 368 2.02 -1.53 -28.48
C LEU C 368 3.18 -0.54 -28.61
N SER C 369 3.07 0.38 -29.55
CA SER C 369 4.06 1.49 -29.60
C SER C 369 3.45 2.67 -30.31
N ALA C 370 3.97 3.86 -30.03
CA ALA C 370 3.56 5.05 -30.82
C ALA C 370 3.93 4.94 -32.28
N GLU C 371 5.14 4.50 -32.56
CA GLU C 371 5.53 4.45 -34.00
CA GLU C 371 5.57 4.38 -33.96
C GLU C 371 4.67 3.49 -34.81
N ALA C 372 4.15 2.42 -34.23
CA ALA C 372 3.22 1.53 -34.98
C ALA C 372 2.02 2.33 -35.46
N ALA C 373 1.51 3.21 -34.57
CA ALA C 373 0.30 3.99 -34.89
C ALA C 373 0.63 5.12 -35.87
N ILE C 374 1.76 5.76 -35.69
CA ILE C 374 2.19 6.84 -36.63
C ILE C 374 2.41 6.24 -38.04
N ASP C 375 3.08 5.09 -38.09
CA ASP C 375 3.34 4.47 -39.43
C ASP C 375 2.04 4.05 -40.10
N TYR C 376 1.08 3.57 -39.31
CA TYR C 376 -0.25 3.29 -39.89
C TYR C 376 -0.90 4.56 -40.51
N LEU C 377 -0.99 5.64 -39.73
CA LEU C 377 -1.56 6.93 -40.13
C LEU C 377 -0.87 7.45 -41.36
N HIS C 378 0.48 7.42 -41.36
CA HIS C 378 1.20 8.01 -42.48
C HIS C 378 1.24 7.08 -43.69
N ASN C 379 1.64 5.84 -43.52
CA ASN C 379 1.82 4.95 -44.66
C ASN C 379 0.53 4.35 -45.19
N GLU C 380 -0.41 3.97 -44.30
CA GLU C 380 -1.61 3.26 -44.71
C GLU C 380 -2.75 4.20 -45.01
N LEU C 381 -2.89 5.27 -44.24
CA LEU C 381 -3.93 6.24 -44.41
C LEU C 381 -3.50 7.54 -45.16
N GLY C 382 -2.21 7.64 -45.51
CA GLY C 382 -1.68 8.80 -46.23
C GLY C 382 -1.70 10.11 -45.47
N ILE C 383 -1.76 10.07 -44.13
CA ILE C 383 -1.88 11.34 -43.39
C ILE C 383 -0.50 12.00 -43.40
N PRO C 384 -0.39 13.27 -43.82
CA PRO C 384 0.96 13.86 -43.65
C PRO C 384 1.38 13.98 -42.23
N MET C 385 2.68 13.81 -42.04
CA MET C 385 3.27 13.94 -40.70
C MET C 385 3.03 15.24 -40.03
N GLU C 386 2.96 16.37 -40.79
CA GLU C 386 2.80 17.66 -40.13
C GLU C 386 1.50 17.80 -39.36
N M3L C 387 0.53 16.94 -39.64
CA M3L C 387 -0.77 16.99 -38.96
CB M3L C 387 -1.92 16.45 -39.82
CG M3L C 387 -2.03 17.35 -41.08
CD M3L C 387 -3.30 17.12 -41.86
CE M3L C 387 -3.16 17.89 -43.19
NZ M3L C 387 -3.23 19.37 -43.06
C M3L C 387 -0.76 16.22 -37.65
O M3L C 387 -1.70 16.35 -36.89
CM1 M3L C 387 -4.26 19.91 -42.14
CM2 M3L C 387 -3.54 19.91 -44.43
CM3 M3L C 387 -1.95 20.00 -42.61
N ILE C 388 0.30 15.48 -37.37
CA ILE C 388 0.27 14.53 -36.21
C ILE C 388 1.04 15.12 -35.03
N HIS C 389 0.46 15.06 -33.84
CA HIS C 389 1.16 15.46 -32.60
C HIS C 389 1.30 14.24 -31.71
N LEU C 390 2.51 14.01 -31.20
CA LEU C 390 2.83 12.79 -30.51
C LEU C 390 2.79 13.04 -29.02
N GLY C 391 2.06 12.22 -28.27
CA GLY C 391 1.93 12.51 -26.81
C GLY C 391 3.07 11.92 -25.95
N TYR C 392 3.40 12.63 -24.90
CA TYR C 392 4.19 12.01 -23.86
C TYR C 392 3.41 12.15 -22.55
N ALA C 393 3.69 11.26 -21.62
CA ALA C 393 2.83 11.14 -20.44
C ALA C 393 3.55 11.63 -19.22
N ASN C 394 2.89 12.49 -18.43
CA ASN C 394 3.51 13.00 -17.22
C ASN C 394 3.06 12.17 -16.01
N TYR C 395 3.05 10.85 -16.14
CA TYR C 395 2.62 9.99 -15.04
C TYR C 395 3.07 8.59 -15.51
N GLY C 396 3.26 7.74 -14.53
CA GLY C 396 3.58 6.31 -14.81
C GLY C 396 2.34 5.40 -14.71
N ARG C 397 2.55 4.18 -15.14
CA ARG C 397 1.49 3.13 -14.91
C ARG C 397 2.26 2.03 -14.21
N SER C 398 1.77 1.64 -13.03
CA SER C 398 2.52 0.72 -12.20
C SER C 398 1.82 -0.59 -12.00
N ALA C 399 2.55 -1.52 -11.37
CA ALA C 399 2.04 -2.84 -11.01
C ALA C 399 2.82 -3.28 -9.81
N VAL C 400 2.22 -4.18 -9.04
CA VAL C 400 2.91 -4.79 -7.93
C VAL C 400 3.01 -6.31 -8.23
N GLY C 401 4.04 -6.95 -7.67
CA GLY C 401 4.23 -8.42 -7.84
C GLY C 401 4.73 -8.69 -9.25
N GLY C 402 5.34 -7.70 -9.89
CA GLY C 402 5.86 -7.87 -11.26
C GLY C 402 7.07 -8.77 -11.36
N ASP C 403 7.15 -9.52 -12.44
CA ASP C 403 8.32 -10.36 -12.71
C ASP C 403 8.86 -9.99 -14.11
N LEU C 404 10.13 -9.61 -14.20
CA LEU C 404 10.69 -9.09 -15.44
C LEU C 404 10.95 -10.20 -16.48
N THR C 405 10.94 -11.43 -16.01
CA THR C 405 11.20 -12.58 -16.90
C THR C 405 9.91 -13.07 -17.57
N THR C 406 8.86 -13.26 -16.79
CA THR C 406 7.60 -13.75 -17.32
C THR C 406 6.65 -12.61 -17.72
N ARG C 407 6.96 -11.41 -17.22
CA ARG C 407 6.06 -10.24 -17.36
C ARG C 407 4.73 -10.36 -16.71
N GLN C 408 4.59 -11.33 -15.80
CA GLN C 408 3.37 -11.49 -15.06
C GLN C 408 3.40 -10.61 -13.82
N TYR C 409 2.25 -10.33 -13.26
CA TYR C 409 2.21 -9.50 -12.05
C TYR C 409 0.91 -9.75 -11.30
N THR C 410 0.71 -9.02 -10.20
CA THR C 410 -0.48 -9.25 -9.41
C THR C 410 -1.58 -8.33 -9.94
N M3L C 411 -2.50 -8.86 -10.77
CA M3L C 411 -3.42 -7.97 -11.53
CB M3L C 411 -4.27 -8.83 -12.50
CG M3L C 411 -3.32 -9.33 -13.61
CD M3L C 411 -4.04 -10.20 -14.65
CE M3L C 411 -5.23 -9.40 -15.20
NZ M3L C 411 -6.03 -10.18 -16.20
C M3L C 411 -4.30 -7.11 -10.62
O M3L C 411 -4.60 -5.91 -10.89
CM1 M3L C 411 -7.07 -10.99 -15.50
CM2 M3L C 411 -5.14 -11.04 -17.02
CM3 M3L C 411 -6.86 -9.30 -17.04
N ASN C 412 -4.72 -7.71 -9.51
CA ASN C 412 -5.62 -7.01 -8.60
CA ASN C 412 -5.62 -7.01 -8.60
C ASN C 412 -4.91 -6.48 -7.35
N GLY C 413 -3.58 -6.35 -7.44
CA GLY C 413 -2.81 -5.91 -6.29
C GLY C 413 -2.81 -4.38 -6.09
N PRO C 414 -2.44 -3.94 -4.89
CA PRO C 414 -2.35 -2.49 -4.60
C PRO C 414 -1.10 -1.90 -5.31
N ALA C 415 -1.33 -1.35 -6.52
CA ALA C 415 -0.23 -0.79 -7.29
C ALA C 415 -0.02 0.68 -6.91
N LEU C 416 1.26 1.11 -6.84
CA LEU C 416 1.53 2.45 -6.35
C LEU C 416 0.86 3.51 -7.20
N GLY C 417 0.35 4.56 -6.57
CA GLY C 417 -0.31 5.63 -7.38
C GLY C 417 -0.39 6.88 -6.54
N THR C 418 -0.77 7.98 -7.17
CA THR C 418 -0.82 9.23 -6.41
C THR C 418 -2.23 9.39 -5.88
N MET C 419 -3.19 9.56 -6.80
CA MET C 419 -4.60 9.66 -6.39
C MET C 419 -5.40 8.40 -6.69
N GLU C 420 -4.89 7.48 -7.53
CA GLU C 420 -5.64 6.27 -7.94
C GLU C 420 -4.69 5.15 -8.12
N ASN C 421 -5.17 3.94 -7.86
CA ASN C 421 -4.38 2.71 -8.02
C ASN C 421 -3.60 2.69 -9.31
N GLY C 422 -2.29 2.44 -9.24
CA GLY C 422 -1.47 2.16 -10.43
C GLY C 422 -1.05 3.38 -11.22
N ALA C 423 -1.40 4.59 -10.75
CA ALA C 423 -1.06 5.80 -11.51
C ALA C 423 -0.23 6.79 -10.65
N PRO C 424 1.07 6.55 -10.55
CA PRO C 424 1.90 7.52 -9.85
C PRO C 424 2.24 8.68 -10.83
N GLU C 425 1.84 9.89 -10.50
CA GLU C 425 2.05 11.05 -11.39
C GLU C 425 3.49 11.53 -11.32
N PHE C 426 3.93 12.24 -12.36
CA PHE C 426 5.39 12.45 -12.48
C PHE C 426 5.97 13.29 -11.33
N PHE C 427 5.28 14.33 -10.86
CA PHE C 427 5.76 15.04 -9.68
C PHE C 427 5.92 14.12 -8.45
N ASP C 428 5.05 13.12 -8.31
CA ASP C 428 5.11 12.15 -7.23
C ASP C 428 6.27 11.19 -7.45
N ILE C 429 6.54 10.85 -8.73
CA ILE C 429 7.65 9.97 -9.00
C ILE C 429 8.96 10.68 -8.61
N VAL C 430 9.07 11.96 -8.94
CA VAL C 430 10.32 12.69 -8.62
C VAL C 430 10.47 12.78 -7.08
N MLY C 431 9.33 12.86 -6.40
CA MLY C 431 9.33 12.90 -4.94
CB MLY C 431 7.93 13.26 -4.43
CG MLY C 431 7.81 13.25 -2.90
CD MLY C 431 8.48 14.49 -2.31
CE MLY C 431 8.07 14.58 -0.82
NZ MLY C 431 9.05 13.95 0.07
CH1 MLY C 431 10.49 13.70 -0.24
CH2 MLY C 431 8.61 13.79 1.47
C MLY C 431 9.74 11.61 -4.28
O MLY C 431 10.55 11.64 -3.34
N ASN C 432 9.36 10.49 -4.85
CA ASN C 432 9.45 9.22 -4.14
C ASN C 432 10.31 8.13 -4.74
N TYR C 433 10.40 8.08 -6.07
CA TYR C 433 10.89 6.85 -6.71
C TYR C 433 12.05 7.11 -7.62
N MET C 434 12.23 8.34 -8.17
CA MET C 434 13.29 8.63 -9.14
C MET C 434 13.96 9.90 -8.74
N ASP C 435 15.27 9.82 -8.50
CA ASP C 435 16.04 11.01 -8.07
C ASP C 435 16.57 11.64 -9.35
N ALA C 436 16.28 12.92 -9.55
CA ALA C 436 16.82 13.67 -10.70
C ALA C 436 17.59 14.87 -10.16
N GLU C 437 17.79 14.93 -8.84
CA GLU C 437 18.38 16.15 -8.26
C GLU C 437 19.93 16.14 -8.15
N HIS C 438 20.54 15.01 -8.39
CA HIS C 438 22.03 14.90 -8.13
C HIS C 438 22.74 14.65 -9.45
N SER C 439 22.35 15.42 -10.50
CA SER C 439 23.01 15.35 -11.82
C SER C 439 23.01 14.01 -12.46
N LEU C 440 21.96 13.23 -12.29
CA LEU C 440 21.82 11.93 -12.99
C LEU C 440 20.40 11.55 -12.81
N SER C 441 19.82 10.78 -13.74
CA SER C 441 18.54 10.18 -13.45
C SER C 441 18.80 8.77 -12.88
N MET C 442 18.28 8.53 -11.68
CA MET C 442 18.46 7.21 -11.07
C MET C 442 17.27 6.93 -10.15
N GLY C 443 17.08 5.69 -9.73
CA GLY C 443 16.05 5.40 -8.74
C GLY C 443 16.41 5.83 -7.34
N LYS C 444 15.41 5.93 -6.46
CA LYS C 444 15.63 6.12 -5.08
C LYS C 444 14.67 5.25 -4.28
N ASN C 445 14.91 5.14 -2.97
CA ASN C 445 14.01 4.47 -2.06
C ASN C 445 13.78 3.05 -2.48
N GLY C 446 14.82 2.40 -2.97
CA GLY C 446 14.75 0.95 -3.29
C GLY C 446 14.42 0.70 -4.74
N PHE C 447 14.01 1.76 -5.47
CA PHE C 447 13.78 1.59 -6.89
C PHE C 447 15.05 1.72 -7.70
N VAL C 448 15.12 0.90 -8.75
CA VAL C 448 16.18 1.03 -9.76
C VAL C 448 15.62 1.51 -11.07
N LEU C 449 16.26 2.54 -11.66
CA LEU C 449 15.85 2.95 -12.98
C LEU C 449 16.45 1.98 -14.01
N MET C 450 15.60 1.41 -14.86
CA MET C 450 16.02 0.42 -15.87
C MET C 450 15.68 0.92 -17.28
N THR C 451 16.50 0.52 -18.25
CA THR C 451 16.17 0.76 -19.62
C THR C 451 15.97 -0.58 -20.27
N ASP C 452 14.81 -0.82 -20.88
CA ASP C 452 14.55 -1.99 -21.62
C ASP C 452 15.14 -1.80 -23.01
N THR C 453 16.17 -2.60 -23.38
CA THR C 453 16.81 -2.36 -24.64
C THR C 453 16.00 -2.92 -25.81
N ASN C 454 14.95 -3.69 -25.54
CA ASN C 454 14.14 -4.30 -26.61
C ASN C 454 13.29 -3.17 -27.22
N ALA C 455 12.38 -2.61 -26.44
CA ALA C 455 11.63 -1.41 -26.89
C ALA C 455 12.33 -0.05 -26.86
N ASP C 456 13.46 0.04 -26.13
CA ASP C 456 14.19 1.29 -25.88
C ASP C 456 13.32 2.25 -25.09
N ALA C 457 12.82 1.75 -23.98
CA ALA C 457 11.98 2.60 -23.05
C ALA C 457 12.39 2.32 -21.64
N ASP C 458 12.04 3.23 -20.74
CA ASP C 458 12.52 3.16 -19.36
C ASP C 458 11.47 2.84 -18.35
N PHE C 459 11.88 2.24 -17.26
CA PHE C 459 10.91 1.95 -16.15
C PHE C 459 11.63 1.92 -14.81
N LEU C 460 10.90 1.97 -13.67
CA LEU C 460 11.53 1.83 -12.42
C LEU C 460 11.10 0.47 -11.89
N PHE C 461 11.97 -0.17 -11.11
CA PHE C 461 11.63 -1.47 -10.61
C PHE C 461 12.18 -1.57 -9.19
N SER C 462 11.32 -2.04 -8.26
CA SER C 462 11.78 -2.25 -6.87
C SER C 462 11.56 -3.71 -6.51
N GLU C 463 12.66 -4.43 -6.37
CA GLU C 463 12.57 -5.91 -6.44
C GLU C 463 11.88 -6.52 -5.20
N ALA C 464 11.91 -5.82 -4.05
CA ALA C 464 11.40 -6.43 -2.82
C ALA C 464 9.95 -6.90 -2.94
N MLY C 465 9.07 -6.01 -3.48
CA MLY C 465 7.63 -6.31 -3.68
CB MLY C 465 6.80 -5.23 -2.96
CG MLY C 465 5.41 -5.80 -2.57
CD MLY C 465 4.59 -4.64 -1.94
CE MLY C 465 3.28 -5.24 -1.41
NZ MLY C 465 2.44 -4.23 -0.77
CH1 MLY C 465 1.05 -4.63 -0.51
CH2 MLY C 465 2.98 -3.10 -0.01
C MLY C 465 7.31 -6.44 -5.14
O MLY C 465 6.19 -6.77 -5.55
N GLY C 466 8.32 -6.26 -5.99
CA GLY C 466 8.10 -6.31 -7.45
C GLY C 466 7.28 -5.12 -7.95
N HIS C 467 7.60 -3.94 -7.44
CA HIS C 467 6.93 -2.77 -7.97
C HIS C 467 7.53 -2.45 -9.31
N PHE C 468 6.69 -2.32 -10.32
CA PHE C 468 7.19 -1.92 -11.65
C PHE C 468 6.46 -0.60 -12.00
N ILE C 469 7.17 0.39 -12.53
CA ILE C 469 6.53 1.66 -12.89
C ILE C 469 7.02 1.97 -14.28
N SER C 470 6.12 1.87 -15.27
CA SER C 470 6.45 2.35 -16.63
C SER C 470 6.25 3.85 -16.63
N LEU C 471 7.17 4.63 -17.17
CA LEU C 471 6.99 6.08 -17.21
C LEU C 471 7.77 6.64 -18.36
N ASP C 472 7.43 7.90 -18.67
CA ASP C 472 8.27 8.68 -19.59
C ASP C 472 9.34 9.35 -18.70
N THR C 473 10.62 9.24 -19.09
CA THR C 473 11.73 9.86 -18.40
C THR C 473 12.21 11.02 -19.27
N PRO C 474 13.10 11.86 -18.72
CA PRO C 474 13.68 12.90 -19.57
C PRO C 474 14.29 12.27 -20.83
N ARG C 475 14.94 11.10 -20.70
CA ARG C 475 15.54 10.47 -21.88
C ARG C 475 14.52 10.14 -22.96
N THR C 476 13.40 9.52 -22.54
CA THR C 476 12.44 9.12 -23.58
C THR C 476 11.62 10.30 -24.07
N VAL C 477 11.38 11.36 -23.27
CA VAL C 477 10.64 12.47 -23.82
C VAL C 477 11.55 13.15 -24.87
N LYS C 478 12.85 13.26 -24.54
CA LYS C 478 13.76 13.88 -25.50
C LYS C 478 13.77 13.00 -26.75
N GLN C 479 13.72 11.67 -26.59
CA GLN C 479 13.66 10.79 -27.76
C GLN C 479 12.39 11.05 -28.64
N LYS C 480 11.25 11.24 -28.00
CA LYS C 480 10.03 11.56 -28.74
C LYS C 480 10.19 12.93 -29.47
N GLY C 481 10.79 13.92 -28.80
CA GLY C 481 11.06 15.22 -29.42
C GLY C 481 11.89 15.04 -30.71
N GLU C 482 12.94 14.23 -30.59
CA GLU C 482 13.90 14.02 -31.72
C GLU C 482 13.19 13.34 -32.83
N TYR C 483 12.41 12.33 -32.49
CA TYR C 483 11.51 11.70 -33.47
C TYR C 483 10.64 12.70 -34.17
N ALA C 484 9.99 13.58 -33.41
CA ALA C 484 9.05 14.51 -33.99
C ALA C 484 9.80 15.48 -34.90
N ALA C 485 11.02 15.89 -34.51
CA ALA C 485 11.77 16.86 -35.35
C ALA C 485 12.25 16.17 -36.65
N LYS C 486 12.73 14.95 -36.51
CA LYS C 486 13.38 14.27 -37.64
C LYS C 486 12.33 13.92 -38.66
N ASN C 487 11.16 13.52 -38.17
CA ASN C 487 10.05 13.16 -39.02
C ASN C 487 9.03 14.24 -39.41
N LYS C 488 9.28 15.46 -38.95
CA LYS C 488 8.52 16.65 -39.26
C LYS C 488 7.05 16.47 -38.85
N LEU C 489 6.84 15.87 -37.67
CA LEU C 489 5.54 15.83 -37.03
C LEU C 489 5.12 17.27 -36.72
N GLY C 490 3.83 17.48 -36.49
CA GLY C 490 3.38 18.81 -36.11
C GLY C 490 3.89 19.22 -34.74
N GLY C 491 4.11 18.25 -33.85
CA GLY C 491 4.50 18.65 -32.52
C GLY C 491 4.48 17.44 -31.58
N VAL C 492 4.77 17.74 -30.32
CA VAL C 492 4.59 16.72 -29.22
C VAL C 492 3.71 17.45 -28.18
N PHE C 493 2.99 16.66 -27.39
CA PHE C 493 2.13 17.31 -26.37
C PHE C 493 2.19 16.52 -25.08
N SER C 494 1.98 17.29 -24.02
CA SER C 494 2.18 16.85 -22.66
C SER C 494 0.80 16.46 -22.11
N TRP C 495 0.67 15.23 -21.66
CA TRP C 495 -0.57 14.75 -21.02
C TRP C 495 -0.26 14.33 -19.55
N SER C 496 -0.61 15.12 -18.54
CA SER C 496 -1.13 16.51 -18.67
CA SER C 496 -1.10 16.52 -18.71
C SER C 496 -0.02 17.46 -18.14
N GLY C 497 0.02 18.73 -18.62
CA GLY C 497 1.11 19.62 -18.21
C GLY C 497 1.10 19.89 -16.71
N ASP C 498 -0.06 19.80 -16.04
CA ASP C 498 -0.12 20.13 -14.61
C ASP C 498 0.51 19.00 -13.77
N GLN C 499 0.94 17.91 -14.39
CA GLN C 499 1.57 16.81 -13.64
C GLN C 499 3.13 16.85 -13.77
N ASP C 500 3.66 17.71 -14.62
CA ASP C 500 5.11 17.82 -14.81
C ASP C 500 5.62 18.98 -13.90
N CYS C 501 6.89 18.89 -13.46
CA CYS C 501 7.49 20.05 -12.74
C CYS C 501 8.23 20.92 -13.78
N GLY C 502 8.38 20.43 -15.01
CA GLY C 502 9.09 21.17 -16.04
C GLY C 502 10.21 20.34 -16.61
N LEU C 503 10.59 19.26 -15.93
CA LEU C 503 11.69 18.41 -16.47
C LEU C 503 11.29 17.84 -17.81
N LEU C 504 10.06 17.34 -17.91
CA LEU C 504 9.73 16.70 -19.17
C LEU C 504 9.48 17.73 -20.29
N ALA C 505 8.94 18.90 -19.98
CA ALA C 505 8.81 19.96 -20.98
C ALA C 505 10.20 20.36 -21.49
N ASN C 506 11.16 20.52 -20.58
CA ASN C 506 12.56 20.78 -20.98
C ASN C 506 13.07 19.71 -21.89
N ALA C 507 12.87 18.44 -21.54
CA ALA C 507 13.35 17.34 -22.41
C ALA C 507 12.71 17.35 -23.78
N ALA C 508 11.42 17.68 -23.84
CA ALA C 508 10.69 17.78 -25.11
C ALA C 508 11.32 18.88 -25.96
N ARG C 509 11.53 20.01 -25.35
CA ARG C 509 12.07 21.13 -26.08
C ARG C 509 13.47 20.76 -26.64
N GLU C 510 14.28 20.12 -25.84
CA GLU C 510 15.66 19.81 -26.28
C GLU C 510 15.64 18.74 -27.38
N GLY C 511 14.73 17.75 -27.25
CA GLY C 511 14.54 16.76 -28.32
C GLY C 511 14.09 17.39 -29.59
N LEU C 512 13.21 18.39 -29.47
CA LEU C 512 12.60 19.05 -30.67
C LEU C 512 13.63 19.97 -31.36
N GLY C 513 14.75 20.25 -30.65
CA GLY C 513 15.90 21.00 -31.19
C GLY C 513 15.88 22.47 -30.81
N TYR C 514 15.11 22.81 -29.79
CA TYR C 514 15.23 24.15 -29.28
C TYR C 514 16.44 24.27 -28.34
N VAL C 515 16.99 25.49 -28.19
CA VAL C 515 18.15 25.68 -27.34
C VAL C 515 17.87 26.61 -26.18
N ALA C 516 18.27 26.23 -24.97
CA ALA C 516 18.17 27.06 -23.71
C ALA C 516 19.32 28.01 -23.65
N ASP C 517 19.14 29.07 -22.86
CA ASP C 517 19.68 30.37 -23.18
C ASP C 517 20.87 30.94 -22.38
N SER C 518 20.79 32.27 -22.10
CA SER C 518 21.79 33.15 -21.46
C SER C 518 21.97 32.80 -19.98
N ASN C 519 22.68 31.70 -19.76
CA ASN C 519 22.23 30.83 -18.73
C ASN C 519 21.08 31.35 -17.78
N GLN C 520 21.36 31.58 -16.50
CA GLN C 520 20.30 31.45 -15.45
C GLN C 520 19.36 30.28 -15.92
N GLU C 521 19.93 29.36 -16.72
CA GLU C 521 19.36 27.98 -16.97
C GLU C 521 18.87 27.42 -15.64
N THR C 522 17.61 26.95 -15.58
CA THR C 522 17.01 26.54 -14.35
C THR C 522 17.58 25.20 -13.87
N ILE C 523 17.81 24.29 -14.82
CA ILE C 523 18.44 23.03 -14.55
C ILE C 523 19.13 22.57 -15.79
N ASP C 524 20.34 22.03 -15.62
CA ASP C 524 21.01 21.43 -16.76
C ASP C 524 20.43 20.03 -16.95
N MET C 525 19.78 19.83 -18.09
CA MET C 525 19.14 18.55 -18.41
C MET C 525 20.13 17.57 -18.87
N GLY C 526 21.30 18.06 -19.31
CA GLY C 526 22.30 17.24 -19.97
C GLY C 526 22.49 15.90 -19.28
N PRO C 527 22.80 15.92 -17.98
CA PRO C 527 23.16 14.68 -17.28
C PRO C 527 21.98 13.84 -16.89
N LEU C 528 20.76 14.32 -17.18
CA LEU C 528 19.56 13.56 -16.80
C LEU C 528 19.05 12.67 -17.88
N TYR C 529 19.69 12.60 -19.06
CA TYR C 529 19.24 11.78 -20.18
C TYR C 529 19.90 10.44 -20.22
N ASN C 530 20.65 10.10 -19.16
CA ASN C 530 21.28 8.76 -19.16
C ASN C 530 20.28 7.62 -19.21
N PRO C 531 20.68 6.49 -19.82
CA PRO C 531 19.87 5.31 -19.64
C PRO C 531 20.01 4.76 -18.26
N GLY C 532 19.05 3.94 -17.90
CA GLY C 532 19.17 3.19 -16.65
C GLY C 532 19.93 1.89 -16.86
N MLZ C 533 19.84 1.03 -15.86
CA MLZ C 533 20.45 -0.31 -15.96
CB MLZ C 533 20.29 -1.01 -14.62
CG MLZ C 533 21.03 -2.38 -14.62
CD MLZ C 533 20.73 -3.14 -13.31
CE MLZ C 533 21.08 -4.65 -13.35
NZ MLZ C 533 20.72 -5.35 -12.09
CM MLZ C 533 21.46 -5.10 -10.86
C MLZ C 533 19.78 -1.07 -17.08
O MLZ C 533 18.56 -1.19 -17.15
N GLU C 534 20.58 -1.62 -18.00
CA GLU C 534 20.04 -2.27 -19.16
C GLU C 534 19.48 -3.65 -18.89
N ILE C 535 18.33 -3.92 -19.52
CA ILE C 535 17.75 -5.28 -19.48
C ILE C 535 16.94 -5.47 -20.75
N TYR C 536 16.76 -6.73 -21.17
CA TYR C 536 16.00 -6.98 -22.35
C TYR C 536 14.70 -7.58 -21.89
N LEU C 537 13.62 -6.82 -22.03
CA LEU C 537 12.27 -7.33 -21.70
C LEU C 537 11.73 -7.96 -22.94
N LYS C 538 11.56 -9.30 -22.90
CA LYS C 538 11.14 -10.01 -24.06
C LYS C 538 9.73 -9.60 -24.41
N SER C 539 9.44 -9.57 -25.71
CA SER C 539 8.11 -9.36 -26.16
C SER C 539 7.27 -10.58 -25.77
N ILE C 540 5.95 -10.42 -25.75
CA ILE C 540 5.08 -11.50 -25.29
C ILE C 540 5.27 -12.68 -26.29
N SER C 541 5.45 -12.38 -27.57
CA SER C 541 5.62 -13.48 -28.56
C SER C 541 6.88 -14.26 -28.28
N GLU C 542 7.96 -13.57 -27.92
CA GLU C 542 9.22 -14.26 -27.59
C GLU C 542 8.99 -15.14 -26.37
N ILE C 543 8.33 -14.58 -25.34
CA ILE C 543 7.99 -15.37 -24.14
C ILE C 543 7.19 -16.61 -24.42
N LYS C 544 6.11 -16.48 -25.20
CA LYS C 544 5.30 -17.60 -25.57
C LYS C 544 6.10 -18.43 -26.57
N PRO D 7 28.46 50.48 11.47
CA PRO D 7 29.04 50.06 10.17
C PRO D 7 29.58 51.21 9.34
N THR D 8 30.75 50.98 8.74
CA THR D 8 31.46 51.98 7.91
C THR D 8 31.13 51.84 6.40
N GLU D 9 31.26 52.94 5.65
CA GLU D 9 31.05 52.88 4.17
C GLU D 9 32.27 52.22 3.56
N ASN D 10 33.45 52.57 4.13
CA ASN D 10 34.74 52.04 3.68
C ASN D 10 35.11 50.68 4.30
N ILE D 11 36.09 50.01 3.72
CA ILE D 11 36.62 48.75 4.25
C ILE D 11 38.03 49.03 4.79
N PRO D 12 38.17 49.18 6.10
CA PRO D 12 39.52 49.57 6.58
C PRO D 12 40.54 48.45 6.49
N SER D 13 40.09 47.18 6.64
CA SER D 13 41.01 46.04 6.49
C SER D 13 40.43 45.00 5.49
N PRO D 14 40.86 45.01 4.22
CA PRO D 14 40.12 44.08 3.38
C PRO D 14 40.32 42.62 3.75
N ILE D 15 39.26 41.86 3.58
CA ILE D 15 39.36 40.42 3.87
C ILE D 15 39.24 39.66 2.56
N LEU D 16 38.23 39.98 1.76
CA LEU D 16 37.97 39.18 0.56
C LEU D 16 38.88 39.57 -0.59
N VAL D 17 39.30 38.55 -1.30
CA VAL D 17 40.18 38.63 -2.45
C VAL D 17 39.55 37.86 -3.58
N GLU D 18 39.70 38.35 -4.80
CA GLU D 18 39.09 37.73 -5.96
C GLU D 18 39.82 36.42 -6.21
N ASP D 19 39.06 35.33 -6.35
CA ASP D 19 39.68 34.04 -6.72
C ASP D 19 38.90 33.55 -7.93
N LYS D 20 39.52 33.61 -9.10
CA LYS D 20 38.81 33.26 -10.33
C LYS D 20 38.34 31.80 -10.33
N TYR D 21 39.10 30.87 -9.70
CA TYR D 21 38.71 29.47 -9.82
C TYR D 21 37.44 29.25 -9.02
N THR D 22 37.34 29.94 -7.88
CA THR D 22 36.13 29.83 -7.01
C THR D 22 34.90 30.34 -7.81
N GLU D 23 35.07 31.50 -8.39
CA GLU D 23 33.93 32.17 -9.16
C GLU D 23 33.50 31.38 -10.37
N GLU D 24 34.45 30.81 -11.10
CA GLU D 24 34.14 29.97 -12.26
C GLU D 24 33.42 28.71 -11.85
N THR D 25 33.79 28.23 -10.67
CA THR D 25 33.14 27.03 -10.13
C THR D 25 31.66 27.28 -9.85
N TYR D 26 31.35 28.41 -9.19
CA TYR D 26 29.92 28.69 -8.86
C TYR D 26 28.99 28.61 -10.11
N SER D 27 29.51 29.11 -11.21
CA SER D 27 28.88 29.14 -12.56
C SER D 27 28.73 27.83 -13.28
N ARG D 28 29.30 26.73 -12.79
CA ARG D 28 29.29 25.53 -13.57
C ARG D 28 27.81 24.99 -13.53
N PRO D 29 27.40 24.28 -14.57
CA PRO D 29 26.00 23.80 -14.58
C PRO D 29 25.72 22.75 -13.51
N ASP D 30 26.76 22.06 -13.04
CA ASP D 30 26.59 21.10 -11.96
C ASP D 30 26.92 21.67 -10.57
N VAL D 31 26.96 22.99 -10.47
CA VAL D 31 27.18 23.67 -9.19
C VAL D 31 26.06 24.65 -8.96
N ASN D 32 25.99 25.65 -9.83
CA ASN D 32 24.89 26.59 -9.80
C ASN D 32 24.72 27.27 -8.47
N PHE D 33 25.85 27.73 -7.91
CA PHE D 33 25.80 28.26 -6.58
C PHE D 33 25.52 29.73 -6.65
N LYS D 34 24.46 30.16 -5.93
CA LYS D 34 24.19 31.58 -5.80
C LYS D 34 24.41 31.99 -4.38
N GLU D 35 25.07 33.15 -4.23
CA GLU D 35 25.51 33.63 -2.87
C GLU D 35 24.38 33.78 -1.83
N ASP D 36 23.14 34.04 -2.28
CA ASP D 36 22.06 34.14 -1.32
C ASP D 36 21.46 32.78 -0.93
N GLY D 37 22.03 31.68 -1.47
CA GLY D 37 21.64 30.36 -1.03
C GLY D 37 20.38 29.83 -1.76
N SER D 38 19.95 30.51 -2.83
CA SER D 38 18.67 30.19 -3.46
C SER D 38 18.73 29.05 -4.50
N GLN D 39 19.93 28.59 -4.82
CA GLN D 39 20.05 27.61 -5.88
C GLN D 39 20.88 26.42 -5.34
N GLY D 40 22.05 26.12 -5.97
CA GLY D 40 22.82 24.91 -5.56
C GLY D 40 23.29 25.07 -4.12
N ASN D 41 23.37 23.96 -3.38
CA ASN D 41 23.60 24.03 -1.95
C ASN D 41 25.05 24.00 -1.60
N LEU D 42 25.90 23.54 -2.52
CA LEU D 42 27.37 23.53 -2.21
C LEU D 42 28.13 24.55 -3.03
N SER D 43 29.01 25.31 -2.36
CA SER D 43 29.74 26.41 -3.03
C SER D 43 31.10 26.01 -3.60
N TYR D 44 31.71 24.98 -3.02
CA TYR D 44 33.10 24.54 -3.27
C TYR D 44 34.11 25.68 -3.17
N THR D 45 33.78 26.72 -2.41
CA THR D 45 34.69 27.91 -2.29
C THR D 45 36.08 27.44 -1.79
N ALA D 46 37.11 27.99 -2.41
CA ALA D 46 38.52 27.79 -1.98
C ALA D 46 38.88 28.79 -0.89
N THR D 47 39.83 28.41 0.00
CA THR D 47 40.29 29.31 1.05
C THR D 47 40.93 30.59 0.53
N ARG D 48 41.32 30.59 -0.73
CA ARG D 48 41.99 31.73 -1.38
C ARG D 48 41.13 32.97 -1.42
N VAL D 49 39.81 32.87 -1.24
CA VAL D 49 38.97 34.09 -1.18
C VAL D 49 39.22 34.99 0.03
N CYS D 50 39.89 34.51 1.08
CA CYS D 50 40.15 35.38 2.24
C CYS D 50 41.65 35.62 2.27
N ALA D 51 42.04 36.89 2.48
CA ALA D 51 43.41 37.28 2.81
C ALA D 51 43.74 36.77 4.22
N PRO D 52 45.04 36.60 4.54
CA PRO D 52 45.32 36.18 5.95
C PRO D 52 45.06 37.35 6.88
N MET D 53 44.22 37.14 7.85
CA MET D 53 43.80 38.26 8.75
C MET D 53 44.41 38.17 10.13
N TYR D 54 45.47 37.36 10.31
CA TYR D 54 46.01 37.10 11.67
C TYR D 54 46.65 38.37 12.22
N ASN D 55 46.28 38.77 13.43
CA ASN D 55 47.01 39.79 14.15
C ASN D 55 48.19 39.09 14.85
N HIS D 56 49.19 39.87 15.29
CA HIS D 56 50.33 39.25 16.00
C HIS D 56 50.21 39.59 17.48
N TYR D 57 50.11 38.58 18.33
CA TYR D 57 49.91 38.71 19.76
C TYR D 57 51.22 38.35 20.47
N VAL D 58 51.46 39.00 21.62
CA VAL D 58 52.65 38.76 22.43
C VAL D 58 52.38 37.48 23.19
N GLY D 59 53.42 36.66 23.37
CA GLY D 59 53.31 35.45 24.15
C GLY D 59 53.11 35.75 25.65
N ASP D 60 52.52 34.80 26.36
CA ASP D 60 52.31 34.97 27.81
C ASP D 60 52.11 33.61 28.38
N LYS D 61 53.09 33.12 29.14
CA LYS D 61 53.12 31.71 29.54
C LYS D 61 52.06 31.37 30.58
N THR D 62 51.48 32.38 31.19
CA THR D 62 50.42 32.15 32.23
C THR D 62 49.02 31.89 31.65
N LYS D 63 48.87 32.16 30.38
CA LYS D 63 47.53 32.04 29.69
C LYS D 63 47.29 30.64 29.08
N PRO D 64 45.99 30.27 28.90
CA PRO D 64 45.71 28.97 28.27
C PRO D 64 46.22 29.02 26.82
N LYS D 65 46.57 27.86 26.30
CA LYS D 65 47.26 27.72 24.99
C LYS D 65 46.18 27.84 23.86
N LEU D 66 46.58 28.31 22.66
CA LEU D 66 45.70 28.24 21.45
C LEU D 66 46.31 27.15 20.56
N SER D 67 45.63 26.00 20.39
CA SER D 67 46.02 24.92 19.49
C SER D 67 45.11 24.94 18.24
N ALA D 68 45.51 24.24 17.18
CA ALA D 68 44.69 24.12 15.95
C ALA D 68 44.98 22.83 15.30
N TYR D 69 43.91 22.20 14.80
CA TYR D 69 44.09 21.09 13.86
C TYR D 69 44.40 21.62 12.47
N ILE D 70 45.22 20.86 11.74
CA ILE D 70 45.40 21.09 10.32
C ILE D 70 45.35 19.71 9.64
N THR D 71 44.57 19.55 8.58
CA THR D 71 44.34 18.26 8.03
C THR D 71 45.29 18.08 6.84
N ASP D 72 45.59 16.83 6.51
CA ASP D 72 46.42 16.58 5.34
C ASP D 72 45.77 16.66 3.96
N TRP D 73 44.46 16.88 3.92
CA TRP D 73 43.78 17.08 2.63
C TRP D 73 43.44 18.52 2.29
N CYS D 74 43.56 19.43 3.22
CA CYS D 74 43.19 20.81 2.90
C CYS D 74 44.10 21.50 1.91
N GLN D 75 45.35 21.04 1.78
CA GLN D 75 46.26 21.58 0.76
C GLN D 75 45.75 21.45 -0.71
N TYR D 76 44.88 20.47 -0.98
CA TYR D 76 44.60 20.19 -2.38
C TYR D 76 43.55 21.17 -2.95
N ASP D 77 43.72 21.46 -4.24
CA ASP D 77 42.66 22.04 -5.06
C ASP D 77 43.05 21.80 -6.49
N ALA D 78 42.55 20.73 -7.08
CA ALA D 78 42.92 20.43 -8.49
C ALA D 78 42.44 21.47 -9.54
N ARG D 79 41.60 22.44 -9.14
CA ARG D 79 41.27 23.57 -9.97
C ARG D 79 42.57 24.35 -10.36
N LEU D 80 43.57 24.35 -9.46
CA LEU D 80 44.79 25.02 -9.84
C LEU D 80 45.50 24.37 -11.02
N ASP D 81 45.26 23.09 -11.24
CA ASP D 81 45.83 22.36 -12.38
C ASP D 81 44.86 22.19 -13.53
N GLY D 82 43.81 23.01 -13.55
CA GLY D 82 42.91 23.00 -14.69
C GLY D 82 41.70 22.07 -14.45
N GLY D 83 41.59 21.45 -13.25
CA GLY D 83 40.47 20.57 -12.94
C GLY D 83 39.22 21.36 -12.56
N GLY D 84 38.18 20.61 -12.15
CA GLY D 84 37.01 21.18 -11.53
C GLY D 84 35.74 20.57 -12.11
N SER D 85 35.84 19.75 -13.16
CA SER D 85 34.59 19.10 -13.66
C SER D 85 34.03 18.05 -12.68
N LYS D 86 34.88 17.47 -11.84
CA LYS D 86 34.46 16.50 -10.83
C LYS D 86 34.52 17.13 -9.43
N GLU D 87 33.63 16.76 -8.51
CA GLU D 87 33.62 17.44 -7.20
C GLU D 87 34.97 17.24 -6.50
N GLU D 88 35.57 16.08 -6.67
CA GLU D 88 36.77 15.82 -5.87
C GLU D 88 37.88 16.81 -6.31
N GLU D 89 37.77 17.38 -7.53
CA GLU D 89 38.82 18.27 -8.06
C GLU D 89 38.65 19.67 -7.52
N ARG D 90 37.63 19.91 -6.70
CA ARG D 90 37.43 21.25 -6.21
C ARG D 90 37.82 21.23 -4.72
N GLY D 91 39.00 21.72 -4.38
CA GLY D 91 39.45 21.61 -3.02
C GLY D 91 39.61 22.92 -2.29
N ARG D 92 39.94 22.83 -0.98
CA ARG D 92 40.10 24.04 -0.13
C ARG D 92 41.34 24.83 -0.49
N GLY D 93 42.38 24.13 -0.96
CA GLY D 93 43.61 24.83 -1.37
C GLY D 93 44.18 25.70 -0.25
N PHE D 94 44.13 25.18 0.97
CA PHE D 94 44.67 25.92 2.14
C PHE D 94 46.20 25.96 2.00
N ASP D 95 46.78 27.16 1.99
CA ASP D 95 48.26 27.29 1.80
C ASP D 95 48.94 27.49 3.17
N LEU D 96 49.71 26.50 3.59
CA LEU D 96 50.47 26.56 4.84
C LEU D 96 51.46 27.73 4.87
N ALA D 97 51.78 28.30 3.71
CA ALA D 97 52.63 29.51 3.63
C ALA D 97 52.01 30.65 4.42
N THR D 98 50.68 30.62 4.53
CA THR D 98 50.02 31.68 5.26
C THR D 98 50.39 31.64 6.76
N LEU D 99 50.69 30.44 7.28
CA LEU D 99 51.15 30.31 8.65
C LEU D 99 52.67 30.48 8.69
N MET D 100 53.36 30.10 7.61
CA MET D 100 54.84 30.43 7.52
C MET D 100 55.03 31.95 7.69
N GLN D 101 54.13 32.73 7.13
CA GLN D 101 54.22 34.18 7.22
C GLN D 101 53.71 34.69 8.53
N ASN D 102 53.03 33.84 9.32
CA ASN D 102 52.47 34.24 10.60
C ASN D 102 52.69 33.11 11.60
N PRO D 103 53.96 32.77 11.87
CA PRO D 103 54.31 31.52 12.49
C PRO D 103 53.96 31.43 14.00
N ALA D 104 53.64 32.58 14.62
CA ALA D 104 53.29 32.60 16.04
C ALA D 104 51.81 32.41 16.22
N THR D 105 51.07 32.24 15.11
CA THR D 105 49.58 32.26 15.27
C THR D 105 49.06 31.23 16.29
N TYR D 106 49.54 29.98 16.16
CA TYR D 106 49.13 28.93 17.07
C TYR D 106 50.26 28.46 17.93
N ASP D 107 49.95 28.16 19.19
CA ASP D 107 50.97 27.58 20.10
C ASP D 107 51.22 26.11 19.83
N ARG D 108 50.23 25.42 19.23
CA ARG D 108 50.38 24.02 18.89
C ARG D 108 49.56 23.75 17.65
N LEU D 109 50.15 22.99 16.77
CA LEU D 109 49.38 22.50 15.61
C LEU D 109 49.34 21.00 15.62
N ILE D 110 48.19 20.45 15.20
CA ILE D 110 47.93 19.01 15.33
C ILE D 110 47.72 18.48 13.94
N PHE D 111 48.73 17.79 13.45
CA PHE D 111 48.66 17.11 12.15
C PHE D 111 47.57 16.03 12.23
N SER D 112 46.72 15.93 11.21
CA SER D 112 45.56 15.01 11.29
C SER D 112 45.17 14.55 9.87
N PHE D 113 44.75 13.28 9.66
CA PHE D 113 44.73 12.23 10.71
C PHE D 113 45.51 11.02 10.18
N LEU D 114 46.13 10.28 11.09
CA LEU D 114 46.58 8.93 10.75
C LEU D 114 45.43 7.97 10.97
N GLY D 115 45.48 6.88 10.24
CA GLY D 115 44.52 5.79 10.36
C GLY D 115 45.14 4.60 11.03
N ILE D 116 44.33 3.54 11.15
CA ILE D 116 44.81 2.33 11.84
C ILE D 116 44.54 1.08 10.97
N CYS D 117 45.55 0.24 10.77
CA CYS D 117 45.35 -1.04 10.10
C CYS D 117 44.19 -1.84 10.74
N GLY D 118 43.22 -2.29 9.96
CA GLY D 118 42.03 -2.89 10.61
C GLY D 118 40.79 -2.06 10.37
N ASP D 119 40.97 -0.76 10.03
CA ASP D 119 39.86 0.15 9.75
C ASP D 119 38.82 -0.46 8.81
N ILE D 120 37.55 -0.27 9.18
CA ILE D 120 36.44 -0.76 8.35
C ILE D 120 35.48 0.31 7.87
N GLY D 121 35.88 1.58 7.92
CA GLY D 121 34.92 2.61 7.53
C GLY D 121 35.07 3.02 6.06
N ASN D 122 34.69 4.27 5.78
CA ASN D 122 34.62 4.76 4.39
CA ASN D 122 34.62 4.81 4.41
C ASN D 122 35.99 4.90 3.74
N MLY D 123 37.03 5.06 4.57
CA MLY D 123 38.37 5.16 4.07
CB MLY D 123 39.08 6.21 4.92
CG MLY D 123 38.60 7.62 4.50
CD MLY D 123 39.27 8.67 5.42
CE MLY D 123 38.85 10.05 4.93
NZ MLY D 123 39.38 11.26 5.67
CH1 MLY D 123 39.60 11.31 7.12
CH2 MLY D 123 39.33 12.53 4.92
C MLY D 123 39.15 3.85 4.14
O MLY D 123 40.38 3.82 3.99
N SER D 124 38.45 2.73 4.39
CA SER D 124 39.14 1.47 4.67
C SER D 124 39.97 0.97 3.48
N LYS D 125 39.52 1.25 2.26
CA LYS D 125 40.30 0.83 1.07
C LYS D 125 41.65 1.54 1.00
N LYS D 126 41.66 2.81 1.38
CA LYS D 126 42.94 3.52 1.40
C LYS D 126 43.85 3.05 2.56
N VAL D 127 43.29 2.81 3.75
CA VAL D 127 44.11 2.28 4.83
C VAL D 127 44.71 0.95 4.37
N GLN D 128 43.91 0.11 3.71
CA GLN D 128 44.38 -1.18 3.27
C GLN D 128 45.54 -1.06 2.28
N GLU D 129 45.42 -0.12 1.35
CA GLU D 129 46.45 0.07 0.34
C GLU D 129 47.78 0.49 0.99
N VAL D 130 47.73 1.36 2.01
CA VAL D 130 48.95 1.82 2.67
C VAL D 130 49.61 0.71 3.47
N TRP D 131 48.78 0.01 4.20
CA TRP D 131 49.18 -1.19 4.91
C TRP D 131 49.87 -2.16 3.94
N ASP D 132 49.24 -2.42 2.81
CA ASP D 132 49.83 -3.43 1.90
C ASP D 132 51.12 -2.91 1.33
N GLY D 133 51.13 -1.60 1.06
CA GLY D 133 52.37 -0.96 0.54
C GLY D 133 53.52 -0.96 1.54
N TRP D 134 53.21 -0.72 2.81
CA TRP D 134 54.19 -0.74 3.85
C TRP D 134 54.79 -2.19 3.84
N ASN D 135 53.90 -3.18 3.89
CA ASN D 135 54.39 -4.55 3.98
C ASN D 135 55.15 -5.00 2.73
N ALA D 136 54.85 -4.39 1.61
CA ALA D 136 55.57 -4.70 0.37
C ALA D 136 56.99 -4.18 0.42
N GLN D 137 57.19 -3.03 1.05
CA GLN D 137 58.48 -2.41 1.14
C GLN D 137 59.34 -2.90 2.27
N ALA D 138 58.72 -3.43 3.33
CA ALA D 138 59.42 -3.65 4.61
C ALA D 138 60.71 -4.53 4.50
N PRO D 139 60.60 -5.66 3.82
CA PRO D 139 61.71 -6.61 3.74
C PRO D 139 62.99 -5.95 3.16
N SER D 140 62.84 -5.27 2.01
CA SER D 140 63.91 -4.39 1.44
C SER D 140 64.55 -3.38 2.40
N LEU D 141 63.81 -2.85 3.37
CA LEU D 141 64.35 -1.92 4.33
C LEU D 141 64.86 -2.61 5.62
N GLY D 142 64.81 -3.93 5.66
CA GLY D 142 65.29 -4.69 6.83
C GLY D 142 64.30 -4.55 8.00
N LEU D 143 63.03 -4.33 7.66
CA LEU D 143 61.95 -4.02 8.62
C LEU D 143 60.97 -5.17 8.66
N PRO D 144 60.35 -5.41 9.84
CA PRO D 144 59.35 -6.47 9.98
C PRO D 144 57.97 -6.11 9.37
N GLN D 145 57.10 -7.09 9.20
CA GLN D 145 55.72 -6.85 8.75
C GLN D 145 54.92 -6.19 9.85
N ILE D 146 53.90 -5.41 9.45
CA ILE D 146 52.99 -4.79 10.39
C ILE D 146 51.60 -5.44 10.22
N GLY D 147 50.76 -5.28 11.21
CA GLY D 147 49.42 -5.84 11.12
C GLY D 147 48.41 -4.99 11.86
N MLZ D 148 47.26 -5.59 12.15
CA MLZ D 148 46.17 -4.85 12.75
CB MLZ D 148 44.99 -5.82 13.01
CG MLZ D 148 44.20 -6.10 11.73
CD MLZ D 148 43.01 -7.02 12.07
CE MLZ D 148 42.29 -7.43 10.77
NZ MLZ D 148 41.26 -8.45 11.02
CM MLZ D 148 40.25 -8.17 12.05
C MLZ D 148 46.56 -4.11 13.99
O MLZ D 148 47.22 -4.66 14.89
N GLY D 149 46.17 -2.82 14.07
CA GLY D 149 46.50 -1.99 15.23
C GLY D 149 47.53 -0.91 14.89
N HIS D 150 48.29 -1.15 13.83
CA HIS D 150 49.46 -0.29 13.52
C HIS D 150 48.91 0.97 12.84
N ILE D 151 49.37 2.12 13.29
CA ILE D 151 48.92 3.38 12.70
C ILE D 151 49.63 3.60 11.36
N VAL D 152 48.94 4.25 10.43
CA VAL D 152 49.44 4.45 9.08
C VAL D 152 48.95 5.80 8.56
N PRO D 153 49.79 6.43 7.72
CA PRO D 153 49.35 7.66 7.08
C PRO D 153 48.29 7.35 6.03
N LEU D 154 47.39 8.28 5.80
CA LEU D 154 46.34 7.99 4.78
C LEU D 154 46.75 8.42 3.38
N ASP D 155 47.75 9.28 3.28
CA ASP D 155 48.00 9.95 2.01
C ASP D 155 49.51 10.19 1.96
N PRO D 156 50.25 9.15 1.62
CA PRO D 156 51.70 9.27 1.58
C PRO D 156 52.17 10.47 0.68
N TYR D 157 51.57 10.63 -0.51
CA TYR D 157 51.96 11.76 -1.34
C TYR D 157 51.68 13.11 -0.64
N GLY D 158 50.47 13.32 -0.11
CA GLY D 158 50.17 14.65 0.51
C GLY D 158 50.94 14.82 1.84
N ASP D 159 51.25 13.69 2.50
CA ASP D 159 51.99 13.77 3.80
C ASP D 159 53.48 13.93 3.62
N LEU D 160 54.04 13.45 2.52
CA LEU D 160 55.51 13.35 2.36
C LEU D 160 56.05 13.83 1.02
N GLY D 161 55.16 14.05 0.05
CA GLY D 161 55.64 14.33 -1.29
C GLY D 161 55.30 15.66 -1.96
N THR D 162 54.30 16.40 -1.47
CA THR D 162 53.92 17.66 -2.14
C THR D 162 54.80 18.85 -1.72
N ALA D 163 54.70 19.95 -2.45
CA ALA D 163 55.33 21.21 -2.03
C ALA D 163 54.32 22.32 -2.09
N ARG D 164 53.53 22.35 -3.15
CA ARG D 164 52.48 23.37 -3.26
C ARG D 164 51.52 23.36 -2.05
N ASN D 165 51.31 24.56 -1.50
CA ASN D 165 50.45 24.74 -0.27
C ASN D 165 50.88 24.03 1.00
N VAL D 166 52.14 23.56 1.04
CA VAL D 166 52.70 23.03 2.30
C VAL D 166 53.96 23.78 2.65
N GLY D 167 54.15 24.94 2.03
CA GLY D 167 55.22 25.95 2.44
C GLY D 167 56.62 25.46 2.05
N LEU D 168 56.71 24.55 1.10
CA LEU D 168 58.04 24.03 0.67
C LEU D 168 58.39 24.53 -0.73
N PRO D 169 59.68 24.62 -1.04
CA PRO D 169 59.99 25.00 -2.45
C PRO D 169 59.61 23.89 -3.39
N PRO D 170 59.28 24.22 -4.64
CA PRO D 170 58.82 23.21 -5.58
C PRO D 170 59.87 22.13 -5.85
N GLU D 171 61.16 22.47 -5.67
CA GLU D 171 62.20 21.45 -5.78
C GLU D 171 61.99 20.33 -4.81
N SER D 172 61.29 20.57 -3.67
CA SER D 172 61.06 19.49 -2.69
C SER D 172 60.05 18.45 -3.10
N ALA D 173 59.15 18.81 -4.02
CA ALA D 173 58.09 17.90 -4.39
C ALA D 173 58.63 16.58 -5.02
N ASP D 174 57.98 15.47 -4.72
CA ASP D 174 58.37 14.20 -5.29
C ASP D 174 57.13 13.40 -5.69
N THR D 175 56.82 13.41 -6.98
CA THR D 175 55.58 12.75 -7.48
C THR D 175 55.73 11.24 -7.56
N SER D 176 56.92 10.73 -7.25
CA SER D 176 57.18 9.27 -7.16
C SER D 176 56.65 8.64 -5.87
N ILE D 177 56.27 9.48 -4.90
CA ILE D 177 55.86 8.96 -3.60
C ILE D 177 54.43 8.46 -3.63
N GLU D 178 54.22 7.21 -3.20
CA GLU D 178 52.85 6.61 -3.25
C GLU D 178 52.87 5.41 -2.31
N SER D 179 51.77 4.66 -2.21
CA SER D 179 51.66 3.73 -1.14
C SER D 179 52.70 2.63 -1.25
N GLY D 180 53.15 2.38 -2.47
CA GLY D 180 54.14 1.33 -2.67
C GLY D 180 55.57 1.82 -2.60
N THR D 181 55.78 3.14 -2.43
CA THR D 181 57.16 3.61 -2.46
C THR D 181 57.53 4.55 -1.28
N PHE D 182 56.58 4.86 -0.39
CA PHE D 182 56.81 5.99 0.53
C PHE D 182 57.74 5.67 1.71
N LEU D 183 57.97 4.40 2.04
CA LEU D 183 58.53 4.11 3.37
C LEU D 183 59.95 4.72 3.66
N PRO D 184 60.84 4.80 2.65
CA PRO D 184 62.14 5.43 2.93
C PRO D 184 62.01 6.93 3.20
N TYR D 185 60.87 7.53 2.78
CA TYR D 185 60.71 8.99 2.96
C TYR D 185 59.96 9.32 4.22
N TYR D 186 59.52 8.28 4.93
CA TYR D 186 58.60 8.50 6.08
C TYR D 186 59.43 8.77 7.34
N GLN D 187 60.21 9.82 7.32
CA GLN D 187 61.05 10.24 8.46
C GLN D 187 61.35 11.72 8.26
N GLN D 188 61.61 12.39 9.36
CA GLN D 188 61.54 13.86 9.40
C GLN D 188 62.57 14.46 8.44
N ASN D 189 63.75 13.88 8.35
CA ASN D 189 64.82 14.48 7.48
C ASN D 189 64.55 14.26 6.00
N ARG D 190 63.59 13.42 5.62
CA ARG D 190 63.37 13.12 4.19
C ARG D 190 62.03 13.64 3.69
N ALA D 191 61.15 13.98 4.63
CA ALA D 191 59.76 14.31 4.28
C ALA D 191 59.65 15.65 3.54
N ALA D 192 58.87 15.66 2.44
CA ALA D 192 58.29 16.91 1.96
C ALA D 192 56.81 16.84 2.42
N GLY D 193 55.87 17.32 1.62
CA GLY D 193 54.42 17.12 1.95
C GLY D 193 54.08 17.89 3.21
N LEU D 194 52.93 17.59 3.82
CA LEU D 194 52.54 18.38 4.99
C LEU D 194 53.52 18.13 6.16
N LEU D 195 54.06 16.93 6.25
CA LEU D 195 54.96 16.66 7.41
C LEU D 195 56.24 17.51 7.27
N GLY D 196 56.75 17.59 6.03
CA GLY D 196 57.90 18.47 5.74
C GLY D 196 57.57 19.94 6.00
N GLY D 197 56.39 20.38 5.56
CA GLY D 197 55.97 21.75 5.80
C GLY D 197 55.92 22.09 7.26
N LEU D 198 55.40 21.18 8.09
CA LEU D 198 55.23 21.47 9.51
C LEU D 198 56.67 21.47 10.12
N ARG D 199 57.55 20.59 9.68
CA ARG D 199 58.96 20.67 10.16
C ARG D 199 59.52 22.08 9.91
N GLU D 200 59.33 22.60 8.69
CA GLU D 200 59.84 23.87 8.31
C GLU D 200 59.13 25.00 9.08
N LEU D 201 57.81 24.86 9.30
CA LEU D 201 57.07 25.91 9.98
C LEU D 201 57.59 25.98 11.44
N GLN D 202 57.77 24.83 12.09
CA GLN D 202 58.29 24.83 13.47
C GLN D 202 59.70 25.48 13.46
N LYS D 203 60.49 25.15 12.46
CA LYS D 203 61.84 25.76 12.41
C LYS D 203 61.78 27.27 12.28
N LYS D 204 60.87 27.80 11.46
CA LYS D 204 60.70 29.20 11.28
C LYS D 204 60.21 29.86 12.57
N ALA D 205 59.18 29.28 13.22
CA ALA D 205 58.68 29.79 14.50
C ALA D 205 59.81 29.84 15.50
N HIS D 206 60.59 28.77 15.60
CA HIS D 206 61.63 28.71 16.64
C HIS D 206 62.73 29.73 16.36
N ALA D 207 62.87 30.16 15.12
CA ALA D 207 63.86 31.20 14.81
C ALA D 207 63.29 32.61 14.96
N MET D 208 61.98 32.72 15.23
CA MET D 208 61.31 34.01 15.29
C MET D 208 60.67 34.18 16.65
N GLY D 209 61.18 33.54 17.67
CA GLY D 209 60.70 33.82 19.02
C GLY D 209 59.40 33.18 19.42
N HIS D 210 59.05 32.04 18.78
CA HIS D 210 57.76 31.37 19.15
C HIS D 210 57.93 29.89 19.30
N LYS D 211 57.61 29.33 20.45
CA LYS D 211 57.69 27.88 20.65
C LYS D 211 56.43 27.32 20.02
N LEU D 212 56.59 26.49 19.01
CA LEU D 212 55.45 25.86 18.30
C LEU D 212 55.54 24.36 18.58
N ASP D 213 54.59 23.85 19.35
CA ASP D 213 54.54 22.44 19.60
C ASP D 213 53.79 21.81 18.47
N LEU D 214 54.18 20.58 18.13
CA LEU D 214 53.47 19.84 17.13
C LEU D 214 52.98 18.58 17.78
N ALA D 215 51.76 18.20 17.38
CA ALA D 215 51.18 16.95 17.81
C ALA D 215 50.64 16.26 16.59
N PHE D 216 50.44 14.95 16.69
CA PHE D 216 49.77 14.24 15.61
C PHE D 216 48.55 13.53 16.17
N SER D 217 47.50 13.47 15.35
CA SER D 217 46.28 12.82 15.76
C SER D 217 46.00 11.54 14.94
N ILE D 218 45.48 10.54 15.66
CA ILE D 218 45.14 9.24 15.07
C ILE D 218 43.63 9.13 15.22
N GLY D 219 42.92 8.83 14.14
CA GLY D 219 41.47 8.62 14.23
C GLY D 219 40.66 9.77 13.67
N GLY D 220 39.88 10.43 14.55
CA GLY D 220 38.95 11.38 14.02
C GLY D 220 37.62 10.67 13.69
N TRP D 221 36.67 11.44 13.17
CA TRP D 221 35.33 10.88 12.92
C TRP D 221 35.28 9.75 11.93
N SER D 222 36.13 9.84 10.90
CA SER D 222 36.14 8.89 9.81
C SER D 222 37.05 7.69 9.95
N LEU D 223 37.93 7.72 10.94
CA LEU D 223 38.99 6.72 11.08
C LEU D 223 38.99 6.08 12.48
N SER D 224 37.80 5.98 13.09
CA SER D 224 37.66 5.51 14.48
C SER D 224 37.03 4.11 14.58
N SER D 225 36.81 3.47 13.46
CA SER D 225 35.96 2.24 13.44
C SER D 225 36.63 1.06 14.14
N TYR D 226 37.95 1.08 14.27
CA TYR D 226 38.66 -0.14 14.67
C TYR D 226 39.24 0.02 16.09
N PHE D 227 39.14 1.20 16.72
CA PHE D 227 39.74 1.40 18.06
C PHE D 227 39.18 0.41 19.09
N SER D 228 37.88 0.20 19.03
CA SER D 228 37.24 -0.72 19.98
C SER D 228 37.85 -2.14 19.86
N ALA D 229 38.12 -2.58 18.63
CA ALA D 229 38.68 -3.91 18.43
C ALA D 229 40.14 -3.97 18.91
N LEU D 230 40.97 -2.94 18.65
CA LEU D 230 42.35 -3.04 19.08
C LEU D 230 42.48 -2.94 20.58
N ALA D 231 41.65 -2.09 21.19
CA ALA D 231 41.81 -1.83 22.57
C ALA D 231 41.40 -3.08 23.37
N GLU D 232 40.56 -3.92 22.77
CA GLU D 232 40.03 -5.15 23.43
C GLU D 232 41.13 -6.21 23.48
N ASN D 233 41.96 -6.21 22.44
CA ASN D 233 42.96 -7.27 22.18
C ASN D 233 44.38 -6.84 22.61
N PRO D 234 44.89 -7.37 23.74
CA PRO D 234 46.21 -6.99 24.25
C PRO D 234 47.30 -7.02 23.17
N ASP D 235 47.23 -7.95 22.21
CA ASP D 235 48.28 -8.00 21.22
C ASP D 235 48.21 -6.82 20.23
N GLU D 236 46.99 -6.37 19.98
CA GLU D 236 46.82 -5.25 19.06
C GLU D 236 47.01 -3.93 19.73
N ARG D 237 46.74 -3.85 21.04
CA ARG D 237 47.12 -2.66 21.76
C ARG D 237 48.65 -2.44 21.73
N ARG D 238 49.38 -3.57 21.93
CA ARG D 238 50.85 -3.53 21.88
C ARG D 238 51.36 -3.02 20.52
N VAL D 239 50.79 -3.48 19.41
CA VAL D 239 51.12 -3.09 18.02
C VAL D 239 50.83 -1.61 17.86
N PHE D 240 49.67 -1.17 18.34
CA PHE D 240 49.32 0.27 18.26
C PHE D 240 50.28 1.10 19.03
N VAL D 241 50.58 0.70 20.25
CA VAL D 241 51.50 1.45 21.08
C VAL D 241 52.90 1.51 20.48
N ALA D 242 53.40 0.40 20.00
CA ALA D 242 54.76 0.46 19.42
C ALA D 242 54.75 1.33 18.13
N SER D 243 53.66 1.28 17.36
CA SER D 243 53.58 2.13 16.18
C SER D 243 53.55 3.59 16.52
N VAL D 244 52.97 3.97 17.66
CA VAL D 244 53.02 5.36 18.15
C VAL D 244 54.42 5.78 18.54
N VAL D 245 55.10 4.95 19.32
CA VAL D 245 56.50 5.21 19.63
C VAL D 245 57.33 5.37 18.34
N ASP D 246 57.11 4.47 17.38
CA ASP D 246 57.89 4.41 16.11
C ASP D 246 57.65 5.73 15.35
N PHE D 247 56.42 6.23 15.37
CA PHE D 247 56.16 7.49 14.71
C PHE D 247 56.89 8.65 15.35
N PHE D 248 56.97 8.68 16.69
CA PHE D 248 57.73 9.75 17.38
C PHE D 248 59.24 9.60 17.06
N VAL D 249 59.75 8.35 16.88
CA VAL D 249 61.17 8.17 16.49
C VAL D 249 61.42 8.68 15.08
N ARG D 250 60.49 8.37 14.17
CA ARG D 250 60.56 8.84 12.79
C ARG D 250 60.48 10.35 12.71
N PHE D 251 59.65 10.93 13.61
CA PHE D 251 59.41 12.38 13.55
C PHE D 251 59.52 13.05 14.89
N PRO D 252 60.77 13.25 15.34
CA PRO D 252 60.88 13.73 16.70
C PRO D 252 60.45 15.17 16.92
N MET D 253 60.04 15.90 15.84
CA MET D 253 59.51 17.23 15.99
C MET D 253 58.19 17.17 16.80
N PHE D 254 57.51 16.02 16.79
CA PHE D 254 56.22 15.87 17.56
C PHE D 254 56.48 15.65 19.03
N SER D 255 55.74 16.32 19.88
CA SER D 255 55.90 16.14 21.32
C SER D 255 54.64 15.59 21.98
N CYS D 256 53.59 15.41 21.19
CA CYS D 256 52.28 14.94 21.69
CA CYS D 256 52.38 14.78 21.72
C CYS D 256 51.59 14.04 20.68
N VAL D 257 50.94 13.00 21.17
CA VAL D 257 50.09 12.18 20.34
C VAL D 257 48.63 12.42 20.77
N ASP D 258 47.75 12.63 19.78
CA ASP D 258 46.30 12.87 20.10
C ASP D 258 45.52 11.62 19.66
N ILE D 259 44.92 10.90 20.62
CA ILE D 259 44.12 9.73 20.23
C ILE D 259 42.68 10.18 20.09
N ASP D 260 42.26 10.29 18.86
CA ASP D 260 40.95 10.85 18.55
C ASP D 260 39.97 9.76 18.25
N TRP D 261 39.73 8.93 19.27
CA TRP D 261 38.77 7.84 19.16
C TRP D 261 37.38 8.41 19.39
N GLU D 262 36.55 8.47 18.33
CA GLU D 262 35.25 9.16 18.45
C GLU D 262 34.21 8.06 18.21
N TYR D 263 33.69 7.39 19.26
CA TYR D 263 33.92 7.65 20.69
C TYR D 263 33.80 6.30 21.43
N PRO D 264 34.55 6.13 22.52
CA PRO D 264 34.40 4.91 23.33
C PRO D 264 32.92 4.70 23.68
N GLY D 265 32.42 3.49 23.50
CA GLY D 265 31.07 3.20 23.96
C GLY D 265 30.03 3.43 22.86
N GLY D 266 30.46 3.95 21.71
CA GLY D 266 29.52 4.26 20.59
C GLY D 266 29.22 5.74 20.43
N GLY D 267 28.23 6.09 19.61
CA GLY D 267 27.94 7.52 19.47
C GLY D 267 28.92 8.26 18.55
N GLY D 268 29.77 7.49 17.86
CA GLY D 268 30.54 8.03 16.72
C GLY D 268 29.83 7.67 15.44
N ASP D 269 30.61 7.46 14.36
CA ASP D 269 30.03 6.99 13.13
C ASP D 269 29.29 5.68 13.40
N GLU D 270 28.14 5.54 12.74
CA GLU D 270 27.32 4.32 12.80
C GLU D 270 28.03 2.95 12.57
N GLY D 271 29.01 2.92 11.67
CA GLY D 271 29.73 1.67 11.36
C GLY D 271 30.92 1.35 12.28
N ASN D 272 31.18 2.17 13.30
CA ASN D 272 32.30 1.87 14.18
C ASN D 272 32.01 0.62 14.98
N ILE D 273 33.05 -0.20 15.21
CA ILE D 273 33.03 -1.21 16.27
C ILE D 273 32.90 -0.51 17.62
N SER D 274 32.00 -1.01 18.49
CA SER D 274 31.96 -0.47 19.86
C SER D 274 31.58 -1.52 20.90
N SER D 275 31.79 -1.18 22.17
CA SER D 275 31.64 -2.12 23.29
C SER D 275 31.47 -1.35 24.56
N ASP D 276 30.73 -1.97 25.49
CA ASP D 276 30.50 -1.40 26.78
C ASP D 276 31.81 -1.51 27.57
N LYS D 277 32.74 -2.32 27.07
CA LYS D 277 34.07 -2.41 27.66
C LYS D 277 35.08 -1.36 27.08
N ASP D 278 34.66 -0.56 26.11
CA ASP D 278 35.58 0.49 25.53
C ASP D 278 36.31 1.38 26.55
N GLY D 279 35.59 1.92 27.54
CA GLY D 279 36.16 2.81 28.54
C GLY D 279 37.26 2.10 29.31
N GLU D 280 36.95 0.90 29.81
CA GLU D 280 37.91 0.11 30.59
C GLU D 280 39.13 -0.24 29.74
N ASN D 281 38.90 -0.61 28.50
CA ASN D 281 40.00 -0.97 27.61
C ASN D 281 40.88 0.27 27.24
N TYR D 282 40.23 1.41 27.17
CA TYR D 282 40.91 2.67 26.85
C TYR D 282 41.89 2.97 27.94
N VAL D 283 41.53 2.66 29.18
CA VAL D 283 42.42 2.84 30.30
C VAL D 283 43.71 1.97 30.13
N LEU D 284 43.53 0.72 29.74
CA LEU D 284 44.63 -0.23 29.48
C LEU D 284 45.53 0.36 28.39
N LEU D 285 44.89 0.95 27.39
CA LEU D 285 45.65 1.51 26.23
C LEU D 285 46.50 2.70 26.67
N ILE D 286 45.92 3.62 27.47
CA ILE D 286 46.62 4.81 27.87
C ILE D 286 47.74 4.41 28.85
N LYS D 287 47.47 3.45 29.72
CA LYS D 287 48.50 2.98 30.65
C LYS D 287 49.70 2.39 29.91
N GLU D 288 49.44 1.55 28.90
CA GLU D 288 50.48 0.92 28.11
C GLU D 288 51.25 1.97 27.31
N LEU D 289 50.52 2.93 26.79
CA LEU D 289 51.18 3.91 25.95
C LEU D 289 52.04 4.80 26.83
N ARG D 290 51.51 5.21 27.98
CA ARG D 290 52.28 6.07 28.85
C ARG D 290 53.63 5.38 29.31
N SER D 291 53.53 4.11 29.65
CA SER D 291 54.72 3.30 29.96
C SER D 291 55.72 3.25 28.80
N ALA D 292 55.24 2.89 27.60
CA ALA D 292 56.12 2.75 26.42
C ALA D 292 56.83 4.09 26.08
N LEU D 293 56.09 5.21 26.19
CA LEU D 293 56.62 6.53 25.85
C LEU D 293 57.64 6.94 26.87
N ASP D 294 57.35 6.72 28.14
CA ASP D 294 58.28 7.08 29.20
C ASP D 294 59.54 6.26 29.23
N SER D 295 59.48 4.97 28.84
CA SER D 295 60.67 4.10 28.71
C SER D 295 61.59 4.52 27.59
N ARG D 296 60.98 4.92 26.46
CA ARG D 296 61.71 5.27 25.26
CA ARG D 296 61.73 5.27 25.26
C ARG D 296 62.20 6.72 25.29
N PHE D 297 61.46 7.62 25.91
N PHE D 297 61.42 7.59 25.91
CA PHE D 297 61.81 9.04 25.85
CA PHE D 297 61.66 9.04 25.89
C PHE D 297 62.26 9.69 27.15
C PHE D 297 61.64 9.66 27.29
N GLY D 298 61.82 9.13 28.27
N GLY D 298 62.81 10.02 27.82
CA GLY D 298 62.23 9.65 29.58
CA GLY D 298 62.87 10.52 29.18
C GLY D 298 61.27 10.68 30.14
C GLY D 298 62.69 12.02 29.35
N TYR D 299 61.70 11.33 31.22
N TYR D 299 62.55 12.43 30.61
CA TYR D 299 60.98 12.47 31.76
CA TYR D 299 62.33 13.84 31.03
C TYR D 299 61.67 13.74 31.26
C TYR D 299 62.52 15.01 30.01
N SER D 300 62.81 13.54 30.58
N SER D 300 63.74 15.19 29.48
CA SER D 300 63.65 14.62 30.07
CA SER D 300 64.10 16.28 28.54
C SER D 300 63.07 15.20 28.74
C SER D 300 63.37 16.16 27.20
N ASN D 301 63.04 14.40 27.67
N ASN D 301 62.94 14.94 26.87
CA ASN D 301 62.46 14.78 26.36
CA ASN D 301 62.21 14.64 25.63
C ASN D 301 61.00 14.23 26.24
C ASN D 301 60.79 14.04 25.89
N ARG D 302 60.14 14.71 27.12
N ARG D 302 60.18 14.33 27.03
CA ARG D 302 58.88 14.01 27.44
CA ARG D 302 58.93 13.62 27.40
C ARG D 302 57.85 14.05 26.27
C ARG D 302 57.77 14.02 26.50
N MLY D 303 57.04 13.00 26.08
CA MLY D 303 55.87 13.10 25.21
CB MLY D 303 55.79 11.84 24.30
CG MLY D 303 57.12 11.60 23.52
CD MLY D 303 57.62 12.82 22.76
CE MLY D 303 58.90 12.38 22.07
NZ MLY D 303 59.46 13.51 21.32
CH1 MLY D 303 60.07 13.09 20.08
CH2 MLY D 303 59.58 14.91 21.85
C MLY D 303 54.60 13.23 26.01
O MLY D 303 54.42 12.54 27.05
N GLU D 304 53.68 14.05 25.49
CA GLU D 304 52.31 14.12 26.07
C GLU D 304 51.33 13.23 25.33
N ILE D 305 50.25 12.85 26.03
CA ILE D 305 49.14 12.09 25.41
C ILE D 305 47.89 12.90 25.58
N SER D 306 47.15 13.02 24.47
CA SER D 306 45.87 13.72 24.49
C SER D 306 44.82 12.80 23.95
N ILE D 307 43.57 12.98 24.41
CA ILE D 307 42.47 12.28 23.81
C ILE D 307 41.28 13.18 23.47
N ALA D 308 40.48 12.71 22.50
CA ALA D 308 39.21 13.36 22.09
C ALA D 308 38.16 13.02 23.14
N CYS D 309 37.36 14.00 23.57
CA CYS D 309 36.28 13.74 24.52
C CYS D 309 35.02 14.33 23.89
N SER D 310 33.97 13.54 23.84
CA SER D 310 32.66 14.03 23.37
C SER D 310 32.14 15.20 24.20
N GLY D 311 31.32 16.06 23.59
CA GLY D 311 30.73 17.19 24.30
C GLY D 311 29.38 16.80 24.88
N VAL D 312 28.99 15.55 24.67
CA VAL D 312 27.75 14.96 25.22
C VAL D 312 28.07 14.17 26.50
N M3L D 313 27.49 14.60 27.63
CA M3L D 313 27.77 13.93 28.88
CB M3L D 313 26.91 14.47 30.02
CG M3L D 313 27.27 15.86 30.44
CD M3L D 313 26.34 16.35 31.57
CE M3L D 313 24.87 16.55 31.14
NZ M3L D 313 23.87 16.71 32.26
C M3L D 313 27.60 12.45 28.84
O M3L D 313 28.45 11.73 29.35
CM1 M3L D 313 24.20 17.96 32.95
CM2 M3L D 313 23.81 15.53 33.19
CM3 M3L D 313 22.53 16.92 31.69
N ALA D 314 26.51 11.93 28.24
CA ALA D 314 26.27 10.48 28.23
C ALA D 314 27.31 9.70 27.44
N MLY D 315 27.91 10.37 26.45
CA MLY D 315 29.02 9.74 25.72
CB MLY D 315 29.22 10.42 24.37
CG MLY D 315 28.05 10.15 23.43
CD MLY D 315 28.42 10.74 22.06
CE MLY D 315 27.16 10.73 21.18
NZ MLY D 315 27.26 11.45 19.92
CH1 MLY D 315 26.12 11.31 18.97
CH2 MLY D 315 28.29 12.47 19.58
C MLY D 315 30.33 9.80 26.53
O MLY D 315 30.99 8.78 26.67
N LEU D 316 30.70 10.98 27.02
CA LEU D 316 32.01 11.13 27.69
C LEU D 316 32.07 10.24 28.98
N LYS D 317 30.90 9.97 29.61
CA LYS D 317 30.91 9.01 30.74
C LYS D 317 31.45 7.62 30.40
N LYS D 318 31.25 7.18 29.15
CA LYS D 318 31.70 5.83 28.69
C LYS D 318 33.19 5.78 28.40
N SER D 319 33.90 6.90 28.55
CA SER D 319 35.33 6.93 28.18
C SER D 319 36.20 6.83 29.44
N ASN D 320 35.57 6.68 30.61
CA ASN D 320 36.36 6.54 31.89
C ASN D 320 37.49 7.56 32.03
N ILE D 321 37.17 8.85 31.83
CA ILE D 321 38.21 9.89 31.66
C ILE D 321 38.92 10.13 32.98
N ASP D 322 38.20 9.95 34.10
CA ASP D 322 38.92 10.05 35.39
C ASP D 322 40.04 9.03 35.53
N GLN D 323 39.78 7.79 35.11
CA GLN D 323 40.76 6.72 35.10
C GLN D 323 41.89 6.98 34.10
N LEU D 324 41.54 7.50 32.93
CA LEU D 324 42.60 7.86 31.97
C LEU D 324 43.63 8.78 32.56
N VAL D 325 43.17 9.82 33.26
CA VAL D 325 43.97 10.84 33.91
C VAL D 325 44.83 10.24 35.06
N ALA D 326 44.25 9.35 35.84
CA ALA D 326 44.98 8.65 36.89
C ALA D 326 46.06 7.75 36.27
N ASN D 327 45.92 7.42 34.99
CA ASN D 327 46.91 6.55 34.34
C ASN D 327 47.80 7.22 33.34
N GLY D 328 47.89 8.54 33.43
CA GLY D 328 48.94 9.30 32.73
C GLY D 328 48.51 10.17 31.58
N LEU D 329 47.20 10.24 31.31
CA LEU D 329 46.70 11.18 30.26
C LEU D 329 47.06 12.62 30.60
N ASP D 330 47.56 13.38 29.61
CA ASP D 330 47.92 14.79 29.82
C ASP D 330 46.81 15.79 29.49
N ASN D 331 46.17 15.63 28.33
CA ASN D 331 45.19 16.61 27.92
C ASN D 331 43.90 15.97 27.45
N ILE D 332 42.82 16.70 27.62
CA ILE D 332 41.49 16.23 27.15
C ILE D 332 41.04 17.29 26.15
N TYR D 333 40.91 16.93 24.87
CA TYR D 333 40.36 17.87 23.85
C TYR D 333 38.83 17.66 23.78
N LEU D 334 38.12 18.61 24.34
CA LEU D 334 36.64 18.55 24.39
C LEU D 334 36.04 19.02 23.08
N MET D 335 35.42 18.07 22.39
CA MET D 335 35.01 18.34 21.02
C MET D 335 33.57 18.83 21.11
N SER D 336 33.45 20.02 21.72
CA SER D 336 32.19 20.69 21.99
C SER D 336 31.68 21.41 20.69
N TYR D 337 31.42 20.56 19.68
CA TYR D 337 30.84 21.04 18.39
C TYR D 337 30.04 19.91 17.79
N ASP D 338 29.34 20.24 16.69
CA ASP D 338 28.44 19.27 16.03
C ASP D 338 27.27 18.89 16.94
N PHE D 339 26.83 19.81 17.81
CA PHE D 339 25.69 19.50 18.65
C PHE D 339 24.35 19.54 17.84
N PHE D 340 24.40 20.13 16.65
CA PHE D 340 23.27 20.13 15.75
C PHE D 340 23.85 19.75 14.39
N GLY D 341 23.04 19.12 13.56
CA GLY D 341 23.45 18.94 12.17
C GLY D 341 22.22 18.45 11.40
N THR D 342 22.16 18.86 10.12
CA THR D 342 21.02 18.51 9.25
C THR D 342 20.92 16.98 9.09
N ILE D 343 19.74 16.49 8.69
CA ILE D 343 19.47 15.04 8.58
C ILE D 343 19.16 14.42 9.91
N TRP D 344 20.14 14.46 10.82
CA TRP D 344 20.00 13.67 12.02
C TRP D 344 19.30 14.36 13.18
N ALA D 345 19.39 15.69 13.28
CA ALA D 345 18.81 16.42 14.42
C ALA D 345 17.31 16.64 14.19
N ASP D 346 16.53 16.48 15.25
CA ASP D 346 15.07 16.78 15.10
C ASP D 346 14.77 18.27 15.06
N TYR D 347 15.63 19.13 15.65
CA TYR D 347 15.35 20.58 15.71
C TYR D 347 16.53 21.40 15.33
N ILE D 348 16.38 22.60 14.79
CA ILE D 348 17.60 23.43 14.66
C ILE D 348 18.10 23.84 16.06
N GLY D 349 19.39 24.18 16.16
CA GLY D 349 19.92 24.50 17.46
C GLY D 349 21.37 24.86 17.21
N HIS D 350 22.03 25.24 18.29
CA HIS D 350 23.43 25.71 18.18
C HIS D 350 24.33 24.48 18.13
N HIS D 351 25.38 24.52 17.27
CA HIS D 351 26.20 23.32 17.11
C HIS D 351 27.39 23.34 18.01
N THR D 352 27.73 24.51 18.55
CA THR D 352 29.05 24.62 19.30
C THR D 352 28.95 25.66 20.40
N ASN D 353 27.77 25.75 21.00
CA ASN D 353 27.55 26.75 22.06
C ASN D 353 28.20 26.42 23.42
N LEU D 354 28.78 27.45 24.04
CA LEU D 354 29.41 27.28 25.31
C LEU D 354 28.37 27.07 26.44
N TYR D 355 27.27 27.83 26.40
CA TYR D 355 26.39 27.85 27.56
C TYR D 355 25.04 27.17 27.31
N SER D 356 24.48 26.60 28.39
CA SER D 356 23.22 25.89 28.31
C SER D 356 22.11 26.93 28.21
N PRO D 357 21.04 26.63 27.42
CA PRO D 357 19.89 27.53 27.59
C PRO D 357 19.15 27.17 28.88
N LYS D 358 18.17 28.03 29.21
CA LYS D 358 17.26 27.77 30.32
C LYS D 358 16.55 26.42 30.16
N ASP D 359 16.45 25.64 31.23
CA ASP D 359 15.75 24.36 31.19
C ASP D 359 16.16 23.42 30.04
N PRO D 360 17.43 23.03 30.03
CA PRO D 360 18.01 22.31 28.88
C PRO D 360 17.63 20.85 28.82
N GLY D 361 17.00 20.36 29.88
CA GLY D 361 16.71 18.95 30.01
C GLY D 361 17.89 17.99 30.05
N GLU D 362 17.74 16.86 29.38
CA GLU D 362 18.72 15.78 29.56
C GLU D 362 20.03 15.95 28.79
N GLN D 363 20.01 16.85 27.81
CA GLN D 363 21.22 17.17 27.02
C GLN D 363 21.92 15.95 26.38
N GLU D 364 21.17 15.15 25.60
CA GLU D 364 21.78 14.14 24.68
C GLU D 364 21.55 14.43 23.23
N LEU D 365 20.37 14.98 22.90
CA LEU D 365 20.07 15.11 21.49
C LEU D 365 19.89 16.55 21.09
N PHE D 366 19.75 17.41 22.07
CA PHE D 366 19.47 18.84 21.75
C PHE D 366 19.68 19.63 23.06
N ASP D 367 19.82 20.96 22.91
CA ASP D 367 20.10 21.89 23.99
C ASP D 367 21.39 21.49 24.74
N LEU D 368 22.30 20.88 24.00
CA LEU D 368 23.66 20.59 24.51
C LEU D 368 24.44 21.89 24.77
N SER D 369 25.55 21.82 25.55
CA SER D 369 26.45 22.96 25.70
C SER D 369 27.82 22.47 26.14
N ALA D 370 28.88 23.22 25.78
CA ALA D 370 30.22 22.90 26.26
C ALA D 370 30.32 22.95 27.79
N GLU D 371 29.71 23.93 28.40
CA GLU D 371 29.84 24.04 29.85
C GLU D 371 29.24 22.88 30.62
N ALA D 372 28.14 22.31 30.15
CA ALA D 372 27.61 21.16 30.81
C ALA D 372 28.61 20.00 30.82
N ALA D 373 29.32 19.81 29.70
CA ALA D 373 30.37 18.77 29.70
C ALA D 373 31.58 19.12 30.58
N ILE D 374 32.04 20.36 30.52
CA ILE D 374 33.14 20.82 31.41
C ILE D 374 32.78 20.62 32.93
N ASP D 375 31.57 21.03 33.28
CA ASP D 375 31.10 20.84 34.65
C ASP D 375 31.04 19.39 35.07
N TYR D 376 30.57 18.53 34.15
CA TYR D 376 30.62 17.11 34.42
C TYR D 376 32.05 16.56 34.68
N LEU D 377 32.97 16.83 33.74
CA LEU D 377 34.35 16.45 33.88
C LEU D 377 34.96 16.97 35.20
N HIS D 378 34.75 18.26 35.52
CA HIS D 378 35.40 18.85 36.65
C HIS D 378 34.71 18.43 37.97
N ASN D 379 33.39 18.57 38.02
CA ASN D 379 32.63 18.44 39.27
C ASN D 379 32.31 17.00 39.61
N GLU D 380 31.94 16.20 38.60
CA GLU D 380 31.56 14.82 38.83
C GLU D 380 32.73 13.87 38.70
N LEU D 381 33.65 14.11 37.75
CA LEU D 381 34.80 13.22 37.60
C LEU D 381 36.07 13.72 38.25
N GLY D 382 36.09 14.96 38.75
CA GLY D 382 37.22 15.50 39.49
C GLY D 382 38.43 15.80 38.58
N ILE D 383 38.18 15.99 37.29
CA ILE D 383 39.27 16.30 36.38
C ILE D 383 39.72 17.73 36.59
N PRO D 384 41.02 17.97 36.82
CA PRO D 384 41.41 19.35 36.91
C PRO D 384 41.19 20.19 35.61
N MET D 385 40.81 21.43 35.75
CA MET D 385 40.54 22.34 34.61
C MET D 385 41.75 22.45 33.68
N GLU D 386 42.95 22.43 34.28
CA GLU D 386 44.14 22.64 33.50
C GLU D 386 44.35 21.53 32.43
N M3L D 387 43.72 20.35 32.54
CA M3L D 387 43.89 19.31 31.55
CB M3L D 387 43.68 17.92 32.20
CG M3L D 387 44.78 17.77 33.29
CD M3L D 387 45.02 16.32 33.67
CE M3L D 387 45.91 16.21 34.95
NZ M3L D 387 47.26 16.75 34.82
C M3L D 387 42.91 19.43 30.38
O M3L D 387 43.06 18.74 29.41
CM1 M3L D 387 47.92 16.26 33.61
CM2 M3L D 387 48.11 16.27 35.93
CM3 M3L D 387 47.17 18.24 34.95
N ILE D 388 41.96 20.37 30.47
CA ILE D 388 40.85 20.42 29.50
C ILE D 388 41.05 21.54 28.47
N HIS D 389 40.86 21.24 27.16
CA HIS D 389 41.03 22.20 26.13
C HIS D 389 39.64 22.27 25.42
N LEU D 390 39.15 23.50 25.27
CA LEU D 390 37.77 23.76 24.81
C LEU D 390 37.84 24.05 23.32
N GLY D 391 37.03 23.38 22.51
CA GLY D 391 37.09 23.58 21.04
C GLY D 391 36.15 24.66 20.56
N TYR D 392 36.63 25.37 19.56
CA TYR D 392 35.78 26.20 18.74
C TYR D 392 35.81 25.74 17.29
N ALA D 393 34.72 26.00 16.55
CA ALA D 393 34.56 25.40 15.16
C ALA D 393 34.75 26.47 14.18
N ASN D 394 35.53 26.21 13.13
CA ASN D 394 35.76 27.17 12.08
C ASN D 394 34.82 26.77 10.89
N TYR D 395 33.62 26.36 11.25
CA TYR D 395 32.61 26.04 10.24
C TYR D 395 31.24 26.13 10.94
N GLY D 396 30.21 26.30 10.10
CA GLY D 396 28.83 26.23 10.57
C GLY D 396 28.20 24.89 10.36
N ARG D 397 26.99 24.75 10.96
CA ARG D 397 26.11 23.63 10.64
C ARG D 397 24.82 24.29 10.29
N SER D 398 24.37 24.00 9.08
CA SER D 398 23.24 24.75 8.49
C SER D 398 22.02 23.82 8.33
N ALA D 399 20.86 24.47 8.03
CA ALA D 399 19.60 23.72 7.82
C ALA D 399 18.82 24.58 6.91
N VAL D 400 17.84 23.99 6.23
CA VAL D 400 16.97 24.79 5.36
C VAL D 400 15.54 24.52 5.87
N GLY D 401 14.66 25.48 5.62
CA GLY D 401 13.26 25.45 6.10
C GLY D 401 13.11 25.59 7.60
N GLY D 402 14.11 26.22 8.25
CA GLY D 402 14.08 26.45 9.71
C GLY D 402 13.01 27.43 10.10
N ASP D 403 12.38 27.16 11.25
CA ASP D 403 11.40 28.03 11.86
C ASP D 403 11.87 28.36 13.27
N LEU D 404 11.99 29.64 13.61
CA LEU D 404 12.66 30.03 14.87
C LEU D 404 11.72 29.96 16.11
N THR D 405 10.41 29.79 15.86
CA THR D 405 9.45 29.57 16.97
C THR D 405 9.32 28.10 17.34
N THR D 406 9.16 27.25 16.37
CA THR D 406 9.03 25.81 16.65
C THR D 406 10.35 25.02 16.75
N ARG D 407 11.38 25.64 16.14
CA ARG D 407 12.74 25.06 15.90
C ARG D 407 12.71 23.86 14.95
N GLN D 408 11.57 23.65 14.27
CA GLN D 408 11.53 22.54 13.27
C GLN D 408 12.11 23.02 11.94
N TYR D 409 12.49 22.08 11.09
CA TYR D 409 13.11 22.45 9.83
C TYR D 409 12.95 21.26 8.88
N THR D 410 13.40 21.45 7.65
CA THR D 410 13.36 20.42 6.61
C THR D 410 14.57 19.49 6.77
N M3L D 411 14.36 18.38 7.49
CA M3L D 411 15.45 17.52 7.92
CB M3L D 411 14.93 16.32 8.76
CG M3L D 411 14.40 16.87 10.12
CD M3L D 411 13.90 15.82 11.10
CE M3L D 411 14.86 14.65 11.19
NZ M3L D 411 14.47 13.50 12.01
C M3L D 411 16.21 17.01 6.73
O M3L D 411 17.46 16.94 6.82
CM1 M3L D 411 15.64 12.93 12.64
CM2 M3L D 411 13.98 12.38 11.14
CM3 M3L D 411 13.35 13.73 12.92
N ASN D 412 15.53 16.68 5.61
CA ASN D 412 16.23 16.12 4.50
C ASN D 412 16.46 17.08 3.36
N GLY D 413 16.32 18.37 3.62
CA GLY D 413 16.43 19.33 2.53
C GLY D 413 17.93 19.63 2.33
N PRO D 414 18.34 19.98 1.11
CA PRO D 414 19.75 20.37 0.79
C PRO D 414 20.12 21.64 1.58
N ALA D 415 21.09 21.49 2.49
CA ALA D 415 21.54 22.58 3.37
C ALA D 415 22.87 23.14 2.87
N LEU D 416 23.01 24.46 2.97
CA LEU D 416 24.16 25.19 2.43
C LEU D 416 25.44 24.65 3.03
N GLY D 417 26.43 24.41 2.15
CA GLY D 417 27.71 23.87 2.68
C GLY D 417 28.81 24.28 1.70
N THR D 418 30.06 24.07 2.15
CA THR D 418 31.17 24.43 1.25
C THR D 418 31.54 23.20 0.44
N MET D 419 31.96 22.14 1.15
CA MET D 419 32.34 20.90 0.50
C MET D 419 31.41 19.72 0.84
N GLU D 420 30.53 19.90 1.84
CA GLU D 420 29.67 18.84 2.35
C GLU D 420 28.34 19.48 2.68
N ASN D 421 27.26 18.71 2.48
CA ASN D 421 25.88 19.19 2.81
C ASN D 421 25.79 19.74 4.26
N GLY D 422 25.25 20.95 4.45
CA GLY D 422 25.05 21.49 5.77
C GLY D 422 26.28 21.97 6.51
N ALA D 423 27.46 22.05 5.85
CA ALA D 423 28.68 22.48 6.56
C ALA D 423 29.35 23.65 5.84
N PRO D 424 28.86 24.86 6.04
CA PRO D 424 29.54 26.00 5.40
C PRO D 424 30.77 26.38 6.25
N GLU D 425 31.94 26.40 5.65
CA GLU D 425 33.20 26.60 6.40
C GLU D 425 33.41 28.10 6.60
N PHE D 426 34.11 28.44 7.68
CA PHE D 426 34.12 29.85 8.08
C PHE D 426 34.59 30.80 6.99
N PHE D 427 35.64 30.44 6.27
CA PHE D 427 36.08 31.28 5.13
C PHE D 427 34.97 31.50 4.07
N ASP D 428 34.17 30.49 3.86
CA ASP D 428 33.06 30.57 2.89
C ASP D 428 31.90 31.42 3.48
N ILE D 429 31.73 31.35 4.80
CA ILE D 429 30.75 32.17 5.51
C ILE D 429 31.08 33.66 5.33
N VAL D 430 32.36 33.97 5.52
CA VAL D 430 32.80 35.37 5.37
C VAL D 430 32.67 35.82 3.91
N LYS D 431 32.88 34.92 2.96
CA LYS D 431 32.69 35.23 1.56
C LYS D 431 31.22 35.54 1.19
N ASN D 432 30.31 34.71 1.72
CA ASN D 432 28.92 34.65 1.21
C ASN D 432 27.81 35.10 2.16
N TYR D 433 27.97 34.91 3.47
CA TYR D 433 26.81 35.06 4.32
C TYR D 433 26.98 36.07 5.42
N MET D 434 28.25 36.39 5.75
CA MET D 434 28.50 37.23 6.90
C MET D 434 29.52 38.29 6.49
N ASP D 435 29.16 39.54 6.72
CA ASP D 435 30.05 40.64 6.33
C ASP D 435 30.81 41.04 7.55
N ALA D 436 32.12 40.98 7.47
CA ALA D 436 32.93 41.48 8.58
C ALA D 436 33.88 42.55 8.08
N GLU D 437 33.68 43.06 6.87
CA GLU D 437 34.69 43.97 6.30
C GLU D 437 34.35 45.41 6.60
N HIS D 438 33.20 45.68 7.22
CA HIS D 438 32.77 47.11 7.35
C HIS D 438 32.66 47.48 8.82
N SER D 439 33.59 47.01 9.63
CA SER D 439 33.68 47.46 11.05
C SER D 439 32.49 47.06 11.88
N LEU D 440 31.93 45.90 11.53
CA LEU D 440 30.77 45.33 12.26
C LEU D 440 30.56 43.92 11.78
N SER D 441 30.10 43.03 12.66
CA SER D 441 29.69 41.72 12.17
C SER D 441 28.21 41.80 11.87
N MET D 442 27.85 41.36 10.67
CA MET D 442 26.44 41.42 10.25
C MET D 442 26.22 40.45 9.11
N GLY D 443 24.96 40.13 8.76
CA GLY D 443 24.71 39.29 7.58
C GLY D 443 24.87 40.00 6.25
N LYS D 444 24.98 39.24 5.19
CA LYS D 444 24.86 39.78 3.89
C LYS D 444 24.07 38.79 3.02
N ASN D 445 23.77 39.19 1.79
CA ASN D 445 23.12 38.29 0.79
C ASN D 445 21.82 37.73 1.36
N GLY D 446 21.15 38.54 2.19
CA GLY D 446 19.80 38.20 2.70
C GLY D 446 19.81 37.50 4.05
N PHE D 447 21.03 37.21 4.56
CA PHE D 447 21.17 36.61 5.86
C PHE D 447 21.25 37.68 6.87
N VAL D 448 20.63 37.42 8.00
CA VAL D 448 20.71 38.33 9.13
C VAL D 448 21.47 37.67 10.24
N LEU D 449 22.45 38.37 10.85
CA LEU D 449 23.10 37.78 11.99
C LEU D 449 22.30 37.94 13.24
N MET D 450 22.05 36.84 13.94
CA MET D 450 21.23 36.85 15.18
C MET D 450 21.99 36.37 16.36
N THR D 451 21.60 36.83 17.56
CA THR D 451 22.14 36.35 18.79
C THR D 451 20.96 35.81 19.55
N ASP D 452 21.00 34.52 19.83
CA ASP D 452 20.03 33.92 20.70
C ASP D 452 20.42 34.29 22.13
N THR D 453 19.59 35.08 22.86
CA THR D 453 19.92 35.46 24.20
C THR D 453 19.65 34.38 25.26
N ASN D 454 19.09 33.24 24.88
CA ASN D 454 18.86 32.19 25.84
C ASN D 454 20.17 31.44 26.12
N ALA D 455 20.72 30.78 25.08
CA ALA D 455 22.05 30.16 25.16
C ALA D 455 23.24 31.14 25.01
N ASP D 456 22.98 32.38 24.55
CA ASP D 456 23.98 33.42 24.19
C ASP D 456 24.94 32.86 23.14
N ALA D 457 24.37 32.53 21.98
CA ALA D 457 25.20 32.03 20.92
C ALA D 457 24.62 32.59 19.62
N ASP D 458 25.44 32.57 18.56
CA ASP D 458 25.08 33.37 17.40
C ASP D 458 24.74 32.44 16.20
N PHE D 459 23.90 32.94 15.29
CA PHE D 459 23.53 32.14 14.08
C PHE D 459 23.14 33.11 12.95
N LEU D 460 23.14 32.65 11.69
CA LEU D 460 22.75 33.46 10.58
C LEU D 460 21.39 32.90 10.14
N PHE D 461 20.50 33.81 9.75
CA PHE D 461 19.19 33.36 9.30
C PHE D 461 18.70 34.12 8.06
N SER D 462 18.28 33.40 7.03
CA SER D 462 17.73 34.03 5.82
C SER D 462 16.28 33.58 5.70
N GLU D 463 15.38 34.56 5.79
CA GLU D 463 13.92 34.27 5.91
C GLU D 463 13.28 33.56 4.69
N ALA D 464 13.68 33.93 3.49
CA ALA D 464 13.00 33.44 2.24
C ALA D 464 12.90 31.91 2.19
N LYS D 465 14.01 31.22 2.44
CA LYS D 465 14.00 29.76 2.46
C LYS D 465 14.18 29.17 3.85
N GLY D 466 14.32 30.02 4.86
CA GLY D 466 14.53 29.49 6.21
C GLY D 466 15.93 28.90 6.38
N HIS D 467 16.92 29.47 5.68
CA HIS D 467 18.30 29.00 5.90
C HIS D 467 18.75 29.42 7.30
N PHE D 468 19.18 28.44 8.08
CA PHE D 468 19.72 28.61 9.41
C PHE D 468 21.18 28.12 9.44
N ILE D 469 22.11 28.94 9.94
CA ILE D 469 23.53 28.52 10.04
C ILE D 469 23.95 28.82 11.45
N SER D 470 24.15 27.78 12.25
CA SER D 470 24.81 27.88 13.57
C SER D 470 26.31 27.96 13.34
N LEU D 471 26.99 28.93 13.98
CA LEU D 471 28.44 29.10 13.73
C LEU D 471 29.05 29.70 14.98
N ASP D 472 30.40 29.58 15.05
CA ASP D 472 31.10 30.43 16.00
C ASP D 472 31.44 31.72 15.30
N THR D 473 31.25 32.83 16.00
CA THR D 473 31.51 34.12 15.47
C THR D 473 32.71 34.68 16.30
N PRO D 474 33.31 35.78 15.87
CA PRO D 474 34.38 36.42 16.67
C PRO D 474 33.86 36.63 18.13
N ARG D 475 32.61 37.10 18.25
CA ARG D 475 32.03 37.26 19.59
C ARG D 475 32.06 35.98 20.42
N THR D 476 31.64 34.86 19.84
CA THR D 476 31.52 33.65 20.69
C THR D 476 32.82 32.96 20.91
N VAL D 477 33.71 33.07 19.91
CA VAL D 477 35.07 32.53 20.12
C VAL D 477 35.77 33.38 21.21
N LYS D 478 35.66 34.71 21.14
CA LYS D 478 36.15 35.56 22.25
C LYS D 478 35.57 35.06 23.59
N GLN D 479 34.26 34.74 23.62
CA GLN D 479 33.62 34.31 24.85
C GLN D 479 34.18 33.01 25.37
N LYS D 480 34.48 32.08 24.45
CA LYS D 480 35.07 30.86 24.85
C LYS D 480 36.52 31.10 25.37
N GLY D 481 37.26 32.00 24.73
CA GLY D 481 38.57 32.31 25.25
C GLY D 481 38.50 32.92 26.66
N GLU D 482 37.54 33.80 26.89
CA GLU D 482 37.34 34.43 28.21
C GLU D 482 36.99 33.40 29.27
N TYR D 483 36.14 32.45 28.91
CA TYR D 483 35.77 31.36 29.81
C TYR D 483 36.99 30.47 30.12
N ALA D 484 37.82 30.21 29.10
CA ALA D 484 38.98 29.38 29.32
C ALA D 484 39.98 30.08 30.28
N ALA D 485 40.18 31.36 30.08
CA ALA D 485 41.09 32.15 30.99
C ALA D 485 40.56 32.24 32.42
N LYS D 486 39.27 32.54 32.54
CA LYS D 486 38.64 32.63 33.89
C LYS D 486 38.68 31.35 34.67
N ASN D 487 38.47 30.22 33.99
CA ASN D 487 38.45 28.93 34.63
C ASN D 487 39.76 28.16 34.63
N LYS D 488 40.76 28.78 34.05
CA LYS D 488 42.11 28.27 33.97
C LYS D 488 42.10 26.89 33.29
N LEU D 489 41.37 26.83 32.15
CA LEU D 489 41.49 25.65 31.32
C LEU D 489 42.90 25.54 30.72
N GLY D 490 43.24 24.35 30.26
CA GLY D 490 44.49 24.17 29.52
C GLY D 490 44.62 25.02 28.29
N GLY D 491 43.51 25.17 27.56
CA GLY D 491 43.61 25.97 26.35
C GLY D 491 42.27 25.92 25.57
N VAL D 492 42.31 26.51 24.37
CA VAL D 492 41.19 26.38 23.45
C VAL D 492 41.79 25.86 22.16
N PHE D 493 40.98 25.20 21.31
CA PHE D 493 41.58 24.72 20.09
C PHE D 493 40.59 24.97 18.97
N SER D 494 41.16 25.12 17.77
CA SER D 494 40.47 25.45 16.58
C SER D 494 40.26 24.16 15.79
N TRP D 495 39.02 23.89 15.37
CA TRP D 495 38.67 22.71 14.56
C TRP D 495 38.00 23.22 13.28
N SER D 496 38.67 23.24 12.10
CA SER D 496 40.17 23.08 12.04
C SER D 496 40.77 24.40 11.59
N GLY D 497 42.04 24.59 11.91
CA GLY D 497 42.73 25.87 11.63
C GLY D 497 42.68 26.32 10.18
N ASP D 498 42.78 25.36 9.30
CA ASP D 498 42.79 25.64 7.90
C ASP D 498 41.48 26.20 7.38
N GLN D 499 40.40 26.22 8.17
CA GLN D 499 39.14 26.81 7.69
C GLN D 499 38.92 28.26 8.15
N ASP D 500 39.88 28.83 8.91
CA ASP D 500 39.71 30.18 9.43
C ASP D 500 40.54 31.06 8.52
N CYS D 501 40.19 32.36 8.39
CA CYS D 501 41.11 33.27 7.68
C CYS D 501 42.00 34.00 8.67
N GLY D 502 41.73 33.78 9.95
CA GLY D 502 42.49 34.40 11.04
C GLY D 502 41.57 35.18 12.00
N LEU D 503 40.35 35.45 11.59
CA LEU D 503 39.47 36.29 12.45
C LEU D 503 39.16 35.52 13.72
N LEU D 504 38.94 34.19 13.61
CA LEU D 504 38.56 33.47 14.78
C LEU D 504 39.82 33.21 15.67
N ALA D 505 40.99 33.06 15.01
CA ALA D 505 42.25 32.89 15.85
C ALA D 505 42.44 34.17 16.69
N ASN D 506 42.17 35.30 16.02
CA ASN D 506 42.33 36.61 16.69
C ASN D 506 41.41 36.70 17.89
N ALA D 507 40.15 36.38 17.68
CA ALA D 507 39.18 36.43 18.74
C ALA D 507 39.55 35.53 19.91
N ALA D 508 40.06 34.31 19.64
CA ALA D 508 40.45 33.41 20.68
C ALA D 508 41.59 34.06 21.51
N ARG D 509 42.60 34.57 20.80
CA ARG D 509 43.73 35.27 21.52
C ARG D 509 43.23 36.41 22.42
N GLU D 510 42.35 37.24 21.88
CA GLU D 510 41.79 38.36 22.68
C GLU D 510 40.98 37.94 23.83
N GLY D 511 40.15 36.91 23.67
CA GLY D 511 39.45 36.34 24.80
C GLY D 511 40.34 35.69 25.83
N LEU D 512 41.31 34.91 25.40
CA LEU D 512 42.30 34.29 26.30
C LEU D 512 43.16 35.32 27.04
N GLY D 513 43.21 36.55 26.56
CA GLY D 513 43.84 37.64 27.32
C GLY D 513 45.23 37.95 26.82
N TYR D 514 45.58 37.45 25.62
CA TYR D 514 46.83 37.90 24.99
C TYR D 514 46.64 39.28 24.39
N VAL D 515 47.71 40.07 24.37
CA VAL D 515 47.72 41.44 23.86
C VAL D 515 48.52 41.60 22.57
N ALA D 516 48.04 42.49 21.73
CA ALA D 516 48.62 42.77 20.42
C ALA D 516 50.06 43.21 20.61
N ASP D 517 50.90 42.94 19.62
CA ASP D 517 52.23 43.50 19.66
C ASP D 517 52.22 45.00 19.20
N SER D 518 53.36 45.67 19.29
CA SER D 518 53.43 47.13 19.06
C SER D 518 53.25 47.59 17.57
N ASN D 519 53.49 46.68 16.62
CA ASN D 519 53.30 46.95 15.17
C ASN D 519 51.78 47.06 14.87
N GLN D 520 51.39 47.72 13.78
CA GLN D 520 49.95 47.95 13.53
C GLN D 520 49.24 46.62 13.24
N GLU D 521 48.02 46.48 13.76
CA GLU D 521 47.31 45.23 13.55
C GLU D 521 46.79 45.05 12.10
N THR D 522 46.65 43.78 11.72
CA THR D 522 46.14 43.49 10.42
C THR D 522 44.68 43.90 10.35
N ILE D 523 43.93 43.65 11.44
CA ILE D 523 42.54 44.11 11.49
C ILE D 523 42.13 44.43 12.90
N ASP D 524 41.34 45.52 13.07
CA ASP D 524 40.83 45.80 14.36
C ASP D 524 39.63 44.89 14.70
N MET D 525 39.81 44.00 15.66
CA MET D 525 38.77 43.02 15.96
C MET D 525 37.63 43.65 16.82
N GLY D 526 37.95 44.71 17.56
CA GLY D 526 36.99 45.29 18.55
C GLY D 526 35.57 45.52 17.98
N PRO D 527 35.47 46.14 16.82
CA PRO D 527 34.03 46.29 16.42
C PRO D 527 33.34 45.08 15.82
N LEU D 528 34.05 43.97 15.67
CA LEU D 528 33.45 42.74 15.14
C LEU D 528 32.82 41.83 16.21
N TYR D 529 32.89 42.22 17.50
CA TYR D 529 32.39 41.44 18.58
C TYR D 529 30.93 41.76 18.97
N ASN D 530 30.25 42.52 18.14
CA ASN D 530 28.86 42.88 18.43
C ASN D 530 27.96 41.64 18.41
N PRO D 531 26.98 41.64 19.28
CA PRO D 531 25.88 40.69 19.08
C PRO D 531 25.09 41.00 17.81
N GLY D 532 24.34 40.01 17.31
CA GLY D 532 23.48 40.37 16.22
C GLY D 532 22.13 40.79 16.78
N LYS D 533 21.14 40.71 15.90
CA LYS D 533 19.74 40.92 16.30
C LYS D 533 19.30 39.92 17.36
N GLU D 534 18.87 40.42 18.50
CA GLU D 534 18.51 39.56 19.61
C GLU D 534 17.20 38.81 19.39
N ILE D 535 17.17 37.55 19.80
CA ILE D 535 16.00 36.73 19.73
C ILE D 535 16.18 35.75 20.87
N TYR D 536 15.08 35.31 21.47
CA TYR D 536 15.11 34.25 22.47
C TYR D 536 14.68 32.91 21.83
N LEU D 537 15.66 32.05 21.61
CA LEU D 537 15.35 30.67 21.19
C LEU D 537 14.98 29.79 22.38
N LYS D 538 13.69 29.40 22.42
CA LYS D 538 13.23 28.56 23.52
C LYS D 538 13.92 27.24 23.51
N SER D 539 14.27 26.73 24.67
CA SER D 539 14.73 25.37 24.69
C SER D 539 13.59 24.45 24.30
N ILE D 540 13.94 23.21 23.95
CA ILE D 540 12.90 22.23 23.53
C ILE D 540 11.94 22.03 24.73
N SER D 541 12.51 21.89 25.92
CA SER D 541 11.68 21.83 27.11
C SER D 541 10.64 22.94 27.23
N GLU D 542 11.02 24.18 26.96
CA GLU D 542 10.14 25.32 27.05
C GLU D 542 9.14 25.23 25.95
N ILE D 543 9.55 24.76 24.77
CA ILE D 543 8.62 24.68 23.67
C ILE D 543 7.54 23.65 24.01
N LYS D 544 7.95 22.52 24.53
CA LYS D 544 7.04 21.41 24.79
C LYS D 544 6.12 21.63 26.00
N SER D 545 6.41 22.59 26.85
CA SER D 545 5.60 22.70 28.09
C SER D 545 4.48 23.73 28.00
C1 GOL E . -37.08 -15.68 -11.68
O1 GOL E . -38.38 -16.16 -11.96
C2 GOL E . -36.01 -16.10 -12.66
O2 GOL E . -34.75 -15.65 -12.16
C3 GOL E . -35.97 -17.63 -12.83
O3 GOL E . -35.37 -17.96 -14.08
C1 GOL F . -4.18 -5.92 15.00
O1 GOL F . -5.12 -4.90 14.72
C2 GOL F . -3.12 -5.38 15.95
O2 GOL F . -2.89 -4.00 15.81
C3 GOL F . -1.84 -6.20 15.96
O3 GOL F . -0.86 -5.48 16.66
C1 GOL G . 29.14 14.80 13.37
O1 GOL G . 27.72 14.69 13.40
C2 GOL G . 29.64 14.33 12.02
O2 GOL G . 28.86 14.91 10.99
C3 GOL G . 31.08 14.79 11.95
O3 GOL G . 31.45 14.93 10.59
C1 GOL H . 33.42 19.48 9.79
O1 GOL H . 33.41 18.44 8.85
C2 GOL H . 34.28 20.55 9.14
O2 GOL H . 33.91 20.61 7.76
C3 GOL H . 35.74 20.14 9.41
O3 GOL H . 36.40 20.87 10.50
#